data_5CVU
#
_entry.id   5CVU
#
_cell.length_a   66.540
_cell.length_b   151.630
_cell.length_c   68.390
_cell.angle_alpha   90.00
_cell.angle_beta   92.55
_cell.angle_gamma   90.00
#
_symmetry.space_group_name_H-M   'P 1 21 1'
#
loop_
_entity.id
_entity.type
_entity.pdbx_description
1 polymer '(Iso)eugenol O-methyltransferase'
2 non-polymer 4-[(1E)-3-hydroxyprop-1-en-1-yl]-2,6-dimethoxyphenol
3 non-polymer S-ADENOSYL-L-HOMOCYSTEINE
4 non-polymer 'NITRATE ION'
5 water water
#
_entity_poly.entity_id   1
_entity_poly.type   'polypeptide(L)'
_entity_poly.pdbx_seq_one_letter_code
;MGSTGNAEIQIIPTHSSDEEANLFAMQLASAAVLPMALKAAIELDVLEIMAKSVPPSGYISPAEIAAQLPTTNPEAPVML
DRVLRLLASYSVVTYTLRELPSGKVERLYGLAPVCKFLTKNEDGVSLAPFLLLATDKVLLEPWFYLKDAILEGGIPFNKA
YGMNIWDYFGTDHRINKVFNKGMSSNSTITMKKILEMYNGFEGLTTIVDVGGGTGAVASMIVAKYPSINAINFDLPHVIQ
DAPAFSGVEHLGGDMFDGVPKGDAIFIKWICHDWSDEHCLKLLKNCYAALPDHGKVIVAEYILPPSPDPSIATKVVIHTD
ALMLAYNPGGKERTEKEFQALAMASGFRGFKVASCAFNTYVMEFLKTA
;
_entity_poly.pdbx_strand_id   A,B,C,D
#
loop_
_chem_comp.id
_chem_comp.type
_chem_comp.name
_chem_comp.formula
55B non-polymer 4-[(1E)-3-hydroxyprop-1-en-1-yl]-2,6-dimethoxyphenol 'C11 H14 O4'
NO3 non-polymer 'NITRATE ION' 'N O3 -1'
SAH non-polymer S-ADENOSYL-L-HOMOCYSTEINE 'C14 H20 N6 O5 S'
#
# COMPACT_ATOMS: atom_id res chain seq x y z
N HIS A 15 -10.01 23.87 5.46
CA HIS A 15 -10.89 23.27 6.51
C HIS A 15 -10.07 23.00 7.81
N SER A 16 -10.61 22.11 8.66
CA SER A 16 -9.78 21.41 9.59
C SER A 16 -8.85 20.59 8.68
N SER A 17 -9.32 20.34 7.45
CA SER A 17 -8.52 19.73 6.41
C SER A 17 -7.23 20.50 6.04
N ASP A 18 -7.36 21.80 5.78
CA ASP A 18 -6.17 22.65 5.53
C ASP A 18 -5.28 22.68 6.78
N GLU A 19 -5.88 22.76 7.98
CA GLU A 19 -5.12 22.78 9.24
C GLU A 19 -4.29 21.52 9.36
N GLU A 20 -4.89 20.36 9.06
CA GLU A 20 -4.15 19.11 9.18
C GLU A 20 -2.99 19.06 8.17
N ALA A 21 -3.23 19.49 6.95
CA ALA A 21 -2.16 19.46 5.92
C ALA A 21 -1.01 20.40 6.33
N ASN A 22 -1.34 21.60 6.80
CA ASN A 22 -0.29 22.52 7.21
C ASN A 22 0.56 21.87 8.35
N LEU A 23 -0.13 21.35 9.35
CA LEU A 23 0.57 20.76 10.54
C LEU A 23 1.42 19.54 10.15
N PHE A 24 0.94 18.71 9.19
CA PHE A 24 1.80 17.64 8.72
C PHE A 24 3.06 18.16 7.98
N ALA A 25 2.89 19.24 7.22
CA ALA A 25 4.03 19.87 6.54
C ALA A 25 5.03 20.40 7.56
N MET A 26 4.53 20.98 8.64
CA MET A 26 5.48 21.42 9.71
C MET A 26 6.16 20.25 10.40
N GLN A 27 5.43 19.15 10.61
CA GLN A 27 6.01 17.96 11.24
C GLN A 27 7.14 17.43 10.36
N LEU A 28 6.88 17.39 9.04
CA LEU A 28 7.90 16.87 8.10
C LEU A 28 9.15 17.75 8.12
N ALA A 29 8.93 19.07 8.17
CA ALA A 29 10.04 20.04 8.06
C ALA A 29 11.04 19.82 9.19
N SER A 30 10.50 19.52 10.40
CA SER A 30 11.38 19.36 11.56
C SER A 30 11.60 17.88 11.94
N ALA A 31 11.35 16.94 11.02
CA ALA A 31 11.37 15.52 11.37
C ALA A 31 12.73 14.99 11.86
N ALA A 32 13.84 15.72 11.57
CA ALA A 32 15.08 15.18 12.07
C ALA A 32 15.29 15.41 13.56
N VAL A 33 14.37 16.16 14.19
CA VAL A 33 14.54 16.29 15.68
C VAL A 33 14.43 14.94 16.38
N LEU A 34 13.65 14.01 15.81
CA LEU A 34 13.43 12.76 16.52
C LEU A 34 14.68 11.85 16.57
N PRO A 35 15.31 11.49 15.41
CA PRO A 35 16.49 10.66 15.52
C PRO A 35 17.66 11.36 16.23
N MET A 36 17.70 12.70 16.13
CA MET A 36 18.85 13.36 16.83
C MET A 36 18.63 13.48 18.32
N ALA A 37 17.40 13.63 18.74
CA ALA A 37 17.12 13.61 20.19
C ALA A 37 17.42 12.23 20.73
N LEU A 38 16.97 11.21 19.97
CA LEU A 38 17.17 9.86 20.42
C LEU A 38 18.69 9.61 20.51
N LYS A 39 19.44 10.04 19.51
CA LYS A 39 20.93 9.87 19.55
C LYS A 39 21.55 10.44 20.81
N ALA A 40 21.07 11.64 21.16
CA ALA A 40 21.62 12.29 22.39
C ALA A 40 21.23 11.45 23.57
N ALA A 41 19.97 10.99 23.67
CA ALA A 41 19.55 10.14 24.82
C ALA A 41 20.43 8.87 24.91
N ILE A 42 20.74 8.23 23.79
CA ILE A 42 21.57 7.02 23.81
C ILE A 42 22.98 7.44 24.22
N GLU A 43 23.52 8.53 23.68
CA GLU A 43 24.95 8.93 23.99
C GLU A 43 25.09 9.30 25.49
N LEU A 44 24.03 9.77 26.10
CA LEU A 44 24.04 10.12 27.55
C LEU A 44 23.77 8.90 28.44
N ASP A 45 23.48 7.73 27.85
CA ASP A 45 23.19 6.53 28.60
C ASP A 45 21.78 6.59 29.28
N VAL A 46 20.89 7.48 28.79
CA VAL A 46 19.56 7.65 29.46
C VAL A 46 18.77 6.34 29.44
N LEU A 47 18.74 5.65 28.31
CA LEU A 47 17.86 4.53 28.23
C LEU A 47 18.44 3.42 29.13
N GLU A 48 19.78 3.29 29.14
CA GLU A 48 20.37 2.29 30.11
C GLU A 48 20.11 2.63 31.57
N ILE A 49 20.21 3.93 31.87
CA ILE A 49 19.96 4.34 33.29
C ILE A 49 18.52 4.01 33.65
N MET A 50 17.57 4.23 32.70
CA MET A 50 16.16 3.92 32.97
C MET A 50 16.05 2.43 33.14
N ALA A 51 16.70 1.65 32.30
CA ALA A 51 16.48 0.16 32.34
C ALA A 51 17.00 -0.45 33.65
N LYS A 52 18.04 0.16 34.26
CA LYS A 52 18.65 -0.43 35.46
C LYS A 52 18.06 0.22 36.71
N SER A 53 17.29 1.32 36.60
CA SER A 53 16.98 2.03 37.86
C SER A 53 15.59 1.76 38.36
N VAL A 54 14.73 1.27 37.47
CA VAL A 54 13.32 0.95 37.91
C VAL A 54 12.90 -0.36 37.23
N PRO A 55 11.94 -1.01 37.83
CA PRO A 55 11.47 -2.29 37.30
C PRO A 55 10.96 -2.10 35.87
N PRO A 56 10.83 -3.20 35.11
CA PRO A 56 10.39 -3.15 33.73
C PRO A 56 9.10 -2.37 33.52
N SER A 57 8.17 -2.39 34.48
CA SER A 57 6.90 -1.67 34.30
C SER A 57 6.90 -0.34 35.07
N GLY A 58 8.04 0.10 35.63
CA GLY A 58 8.02 1.36 36.40
C GLY A 58 8.41 2.62 35.60
N TYR A 59 8.42 3.74 36.33
CA TYR A 59 8.74 5.01 35.70
C TYR A 59 9.70 5.74 36.58
N ILE A 60 10.46 6.62 35.94
CA ILE A 60 11.50 7.42 36.64
C ILE A 60 11.42 8.89 36.22
N SER A 61 11.73 9.80 37.17
CA SER A 61 11.69 11.28 36.76
C SER A 61 12.95 11.69 36.03
N PRO A 62 12.87 12.74 35.26
CA PRO A 62 14.09 13.25 34.65
C PRO A 62 15.16 13.69 35.70
N ALA A 63 14.71 14.17 36.86
CA ALA A 63 15.74 14.56 37.86
C ALA A 63 16.46 13.31 38.37
N GLU A 64 15.78 12.15 38.52
CA GLU A 64 16.42 10.98 39.03
C GLU A 64 17.35 10.39 37.98
N ILE A 65 16.99 10.54 36.70
CA ILE A 65 17.95 10.15 35.66
C ILE A 65 19.16 11.04 35.68
N ALA A 66 18.94 12.34 35.73
CA ALA A 66 20.06 13.28 35.65
C ALA A 66 21.01 13.10 36.85
N ALA A 67 20.48 12.66 37.99
CA ALA A 67 21.32 12.45 39.17
C ALA A 67 22.36 11.36 38.93
N GLN A 68 22.17 10.51 37.94
CA GLN A 68 23.16 9.49 37.56
C GLN A 68 24.06 9.91 36.39
N LEU A 69 23.94 11.16 35.94
CA LEU A 69 24.88 11.66 34.89
C LEU A 69 25.95 12.43 35.61
N PRO A 70 27.12 12.53 34.98
CA PRO A 70 28.21 13.24 35.64
C PRO A 70 28.09 14.76 35.37
N THR A 71 27.06 15.38 35.91
CA THR A 71 26.76 16.78 35.62
C THR A 71 26.36 17.50 36.89
N THR A 72 26.70 18.78 36.93
CA THR A 72 26.16 19.67 37.96
C THR A 72 25.27 20.73 37.28
N ASN A 73 24.94 20.56 35.98
CA ASN A 73 24.16 21.57 35.30
C ASN A 73 22.74 21.60 35.97
N PRO A 74 22.34 22.73 36.60
CA PRO A 74 20.99 22.78 37.24
C PRO A 74 19.88 22.56 36.22
N GLU A 75 20.14 22.79 34.91
CA GLU A 75 19.12 22.60 33.90
C GLU A 75 19.10 21.20 33.34
N ALA A 76 19.97 20.30 33.82
CA ALA A 76 19.97 18.97 33.19
C ALA A 76 18.60 18.26 33.31
N PRO A 77 17.91 18.31 34.47
CA PRO A 77 16.59 17.65 34.59
C PRO A 77 15.61 18.18 33.58
N VAL A 78 15.47 19.48 33.44
CA VAL A 78 14.45 20.00 32.50
C VAL A 78 14.83 19.74 31.03
N MET A 79 16.14 19.77 30.73
CA MET A 79 16.51 19.56 29.34
C MET A 79 16.24 18.07 29.01
N LEU A 80 16.55 17.16 29.92
CA LEU A 80 16.17 15.74 29.69
C LEU A 80 14.66 15.61 29.60
N ASP A 81 13.88 16.24 30.50
CA ASP A 81 12.44 16.16 30.33
C ASP A 81 12.01 16.51 28.92
N ARG A 82 12.63 17.57 28.35
CA ARG A 82 12.17 18.06 27.02
C ARG A 82 12.48 17.00 25.99
N VAL A 83 13.66 16.41 26.09
CA VAL A 83 14.01 15.36 25.12
C VAL A 83 13.14 14.10 25.29
N LEU A 84 12.95 13.69 26.54
CA LEU A 84 12.06 12.53 26.82
C LEU A 84 10.61 12.77 26.42
N ARG A 85 10.11 14.00 26.55
CA ARG A 85 8.73 14.28 26.09
C ARG A 85 8.60 14.09 24.58
N LEU A 86 9.64 14.46 23.81
CA LEU A 86 9.58 14.26 22.36
C LEU A 86 9.60 12.75 22.14
N LEU A 87 10.48 12.02 22.82
CA LEU A 87 10.52 10.53 22.61
C LEU A 87 9.18 9.89 23.06
N ALA A 88 8.56 10.42 24.14
CA ALA A 88 7.25 9.92 24.58
C ALA A 88 6.11 10.11 23.56
N SER A 89 6.15 11.21 22.84
CA SER A 89 5.11 11.52 21.86
C SER A 89 5.12 10.51 20.74
N TYR A 90 6.30 9.94 20.46
CA TYR A 90 6.42 8.88 19.43
C TYR A 90 6.42 7.50 20.01
N SER A 91 6.12 7.37 21.32
CA SER A 91 6.12 6.07 21.98
C SER A 91 7.44 5.36 21.98
N VAL A 92 8.53 6.12 21.98
CA VAL A 92 9.84 5.51 22.13
C VAL A 92 10.08 5.22 23.59
N VAL A 93 9.50 6.07 24.45
CA VAL A 93 9.48 5.76 25.96
C VAL A 93 8.01 5.90 26.35
N THR A 94 7.70 5.28 27.49
CA THR A 94 6.34 5.46 28.08
C THR A 94 6.34 6.64 29.03
N TYR A 95 5.14 7.13 29.42
CA TYR A 95 5.17 8.21 30.45
C TYR A 95 3.92 8.08 31.32
N THR A 96 4.09 8.70 32.46
CA THR A 96 2.90 8.86 33.39
C THR A 96 2.96 10.32 33.89
N LEU A 97 1.82 10.87 34.29
CA LEU A 97 1.84 12.23 34.76
C LEU A 97 1.72 12.28 36.26
N ARG A 98 2.40 13.27 36.85
CA ARG A 98 2.31 13.47 38.34
C ARG A 98 2.08 14.95 38.61
N GLU A 99 0.95 15.28 39.27
CA GLU A 99 0.65 16.65 39.49
C GLU A 99 1.55 17.25 40.61
N LEU A 100 1.85 18.51 40.44
CA LEU A 100 2.73 19.27 41.30
C LEU A 100 1.79 20.15 42.17
N PRO A 101 2.30 20.63 43.34
CA PRO A 101 1.47 21.44 44.26
C PRO A 101 0.96 22.70 43.57
N SER A 102 1.71 23.19 42.59
CA SER A 102 1.34 24.41 41.81
C SER A 102 0.16 24.17 40.86
N GLY A 103 -0.20 22.91 40.60
CA GLY A 103 -1.22 22.55 39.58
C GLY A 103 -0.58 22.23 38.23
N LYS A 104 0.71 22.57 38.06
CA LYS A 104 1.48 22.11 36.90
C LYS A 104 1.63 20.59 37.03
N VAL A 105 1.90 19.94 35.92
CA VAL A 105 2.03 18.53 35.93
C VAL A 105 3.48 18.21 35.42
N GLU A 106 4.11 17.20 36.00
CA GLU A 106 5.41 16.76 35.42
C GLU A 106 5.21 15.34 34.93
N ARG A 107 6.22 14.84 34.24
CA ARG A 107 6.16 13.55 33.60
C ARG A 107 7.24 12.66 34.14
N LEU A 108 6.91 11.39 34.34
CA LEU A 108 7.90 10.35 34.73
C LEU A 108 7.89 9.40 33.51
N TYR A 109 9.05 8.80 33.20
CA TYR A 109 9.16 8.06 31.95
C TYR A 109 9.64 6.65 32.20
N GLY A 110 9.21 5.72 31.32
CA GLY A 110 9.57 4.33 31.39
C GLY A 110 9.96 3.78 30.04
N LEU A 111 10.23 2.46 30.00
CA LEU A 111 10.71 1.90 28.76
C LEU A 111 9.54 1.34 27.97
N ALA A 112 9.50 1.69 26.69
CA ALA A 112 8.50 1.08 25.73
C ALA A 112 9.18 -0.10 25.08
N PRO A 113 8.45 -0.91 24.33
CA PRO A 113 9.00 -2.19 23.80
C PRO A 113 10.18 -1.95 22.90
N VAL A 114 10.18 -0.83 22.18
CA VAL A 114 11.35 -0.58 21.25
C VAL A 114 12.66 -0.41 22.11
N CYS A 115 12.58 -0.04 23.39
CA CYS A 115 13.78 0.16 24.19
C CYS A 115 14.49 -1.18 24.43
N LYS A 116 13.80 -2.31 24.28
CA LYS A 116 14.47 -3.63 24.39
C LYS A 116 15.57 -3.70 23.33
N PHE A 117 15.35 -3.12 22.17
CA PHE A 117 16.38 -3.15 21.10
C PHE A 117 17.30 -1.99 21.08
N LEU A 118 17.09 -1.01 21.98
CA LEU A 118 17.95 0.17 22.10
C LEU A 118 18.79 0.14 23.40
N THR A 119 18.70 -0.95 24.15
CA THR A 119 19.57 -1.14 25.33
C THR A 119 20.14 -2.55 25.29
N LYS A 120 21.23 -2.76 25.98
CA LYS A 120 21.90 -4.08 25.84
C LYS A 120 21.01 -5.23 26.32
N ASN A 121 21.02 -6.35 25.59
CA ASN A 121 20.23 -7.50 25.92
C ASN A 121 21.07 -8.48 26.77
N GLU A 122 20.58 -9.72 26.91
CA GLU A 122 21.23 -10.63 27.88
C GLU A 122 22.67 -10.87 27.42
N ASP A 123 22.91 -10.80 26.11
CA ASP A 123 24.22 -11.00 25.55
C ASP A 123 25.03 -9.73 25.40
N GLY A 124 24.49 -8.59 25.84
CA GLY A 124 25.22 -7.32 25.83
C GLY A 124 25.20 -6.60 24.45
N VAL A 125 24.18 -6.92 23.63
CA VAL A 125 24.09 -6.24 22.35
C VAL A 125 22.71 -5.53 22.20
N SER A 126 22.72 -4.53 21.36
CA SER A 126 21.49 -3.82 20.90
C SER A 126 21.70 -3.16 19.60
N LEU A 127 20.67 -2.47 19.15
CA LEU A 127 20.75 -1.67 17.91
C LEU A 127 21.25 -0.22 18.17
N ALA A 128 21.54 0.12 19.43
CA ALA A 128 22.02 1.47 19.69
C ALA A 128 23.27 1.80 18.87
N PRO A 129 24.24 0.85 18.71
CA PRO A 129 25.42 1.30 17.89
C PRO A 129 25.04 1.52 16.44
N PHE A 130 24.00 0.78 15.99
CA PHE A 130 23.52 1.02 14.66
C PHE A 130 22.89 2.41 14.48
N LEU A 131 22.15 2.86 15.48
CA LEU A 131 21.57 4.21 15.45
C LEU A 131 22.70 5.24 15.51
N LEU A 132 23.74 4.98 16.34
CA LEU A 132 24.85 5.93 16.41
C LEU A 132 25.59 6.01 15.04
N LEU A 133 25.64 4.91 14.31
CA LEU A 133 26.22 4.93 12.97
C LEU A 133 25.34 5.73 12.05
N ALA A 134 24.01 5.41 12.05
CA ALA A 134 23.11 6.07 11.09
C ALA A 134 22.98 7.58 11.27
N THR A 135 23.15 8.06 12.51
CA THR A 135 23.05 9.49 12.77
C THR A 135 24.43 10.16 12.92
N ASP A 136 25.51 9.51 12.42
CA ASP A 136 26.78 10.11 12.53
C ASP A 136 26.94 11.23 11.52
N LYS A 137 27.67 12.29 11.91
CA LYS A 137 27.89 13.42 11.00
C LYS A 137 28.45 12.98 9.65
N VAL A 138 29.27 11.95 9.69
CA VAL A 138 29.86 11.48 8.43
C VAL A 138 28.82 10.96 7.48
N LEU A 139 27.77 10.26 7.98
CA LEU A 139 26.77 9.69 7.06
C LEU A 139 25.65 10.66 6.79
N LEU A 140 25.59 11.74 7.57
CA LEU A 140 24.59 12.79 7.24
C LEU A 140 25.05 13.69 6.09
N GLU A 141 26.36 13.94 5.96
CA GLU A 141 26.83 14.85 4.94
C GLU A 141 26.49 14.55 3.47
N PRO A 142 26.49 13.27 3.07
CA PRO A 142 26.15 12.96 1.67
C PRO A 142 24.76 13.48 1.27
N TRP A 143 23.84 13.58 2.25
CA TRP A 143 22.47 14.08 1.93
C TRP A 143 22.47 15.47 1.30
N PHE A 144 23.51 16.25 1.57
CA PHE A 144 23.54 17.60 0.98
C PHE A 144 23.95 17.61 -0.46
N TYR A 145 24.32 16.44 -1.00
CA TYR A 145 24.76 16.31 -2.37
C TYR A 145 23.82 15.45 -3.17
N LEU A 146 22.63 15.12 -2.63
CA LEU A 146 21.66 14.29 -3.41
C LEU A 146 21.10 15.04 -4.63
N LYS A 147 20.71 16.30 -4.48
CA LYS A 147 20.24 17.07 -5.63
C LYS A 147 21.32 17.10 -6.73
N ASP A 148 22.60 17.34 -6.38
CA ASP A 148 23.73 17.30 -7.35
C ASP A 148 23.89 16.00 -8.05
N ALA A 149 23.84 14.88 -7.30
CA ALA A 149 23.98 13.59 -7.92
C ALA A 149 22.83 13.34 -8.89
N ILE A 150 21.60 13.72 -8.54
CA ILE A 150 20.49 13.50 -9.47
C ILE A 150 20.69 14.33 -10.76
N LEU A 151 21.14 15.58 -10.60
CA LEU A 151 21.32 16.44 -11.82
C LEU A 151 22.55 16.10 -12.63
N GLU A 152 23.63 15.80 -11.95
CA GLU A 152 24.96 15.73 -12.58
C GLU A 152 25.46 14.32 -12.79
N GLY A 153 24.83 13.32 -12.17
CA GLY A 153 25.31 11.93 -12.16
C GLY A 153 26.23 11.75 -10.97
N GLY A 154 26.50 10.51 -10.58
CA GLY A 154 27.44 10.28 -9.48
C GLY A 154 26.72 9.89 -8.19
N ILE A 155 27.48 9.78 -7.13
CA ILE A 155 27.00 9.18 -5.94
C ILE A 155 27.16 10.25 -4.87
N PRO A 156 26.07 10.55 -4.12
CA PRO A 156 26.24 11.63 -3.19
C PRO A 156 27.41 11.52 -2.20
N PHE A 157 27.65 10.32 -1.66
CA PHE A 157 28.80 10.13 -0.80
C PHE A 157 30.13 10.53 -1.45
N ASN A 158 30.35 10.06 -2.68
CA ASN A 158 31.60 10.38 -3.40
C ASN A 158 31.72 11.87 -3.69
N LYS A 159 30.59 12.54 -3.88
CA LYS A 159 30.64 13.97 -4.08
C LYS A 159 31.09 14.64 -2.83
N ALA A 160 30.64 14.16 -1.64
CA ALA A 160 31.11 14.73 -0.37
C ALA A 160 32.54 14.42 0.04
N TYR A 161 33.06 13.25 -0.35
CA TYR A 161 34.31 12.69 0.26
C TYR A 161 35.44 12.43 -0.74
N GLY A 162 35.09 12.46 -1.99
CA GLY A 162 36.06 12.24 -3.14
C GLY A 162 36.54 10.81 -3.34
N MET A 163 35.83 9.87 -2.77
CA MET A 163 36.12 8.47 -2.93
C MET A 163 34.91 7.66 -2.51
N ASN A 164 34.94 6.38 -2.82
CA ASN A 164 33.80 5.53 -2.41
C ASN A 164 33.83 5.23 -0.90
N ILE A 165 32.67 4.87 -0.37
CA ILE A 165 32.56 4.76 1.05
C ILE A 165 33.54 3.82 1.71
N TRP A 166 33.84 2.67 1.02
CA TRP A 166 34.71 1.69 1.68
C TRP A 166 36.18 2.20 1.70
N ASP A 167 36.57 2.88 0.64
CA ASP A 167 37.86 3.54 0.64
C ASP A 167 37.95 4.60 1.70
N TYR A 168 36.81 5.30 1.94
CA TYR A 168 36.82 6.29 2.95
C TYR A 168 36.98 5.73 4.34
N PHE A 169 36.34 4.59 4.60
CA PHE A 169 36.41 3.98 5.89
C PHE A 169 37.85 3.47 6.17
N GLY A 170 38.58 3.25 5.09
CA GLY A 170 39.98 2.79 5.21
C GLY A 170 40.89 3.98 5.57
N THR A 171 40.34 5.19 5.54
CA THR A 171 41.13 6.46 5.84
C THR A 171 40.71 7.12 7.12
N ASP A 172 39.54 6.76 7.70
CA ASP A 172 38.96 7.44 8.85
C ASP A 172 38.70 6.34 9.86
N HIS A 173 39.63 6.18 10.80
CA HIS A 173 39.62 5.10 11.70
C HIS A 173 38.34 5.15 12.67
N ARG A 174 37.94 6.38 13.03
CA ARG A 174 36.79 6.54 13.96
C ARG A 174 35.53 6.01 13.28
N ILE A 175 35.30 6.44 12.05
CA ILE A 175 34.00 6.03 11.42
C ILE A 175 34.10 4.55 11.06
N ASN A 176 35.32 4.03 10.71
CA ASN A 176 35.43 2.56 10.46
C ASN A 176 34.95 1.77 11.66
N LYS A 177 35.35 2.13 12.89
CA LYS A 177 34.98 1.40 14.07
C LYS A 177 33.48 1.58 14.34
N VAL A 178 32.97 2.81 14.16
CA VAL A 178 31.52 3.07 14.36
C VAL A 178 30.74 2.18 13.38
N PHE A 179 31.14 2.19 12.11
CA PHE A 179 30.41 1.35 11.15
C PHE A 179 30.50 -0.13 11.50
N ASN A 180 31.72 -0.64 11.65
CA ASN A 180 31.81 -2.04 11.95
C ASN A 180 31.03 -2.51 13.17
N LYS A 181 31.01 -1.70 14.22
CA LYS A 181 30.28 -2.04 15.44
C LYS A 181 28.74 -1.94 15.21
N GLY A 182 28.33 -0.94 14.44
CA GLY A 182 26.91 -0.78 14.05
C GLY A 182 26.38 -2.05 13.36
N MET A 183 27.18 -2.48 12.39
CA MET A 183 26.80 -3.70 11.61
C MET A 183 26.90 -4.95 12.48
N SER A 184 27.94 -5.07 13.32
CA SER A 184 28.12 -6.27 14.12
C SER A 184 26.97 -6.46 15.10
N SER A 185 26.57 -5.37 15.71
CA SER A 185 25.48 -5.44 16.72
C SER A 185 24.12 -5.74 16.07
N ASN A 186 23.85 -5.12 14.93
CA ASN A 186 22.61 -5.36 14.23
C ASN A 186 22.59 -6.81 13.73
N SER A 187 23.73 -7.24 13.14
CA SER A 187 23.76 -8.65 12.67
C SER A 187 23.70 -9.70 13.74
N THR A 188 24.25 -9.45 14.91
CA THR A 188 24.18 -10.38 16.03
C THR A 188 22.71 -10.61 16.37
N ILE A 189 21.98 -9.52 16.54
CA ILE A 189 20.52 -9.67 16.86
C ILE A 189 19.71 -10.43 15.79
N THR A 190 19.97 -10.12 14.53
CA THR A 190 19.21 -10.79 13.44
C THR A 190 19.68 -12.24 13.34
N MET A 191 21.01 -12.46 13.36
CA MET A 191 21.45 -13.86 13.18
C MET A 191 21.13 -14.76 14.32
N LYS A 192 21.00 -14.22 15.55
CA LYS A 192 20.59 -15.04 16.69
C LYS A 192 19.21 -15.62 16.33
N LYS A 193 18.31 -14.76 15.86
CA LYS A 193 16.95 -15.28 15.47
C LYS A 193 17.00 -16.22 14.28
N ILE A 194 17.80 -15.91 13.26
CA ILE A 194 17.82 -16.80 12.08
C ILE A 194 18.36 -18.14 12.46
N LEU A 195 19.34 -18.18 13.35
CA LEU A 195 19.95 -19.49 13.71
C LEU A 195 19.04 -20.40 14.54
N GLU A 196 18.00 -19.81 15.14
CA GLU A 196 17.01 -20.63 15.83
C GLU A 196 16.07 -21.36 14.85
N MET A 197 15.94 -20.87 13.63
CA MET A 197 14.96 -21.33 12.64
C MET A 197 15.60 -21.97 11.41
N TYR A 198 16.80 -21.58 11.06
CA TYR A 198 17.32 -21.90 9.68
C TYR A 198 18.35 -22.98 9.90
N ASN A 199 18.24 -24.07 9.14
CA ASN A 199 19.12 -25.22 9.36
C ASN A 199 20.11 -25.39 8.23
N GLY A 200 20.26 -24.40 7.36
CA GLY A 200 21.09 -24.53 6.13
C GLY A 200 22.57 -24.56 6.35
N PHE A 201 23.08 -24.25 7.54
CA PHE A 201 24.56 -24.39 7.84
C PHE A 201 24.88 -25.78 8.36
N GLU A 202 23.87 -26.55 8.75
CA GLU A 202 24.15 -27.87 9.34
C GLU A 202 24.85 -28.79 8.37
N GLY A 203 25.88 -29.51 8.80
CA GLY A 203 26.54 -30.45 7.86
C GLY A 203 27.59 -29.83 6.93
N LEU A 204 27.66 -28.50 6.82
CA LEU A 204 28.84 -27.89 6.10
C LEU A 204 30.20 -28.20 6.70
N THR A 205 31.20 -28.41 5.86
CA THR A 205 32.53 -28.49 6.42
C THR A 205 33.16 -27.10 6.61
N THR A 206 32.97 -26.24 5.60
CA THR A 206 33.59 -24.94 5.66
C THR A 206 32.52 -23.92 5.17
N ILE A 207 32.46 -22.77 5.88
CA ILE A 207 31.59 -21.65 5.43
C ILE A 207 32.53 -20.45 5.31
N VAL A 208 32.24 -19.66 4.32
CA VAL A 208 32.92 -18.33 4.07
C VAL A 208 31.87 -17.22 4.18
N ASP A 209 32.19 -16.30 5.11
CA ASP A 209 31.35 -15.06 5.23
C ASP A 209 32.04 -14.02 4.37
N VAL A 210 31.51 -13.75 3.19
CA VAL A 210 32.12 -12.76 2.28
C VAL A 210 31.58 -11.40 2.63
N GLY A 211 32.46 -10.45 2.99
CA GLY A 211 32.02 -9.11 3.44
C GLY A 211 31.51 -9.29 4.85
N GLY A 212 32.10 -10.23 5.62
CA GLY A 212 31.64 -10.55 6.99
C GLY A 212 31.89 -9.56 8.09
N GLY A 213 32.50 -8.43 7.74
CA GLY A 213 32.76 -7.39 8.71
C GLY A 213 33.74 -7.88 9.76
N THR A 214 33.47 -7.50 10.98
CA THR A 214 34.35 -7.93 12.08
C THR A 214 34.15 -9.34 12.60
N GLY A 215 33.28 -10.09 11.91
CA GLY A 215 33.21 -11.53 12.11
C GLY A 215 32.13 -12.01 13.08
N ALA A 216 31.19 -11.11 13.42
CA ALA A 216 30.16 -11.55 14.36
C ALA A 216 29.35 -12.70 13.85
N VAL A 217 28.91 -12.66 12.61
CA VAL A 217 28.13 -13.78 12.14
C VAL A 217 28.92 -15.07 12.10
N ALA A 218 30.14 -15.01 11.56
CA ALA A 218 30.89 -16.24 11.51
C ALA A 218 31.14 -16.84 12.90
N SER A 219 31.37 -16.01 13.91
CA SER A 219 31.57 -16.50 15.29
C SER A 219 30.29 -17.18 15.81
N MET A 220 29.13 -16.68 15.38
CA MET A 220 27.87 -17.30 15.90
C MET A 220 27.62 -18.64 15.20
N ILE A 221 28.01 -18.75 13.94
CA ILE A 221 27.80 -20.01 13.21
C ILE A 221 28.69 -21.09 13.88
N VAL A 222 29.98 -20.76 14.14
CA VAL A 222 30.89 -21.72 14.77
C VAL A 222 30.47 -22.05 16.22
N ALA A 223 29.85 -21.09 16.91
CA ALA A 223 29.33 -21.36 18.26
C ALA A 223 28.24 -22.39 18.19
N LYS A 224 27.38 -22.37 17.15
CA LYS A 224 26.29 -23.28 17.03
C LYS A 224 26.75 -24.63 16.53
N TYR A 225 27.77 -24.61 15.67
CA TYR A 225 28.28 -25.80 15.01
C TYR A 225 29.79 -25.84 15.14
N PRO A 226 30.27 -26.32 16.29
CA PRO A 226 31.69 -26.13 16.68
C PRO A 226 32.65 -26.83 15.73
N SER A 227 32.19 -27.83 14.99
CA SER A 227 33.06 -28.50 14.05
C SER A 227 33.16 -27.81 12.66
N ILE A 228 32.35 -26.78 12.42
CA ILE A 228 32.46 -26.05 11.15
C ILE A 228 33.75 -25.20 11.14
N ASN A 229 34.39 -25.18 10.00
CA ASN A 229 35.57 -24.37 9.71
C ASN A 229 35.04 -23.07 9.11
N ALA A 230 35.25 -21.94 9.76
CA ALA A 230 34.66 -20.70 9.21
C ALA A 230 35.76 -19.68 8.79
N ILE A 231 35.55 -19.01 7.66
CA ILE A 231 36.42 -17.92 7.17
C ILE A 231 35.61 -16.66 7.11
N ASN A 232 36.12 -15.64 7.77
CA ASN A 232 35.52 -14.32 7.70
C ASN A 232 36.36 -13.45 6.76
N PHE A 233 35.78 -13.00 5.65
CA PHE A 233 36.56 -12.35 4.59
C PHE A 233 36.09 -10.92 4.38
N ASP A 234 36.96 -9.91 4.44
CA ASP A 234 36.53 -8.55 4.20
C ASP A 234 37.75 -7.74 3.89
N LEU A 235 37.58 -6.44 3.75
CA LEU A 235 38.68 -5.56 3.39
C LEU A 235 39.64 -5.48 4.60
N PRO A 236 40.92 -5.21 4.28
CA PRO A 236 41.87 -5.35 5.37
C PRO A 236 41.74 -4.28 6.46
N HIS A 237 41.20 -3.08 6.20
CA HIS A 237 40.99 -2.17 7.30
C HIS A 237 39.84 -2.62 8.26
N VAL A 238 39.00 -3.54 7.77
CA VAL A 238 38.00 -4.17 8.68
C VAL A 238 38.51 -5.32 9.44
N ILE A 239 39.23 -6.24 8.70
CA ILE A 239 39.78 -7.41 9.32
C ILE A 239 40.80 -7.06 10.46
N GLN A 240 41.56 -5.99 10.28
CA GLN A 240 42.51 -5.55 11.33
C GLN A 240 41.82 -5.27 12.65
N ASP A 241 40.56 -4.86 12.61
CA ASP A 241 39.78 -4.69 13.84
C ASP A 241 38.94 -5.90 14.32
N ALA A 242 39.00 -7.03 13.65
CA ALA A 242 38.15 -8.13 13.97
C ALA A 242 38.71 -8.83 15.22
N PRO A 243 37.88 -8.98 16.28
CA PRO A 243 38.34 -9.81 17.46
C PRO A 243 38.62 -11.24 17.10
N ALA A 244 39.62 -11.85 17.76
CA ALA A 244 39.82 -13.26 17.54
C ALA A 244 38.63 -14.06 18.13
N PHE A 245 38.12 -15.04 17.40
CA PHE A 245 37.10 -15.97 17.94
C PHE A 245 37.55 -17.38 17.62
N SER A 246 37.49 -18.29 18.57
CA SER A 246 37.92 -19.66 18.28
C SER A 246 37.10 -20.21 17.10
N GLY A 247 37.77 -20.86 16.13
CA GLY A 247 37.07 -21.46 15.02
C GLY A 247 36.90 -20.56 13.81
N VAL A 248 37.28 -19.27 13.95
CA VAL A 248 37.11 -18.35 12.79
C VAL A 248 38.49 -17.88 12.31
N GLU A 249 38.69 -17.99 11.02
CA GLU A 249 39.90 -17.49 10.39
C GLU A 249 39.54 -16.19 9.66
N HIS A 250 40.21 -15.08 10.05
CA HIS A 250 39.95 -13.78 9.41
C HIS A 250 40.90 -13.64 8.23
N LEU A 251 40.43 -13.11 7.11
CA LEU A 251 41.29 -13.01 5.93
C LEU A 251 40.89 -11.77 5.17
N GLY A 252 41.87 -10.95 4.84
CA GLY A 252 41.66 -9.75 4.05
C GLY A 252 41.72 -9.94 2.55
N GLY A 253 41.03 -9.09 1.81
CA GLY A 253 41.10 -9.11 0.34
C GLY A 253 39.97 -8.35 -0.30
N ASP A 254 39.88 -8.45 -1.61
CA ASP A 254 38.87 -7.75 -2.36
C ASP A 254 38.02 -8.80 -3.03
N MET A 255 36.72 -8.91 -2.64
CA MET A 255 35.86 -9.95 -3.21
C MET A 255 35.67 -9.92 -4.71
N PHE A 256 35.92 -8.76 -5.37
CA PHE A 256 35.68 -8.66 -6.79
C PHE A 256 36.92 -9.29 -7.51
N ASP A 257 38.00 -9.46 -6.80
CA ASP A 257 39.16 -10.24 -7.38
C ASP A 257 38.95 -11.75 -7.24
N GLY A 258 38.17 -12.16 -6.24
CA GLY A 258 38.02 -13.61 -5.97
C GLY A 258 37.59 -13.69 -4.53
N VAL A 259 36.94 -14.80 -4.17
CA VAL A 259 36.64 -15.05 -2.78
C VAL A 259 37.19 -16.42 -2.35
N PRO A 260 37.39 -16.62 -1.03
CA PRO A 260 37.87 -17.93 -0.49
C PRO A 260 36.93 -19.06 -0.81
N LYS A 261 37.51 -20.26 -1.05
CA LYS A 261 36.70 -21.45 -1.30
C LYS A 261 36.08 -21.96 -0.01
N GLY A 262 34.91 -22.56 -0.19
CA GLY A 262 34.24 -23.18 0.96
C GLY A 262 33.06 -23.99 0.43
N ASP A 263 32.37 -24.71 1.33
CA ASP A 263 31.21 -25.52 0.89
C ASP A 263 29.98 -24.66 0.65
N ALA A 264 29.98 -23.51 1.34
CA ALA A 264 28.92 -22.49 1.12
C ALA A 264 29.52 -21.12 1.40
N ILE A 265 28.93 -20.12 0.75
CA ILE A 265 29.36 -18.71 0.97
C ILE A 265 28.13 -18.00 1.52
N PHE A 266 28.33 -17.27 2.60
CA PHE A 266 27.26 -16.46 3.18
C PHE A 266 27.54 -14.97 2.81
N ILE A 267 26.53 -14.26 2.32
CA ILE A 267 26.63 -12.79 1.99
C ILE A 267 25.43 -12.14 2.65
N LYS A 268 25.70 -11.37 3.71
CA LYS A 268 24.60 -10.61 4.37
C LYS A 268 24.81 -9.13 4.10
N TRP A 269 23.77 -8.47 3.47
CA TRP A 269 23.84 -7.04 3.19
C TRP A 269 25.05 -6.63 2.35
N ILE A 270 25.47 -7.54 1.42
CA ILE A 270 26.43 -7.27 0.41
C ILE A 270 25.78 -6.90 -0.93
N CYS A 271 24.84 -7.76 -1.40
CA CYS A 271 24.21 -7.46 -2.69
C CYS A 271 23.57 -6.04 -2.70
N HIS A 272 22.96 -5.63 -1.58
CA HIS A 272 22.29 -4.37 -1.68
C HIS A 272 23.22 -3.21 -1.72
N ASP A 273 24.53 -3.44 -1.51
CA ASP A 273 25.52 -2.30 -1.69
C ASP A 273 25.94 -2.03 -3.14
N TRP A 274 25.53 -2.89 -4.08
CA TRP A 274 26.16 -2.89 -5.43
C TRP A 274 25.13 -2.98 -6.55
N SER A 275 25.53 -2.51 -7.76
CA SER A 275 24.66 -2.58 -8.92
C SER A 275 24.45 -4.05 -9.34
N ASP A 276 23.51 -4.25 -10.23
CA ASP A 276 23.23 -5.61 -10.76
C ASP A 276 24.54 -6.14 -11.39
N GLU A 277 25.25 -5.29 -12.09
CA GLU A 277 26.49 -5.79 -12.82
C GLU A 277 27.54 -6.23 -11.83
N HIS A 278 27.72 -5.45 -10.75
CA HIS A 278 28.70 -5.81 -9.77
C HIS A 278 28.29 -7.01 -8.96
N CYS A 279 26.97 -7.12 -8.65
CA CYS A 279 26.45 -8.36 -8.06
C CYS A 279 26.68 -9.59 -8.90
N LEU A 280 26.57 -9.49 -10.23
CA LEU A 280 26.85 -10.65 -11.09
C LEU A 280 28.33 -10.96 -10.99
N LYS A 281 29.22 -9.97 -10.96
CA LYS A 281 30.64 -10.33 -10.90
C LYS A 281 30.95 -11.09 -9.61
N LEU A 282 30.39 -10.57 -8.46
CA LEU A 282 30.63 -11.17 -7.21
C LEU A 282 30.05 -12.57 -7.19
N LEU A 283 28.82 -12.72 -7.69
CA LEU A 283 28.11 -14.01 -7.59
C LEU A 283 28.80 -15.06 -8.43
N LYS A 284 29.39 -14.62 -9.56
CA LYS A 284 30.17 -15.59 -10.40
C LYS A 284 31.45 -15.95 -9.73
N ASN A 285 32.09 -15.05 -8.98
CA ASN A 285 33.25 -15.41 -8.18
C ASN A 285 32.85 -16.43 -7.11
N CYS A 286 31.67 -16.22 -6.46
CA CYS A 286 31.21 -17.19 -5.48
C CYS A 286 30.95 -18.53 -6.19
N TYR A 287 30.26 -18.56 -7.34
CA TYR A 287 29.96 -19.85 -8.07
C TYR A 287 31.30 -20.60 -8.27
N ALA A 288 32.32 -19.87 -8.69
CA ALA A 288 33.67 -20.45 -9.00
C ALA A 288 34.30 -21.01 -7.78
N ALA A 289 34.05 -20.47 -6.62
CA ALA A 289 34.63 -20.86 -5.33
C ALA A 289 33.98 -22.05 -4.60
N LEU A 290 32.86 -22.51 -5.16
CA LEU A 290 32.04 -23.52 -4.45
C LEU A 290 32.28 -24.85 -5.15
N PRO A 291 31.98 -25.92 -4.45
CA PRO A 291 31.96 -27.22 -5.10
C PRO A 291 30.75 -27.39 -5.95
N ASP A 292 30.63 -28.50 -6.70
CA ASP A 292 29.56 -28.61 -7.65
C ASP A 292 28.14 -28.45 -7.08
N HIS A 293 27.97 -28.95 -5.87
CA HIS A 293 26.70 -28.96 -5.13
C HIS A 293 26.59 -27.83 -4.07
N GLY A 294 27.51 -26.86 -4.10
CA GLY A 294 27.58 -25.75 -3.15
C GLY A 294 26.45 -24.74 -3.34
N LYS A 295 26.45 -23.77 -2.42
CA LYS A 295 25.39 -22.74 -2.46
C LYS A 295 25.95 -21.40 -1.94
N VAL A 296 25.23 -20.38 -2.35
CA VAL A 296 25.37 -19.02 -1.70
C VAL A 296 24.16 -18.78 -0.84
N ILE A 297 24.40 -18.39 0.41
CA ILE A 297 23.30 -18.08 1.38
C ILE A 297 23.27 -16.56 1.42
N VAL A 298 22.15 -15.98 0.94
CA VAL A 298 22.08 -14.51 0.67
C VAL A 298 21.13 -14.02 1.76
N ALA A 299 21.55 -13.03 2.54
CA ALA A 299 20.65 -12.55 3.61
C ALA A 299 20.42 -11.06 3.28
N GLU A 300 19.17 -10.68 2.94
CA GLU A 300 18.89 -9.33 2.45
C GLU A 300 17.42 -9.02 2.79
N TYR A 301 17.10 -7.72 2.78
CA TYR A 301 15.67 -7.35 2.75
C TYR A 301 15.10 -7.72 1.36
N ILE A 302 13.76 -7.74 1.32
CA ILE A 302 13.05 -7.90 0.06
C ILE A 302 12.13 -6.68 -0.12
N LEU A 303 12.23 -5.99 -1.22
CA LEU A 303 11.44 -4.83 -1.49
C LEU A 303 9.95 -5.24 -1.64
N PRO A 304 9.03 -4.66 -0.81
CA PRO A 304 7.58 -4.95 -0.96
C PRO A 304 7.10 -4.37 -2.28
N PRO A 305 5.89 -4.79 -2.73
CA PRO A 305 5.38 -4.35 -4.03
C PRO A 305 4.79 -3.00 -4.13
N SER A 306 4.63 -2.28 -3.03
CA SER A 306 4.09 -0.90 -3.15
C SER A 306 4.67 -0.09 -2.00
N PRO A 307 4.50 1.25 -2.07
CA PRO A 307 5.03 2.09 -1.00
C PRO A 307 4.00 2.16 0.15
N ASP A 308 3.79 1.04 0.81
CA ASP A 308 2.79 0.94 1.94
C ASP A 308 3.36 1.63 3.20
N PRO A 309 2.53 1.95 4.17
CA PRO A 309 2.96 2.75 5.35
C PRO A 309 3.47 1.92 6.48
N SER A 310 3.57 0.60 6.33
CA SER A 310 4.02 -0.20 7.48
C SER A 310 5.48 0.07 7.85
N ILE A 311 5.74 -0.08 9.14
CA ILE A 311 7.10 0.09 9.64
C ILE A 311 8.04 -0.86 8.88
N ALA A 312 7.62 -2.11 8.66
CA ALA A 312 8.58 -3.04 8.03
C ALA A 312 8.91 -2.54 6.65
N THR A 313 7.93 -2.06 5.86
CA THR A 313 8.21 -1.57 4.51
C THR A 313 9.00 -0.28 4.57
N LYS A 314 8.68 0.61 5.50
CA LYS A 314 9.48 1.83 5.66
C LYS A 314 10.96 1.52 5.93
N VAL A 315 11.21 0.49 6.75
CA VAL A 315 12.67 0.10 6.96
C VAL A 315 13.31 -0.27 5.65
N VAL A 316 12.63 -1.06 4.85
CA VAL A 316 13.28 -1.36 3.54
C VAL A 316 13.46 -0.20 2.61
N ILE A 317 12.48 0.69 2.56
CA ILE A 317 12.55 1.78 1.62
C ILE A 317 13.54 2.85 2.19
N HIS A 318 13.62 2.99 3.54
CA HIS A 318 14.66 3.86 4.10
C HIS A 318 16.05 3.33 3.68
N THR A 319 16.19 2.02 3.67
CA THR A 319 17.52 1.39 3.41
C THR A 319 17.78 1.56 1.90
N ASP A 320 16.74 1.43 1.03
CA ASP A 320 16.95 1.74 -0.37
C ASP A 320 17.47 3.20 -0.59
N ALA A 321 16.87 4.14 0.12
CA ALA A 321 17.32 5.55 0.13
C ALA A 321 18.73 5.71 0.65
N LEU A 322 19.14 4.98 1.69
CA LEU A 322 20.53 5.00 2.20
C LEU A 322 21.46 4.53 1.08
N MET A 323 21.03 3.45 0.40
CA MET A 323 21.98 2.91 -0.60
C MET A 323 22.16 3.92 -1.71
N LEU A 324 21.09 4.63 -2.05
CA LEU A 324 21.13 5.68 -3.07
C LEU A 324 22.14 6.78 -2.70
N ALA A 325 22.19 7.12 -1.41
CA ALA A 325 23.07 8.20 -0.96
C ALA A 325 24.55 7.71 -0.93
N TYR A 326 24.72 6.45 -0.57
CA TYR A 326 26.05 5.96 -0.13
C TYR A 326 26.82 5.15 -1.13
N ASN A 327 26.12 4.38 -1.97
CA ASN A 327 26.79 3.21 -2.57
C ASN A 327 26.72 3.29 -4.02
N PRO A 328 27.75 2.73 -4.70
CA PRO A 328 27.66 2.90 -6.12
C PRO A 328 26.75 1.79 -6.57
N GLY A 329 25.57 2.20 -7.06
CA GLY A 329 24.52 1.40 -7.71
C GLY A 329 23.72 0.53 -6.68
N GLY A 330 24.01 0.61 -5.39
CA GLY A 330 23.31 -0.23 -4.42
C GLY A 330 21.83 0.13 -4.38
N LYS A 331 21.01 -0.89 -4.10
CA LYS A 331 19.53 -0.73 -4.07
C LYS A 331 18.91 -1.97 -3.44
N GLU A 332 17.68 -1.80 -2.96
CA GLU A 332 16.96 -2.97 -2.54
C GLU A 332 16.23 -3.62 -3.70
N ARG A 333 15.99 -4.93 -3.54
CA ARG A 333 15.42 -5.71 -4.67
C ARG A 333 14.23 -6.61 -4.20
N THR A 334 13.43 -6.95 -5.20
CA THR A 334 12.36 -7.92 -5.00
C THR A 334 12.86 -9.37 -5.05
N GLU A 335 12.02 -10.31 -4.61
CA GLU A 335 12.43 -11.71 -4.66
C GLU A 335 12.69 -12.12 -6.14
N LYS A 336 11.85 -11.71 -7.10
CA LYS A 336 12.15 -12.00 -8.49
C LYS A 336 13.47 -11.41 -8.97
N GLU A 337 13.82 -10.20 -8.52
CA GLU A 337 15.08 -9.63 -8.92
C GLU A 337 16.25 -10.48 -8.34
N PHE A 338 16.14 -11.02 -7.12
CA PHE A 338 17.13 -11.91 -6.60
C PHE A 338 17.21 -13.23 -7.42
N GLN A 339 16.04 -13.72 -7.84
CA GLN A 339 16.03 -14.95 -8.72
C GLN A 339 16.82 -14.66 -9.98
N ALA A 340 16.63 -13.46 -10.53
CA ALA A 340 17.28 -13.05 -11.78
C ALA A 340 18.79 -12.98 -11.59
N LEU A 341 19.26 -12.41 -10.49
CA LEU A 341 20.71 -12.39 -10.17
C LEU A 341 21.22 -13.85 -10.05
N ALA A 342 20.50 -14.74 -9.42
CA ALA A 342 20.96 -16.15 -9.22
C ALA A 342 21.04 -16.83 -10.56
N MET A 343 20.01 -16.66 -11.39
CA MET A 343 19.99 -17.32 -12.73
C MET A 343 21.14 -16.83 -13.57
N ALA A 344 21.35 -15.49 -13.59
CA ALA A 344 22.34 -14.97 -14.51
C ALA A 344 23.76 -15.25 -14.04
N SER A 345 23.97 -15.69 -12.78
CA SER A 345 25.31 -16.02 -12.35
C SER A 345 25.52 -17.52 -12.34
N GLY A 346 24.58 -18.21 -12.94
CA GLY A 346 24.73 -19.64 -13.22
C GLY A 346 24.09 -20.60 -12.24
N PHE A 347 23.45 -20.10 -11.17
CA PHE A 347 22.85 -20.99 -10.21
C PHE A 347 21.51 -21.55 -10.77
N ARG A 348 21.25 -22.78 -10.38
CA ARG A 348 20.16 -23.50 -10.96
C ARG A 348 18.95 -23.60 -10.05
N GLY A 349 19.10 -23.43 -8.75
CA GLY A 349 17.96 -23.50 -7.85
C GLY A 349 17.91 -22.25 -6.97
N PHE A 350 16.72 -21.98 -6.41
CA PHE A 350 16.54 -20.78 -5.57
C PHE A 350 15.55 -21.17 -4.48
N LYS A 351 15.91 -20.87 -3.24
CA LYS A 351 15.08 -21.28 -2.06
C LYS A 351 14.92 -20.08 -1.15
N VAL A 352 13.69 -19.70 -0.73
CA VAL A 352 13.57 -18.70 0.34
C VAL A 352 13.41 -19.52 1.58
N ALA A 353 14.43 -19.51 2.43
CA ALA A 353 14.48 -20.42 3.49
C ALA A 353 14.02 -19.91 4.87
N SER A 354 14.19 -18.64 5.17
CA SER A 354 13.85 -18.14 6.51
C SER A 354 13.81 -16.62 6.48
N CYS A 355 13.33 -16.00 7.56
CA CYS A 355 13.24 -14.49 7.61
C CYS A 355 13.29 -14.10 9.06
N ALA A 356 13.99 -12.99 9.38
CA ALA A 356 13.95 -12.48 10.74
C ALA A 356 14.22 -10.98 10.71
N PHE A 357 13.40 -10.17 11.40
CA PHE A 357 13.59 -8.68 11.32
C PHE A 357 13.82 -8.08 9.92
N ASN A 358 12.94 -8.51 8.97
CA ASN A 358 12.97 -8.10 7.54
C ASN A 358 14.01 -8.76 6.69
N THR A 359 14.96 -9.44 7.34
CA THR A 359 16.06 -10.04 6.59
C THR A 359 15.60 -11.42 6.14
N TYR A 360 15.52 -11.64 4.82
CA TYR A 360 15.18 -12.95 4.29
C TYR A 360 16.46 -13.72 4.03
N VAL A 361 16.42 -15.04 4.28
CA VAL A 361 17.61 -15.86 3.94
C VAL A 361 17.24 -16.65 2.69
N MET A 362 17.92 -16.36 1.57
CA MET A 362 17.71 -17.07 0.33
C MET A 362 18.91 -18.00 0.07
N GLU A 363 18.66 -19.14 -0.53
CA GLU A 363 19.82 -19.93 -1.03
C GLU A 363 19.82 -19.92 -2.51
N PHE A 364 21.02 -19.67 -3.09
CA PHE A 364 21.27 -19.72 -4.58
C PHE A 364 21.98 -21.08 -4.67
N LEU A 365 21.33 -22.10 -5.27
CA LEU A 365 21.89 -23.48 -5.26
C LEU A 365 22.53 -23.76 -6.62
N LYS A 366 23.77 -24.25 -6.58
CA LYS A 366 24.41 -24.49 -7.85
C LYS A 366 23.70 -25.61 -8.61
N THR A 367 23.21 -26.59 -7.87
CA THR A 367 22.31 -27.57 -8.53
C THR A 367 20.89 -27.66 -7.93
N ALA A 368 19.96 -28.07 -8.79
CA ALA A 368 18.55 -28.32 -8.43
C ALA A 368 18.17 -29.74 -8.92
N ILE B 9 -5.24 -2.72 28.15
CA ILE B 9 -4.89 -4.15 28.00
C ILE B 9 -3.36 -4.39 27.89
N GLN B 10 -2.86 -5.38 28.59
CA GLN B 10 -1.42 -5.66 28.55
C GLN B 10 -1.09 -6.44 27.31
N ILE B 11 -0.05 -6.03 26.56
CA ILE B 11 0.43 -6.77 25.40
C ILE B 11 1.52 -7.69 25.84
N ILE B 12 1.35 -8.98 25.66
CA ILE B 12 2.31 -9.94 26.13
C ILE B 12 3.39 -9.96 25.04
N PRO B 13 4.68 -9.74 25.42
CA PRO B 13 5.81 -9.92 24.49
C PRO B 13 5.79 -11.26 23.72
N THR B 14 5.92 -11.18 22.40
CA THR B 14 5.99 -12.39 21.59
C THR B 14 7.01 -12.20 20.47
N HIS B 15 7.20 -13.24 19.65
CA HIS B 15 7.94 -13.04 18.41
C HIS B 15 7.42 -11.90 17.58
N SER B 16 6.08 -11.80 17.41
CA SER B 16 5.50 -10.81 16.56
C SER B 16 5.74 -9.42 17.15
N SER B 17 5.57 -9.27 18.43
CA SER B 17 5.72 -7.91 19.01
C SER B 17 7.21 -7.53 18.97
N ASP B 18 8.11 -8.50 19.13
CA ASP B 18 9.58 -8.23 19.07
C ASP B 18 9.97 -7.83 17.68
N GLU B 19 9.36 -8.44 16.64
CA GLU B 19 9.66 -7.97 15.25
C GLU B 19 9.30 -6.52 15.07
N GLU B 20 8.11 -6.14 15.55
CA GLU B 20 7.70 -4.77 15.36
C GLU B 20 8.62 -3.83 16.20
N ALA B 21 9.01 -4.26 17.41
CA ALA B 21 9.86 -3.37 18.23
C ALA B 21 11.23 -3.18 17.52
N ASN B 22 11.81 -4.31 17.09
CA ASN B 22 13.12 -4.24 16.33
C ASN B 22 13.01 -3.33 15.10
N LEU B 23 11.99 -3.51 14.25
CA LEU B 23 11.84 -2.69 13.09
C LEU B 23 11.59 -1.23 13.43
N PHE B 24 10.89 -0.93 14.53
CA PHE B 24 10.71 0.49 14.83
C PHE B 24 12.06 1.06 15.24
N ALA B 25 12.90 0.30 15.96
CA ALA B 25 14.23 0.86 16.27
C ALA B 25 15.00 1.12 15.00
N MET B 26 14.91 0.24 14.00
CA MET B 26 15.61 0.51 12.71
C MET B 26 15.08 1.69 11.96
N GLN B 27 13.72 1.89 12.02
CA GLN B 27 13.12 3.03 11.39
C GLN B 27 13.61 4.36 12.07
N LEU B 28 13.63 4.36 13.39
CA LEU B 28 14.14 5.53 14.12
C LEU B 28 15.57 5.85 13.74
N ALA B 29 16.39 4.82 13.69
CA ALA B 29 17.84 4.98 13.40
C ALA B 29 18.03 5.79 12.12
N SER B 30 17.24 5.51 11.07
CA SER B 30 17.39 6.15 9.79
C SER B 30 16.32 7.15 9.47
N ALA B 31 15.62 7.60 10.51
CA ALA B 31 14.49 8.54 10.26
C ALA B 31 14.87 9.84 9.57
N ALA B 32 16.14 10.32 9.67
CA ALA B 32 16.48 11.55 8.90
C ALA B 32 16.41 11.41 7.39
N VAL B 33 16.29 10.19 6.86
CA VAL B 33 16.24 10.08 5.41
C VAL B 33 14.97 10.76 4.84
N LEU B 34 13.89 10.81 5.59
CA LEU B 34 12.62 11.40 5.13
C LEU B 34 12.77 12.89 4.92
N PRO B 35 13.19 13.68 5.97
CA PRO B 35 13.26 15.12 5.66
C PRO B 35 14.43 15.44 4.68
N MET B 36 15.48 14.64 4.67
CA MET B 36 16.57 14.97 3.70
C MET B 36 16.19 14.61 2.30
N ALA B 37 15.41 13.52 2.12
CA ALA B 37 14.92 13.25 0.76
C ALA B 37 13.88 14.23 0.32
N LEU B 38 12.98 14.68 1.20
CA LEU B 38 12.02 15.72 0.84
C LEU B 38 12.70 17.09 0.52
N LYS B 39 13.76 17.40 1.28
CA LYS B 39 14.59 18.58 0.97
C LYS B 39 15.13 18.52 -0.49
N ALA B 40 15.67 17.37 -0.86
CA ALA B 40 16.23 17.23 -2.21
C ALA B 40 15.12 17.36 -3.24
N ALA B 41 13.96 16.72 -2.98
CA ALA B 41 12.81 16.87 -3.90
C ALA B 41 12.41 18.30 -4.09
N ILE B 42 12.37 19.09 -3.00
CA ILE B 42 11.93 20.48 -3.12
C ILE B 42 13.01 21.32 -3.88
N GLU B 43 14.29 21.13 -3.52
CA GLU B 43 15.41 21.85 -4.17
C GLU B 43 15.45 21.55 -5.68
N LEU B 44 15.08 20.33 -6.04
CA LEU B 44 14.99 19.96 -7.49
C LEU B 44 13.71 20.51 -8.11
N ASP B 45 12.82 21.11 -7.36
CA ASP B 45 11.54 21.59 -7.92
C ASP B 45 10.58 20.47 -8.34
N VAL B 46 10.77 19.28 -7.76
CA VAL B 46 9.96 18.12 -8.19
C VAL B 46 8.45 18.32 -7.85
N LEU B 47 8.14 18.86 -6.66
CA LEU B 47 6.73 19.02 -6.28
C LEU B 47 6.07 20.08 -7.19
N GLU B 48 6.80 21.19 -7.48
CA GLU B 48 6.27 22.21 -8.43
C GLU B 48 6.08 21.64 -9.85
N ILE B 49 7.02 20.82 -10.26
CA ILE B 49 6.93 20.19 -11.61
C ILE B 49 5.68 19.24 -11.64
N MET B 50 5.46 18.47 -10.57
CA MET B 50 4.28 17.62 -10.48
C MET B 50 3.00 18.45 -10.50
N ALA B 51 2.95 19.55 -9.77
CA ALA B 51 1.76 20.39 -9.64
C ALA B 51 1.44 20.95 -11.02
N LYS B 52 2.46 21.40 -11.74
CA LYS B 52 2.16 22.02 -13.03
C LYS B 52 2.00 21.06 -14.19
N SER B 53 2.53 19.84 -14.05
CA SER B 53 2.61 18.87 -15.18
C SER B 53 1.76 17.66 -15.15
N VAL B 54 0.75 17.59 -14.28
CA VAL B 54 -0.11 16.41 -14.26
C VAL B 54 -0.53 16.11 -15.73
N PRO B 55 -0.43 14.84 -16.20
CA PRO B 55 -1.25 14.54 -17.38
C PRO B 55 -2.72 14.63 -16.92
N PRO B 56 -3.70 14.48 -17.84
CA PRO B 56 -5.04 14.64 -17.24
C PRO B 56 -5.46 13.50 -16.26
N SER B 57 -4.62 12.47 -16.10
CA SER B 57 -4.84 11.37 -15.13
C SER B 57 -4.52 11.81 -13.69
N GLY B 58 -3.60 12.78 -13.56
CA GLY B 58 -3.21 13.24 -12.23
C GLY B 58 -1.99 12.48 -11.73
N TYR B 59 -1.46 11.60 -12.57
CA TYR B 59 -0.21 10.82 -12.19
C TYR B 59 0.87 10.90 -13.24
N ILE B 60 2.07 11.11 -12.77
CA ILE B 60 3.21 11.37 -13.64
C ILE B 60 4.33 10.36 -13.35
N SER B 61 5.08 9.95 -14.37
CA SER B 61 6.14 8.95 -14.16
C SER B 61 7.40 9.73 -13.77
N PRO B 62 8.27 9.05 -13.01
CA PRO B 62 9.61 9.64 -12.76
C PRO B 62 10.34 10.11 -14.03
N ALA B 63 10.24 9.36 -15.16
CA ALA B 63 10.89 9.77 -16.40
C ALA B 63 10.35 11.10 -16.86
N GLU B 64 9.03 11.30 -16.75
CA GLU B 64 8.37 12.55 -17.18
C GLU B 64 8.76 13.70 -16.29
N ILE B 65 9.00 13.42 -14.98
CA ILE B 65 9.52 14.47 -14.10
C ILE B 65 10.93 14.84 -14.47
N ALA B 66 11.77 13.85 -14.64
CA ALA B 66 13.17 14.01 -14.97
C ALA B 66 13.34 14.79 -16.28
N ALA B 67 12.41 14.56 -17.21
CA ALA B 67 12.49 15.19 -18.52
C ALA B 67 12.44 16.71 -18.32
N GLN B 68 11.82 17.19 -17.23
CA GLN B 68 11.72 18.63 -16.91
C GLN B 68 12.80 19.19 -16.04
N LEU B 69 13.74 18.38 -15.57
CA LEU B 69 14.91 18.84 -14.83
C LEU B 69 16.02 19.26 -15.77
N PRO B 70 16.82 20.26 -15.36
CA PRO B 70 18.07 20.63 -16.09
C PRO B 70 19.11 19.52 -15.94
N THR B 71 18.92 18.35 -16.58
CA THR B 71 19.82 17.26 -16.41
C THR B 71 19.88 16.52 -17.74
N THR B 72 21.00 15.87 -18.04
CA THR B 72 20.96 14.75 -19.04
C THR B 72 21.45 13.46 -18.40
N ASN B 73 21.42 13.36 -17.05
CA ASN B 73 21.88 12.19 -16.35
C ASN B 73 20.88 11.05 -16.60
N PRO B 74 21.30 9.91 -17.23
CA PRO B 74 20.21 8.98 -17.63
C PRO B 74 19.78 8.10 -16.42
N GLU B 75 20.45 8.27 -15.27
CA GLU B 75 19.97 7.59 -14.05
C GLU B 75 19.00 8.51 -13.33
N ALA B 76 18.80 9.75 -13.76
CA ALA B 76 17.85 10.62 -12.99
C ALA B 76 16.46 9.98 -12.78
N PRO B 77 15.82 9.36 -13.80
CA PRO B 77 14.50 8.82 -13.53
C PRO B 77 14.48 7.82 -12.42
N VAL B 78 15.43 6.86 -12.40
CA VAL B 78 15.33 5.80 -11.40
C VAL B 78 15.66 6.37 -10.03
N MET B 79 16.58 7.31 -9.99
CA MET B 79 16.91 8.02 -8.73
C MET B 79 15.70 8.73 -8.16
N LEU B 80 15.01 9.44 -9.04
CA LEU B 80 13.72 10.08 -8.62
C LEU B 80 12.69 9.12 -8.14
N ASP B 81 12.57 7.98 -8.82
CA ASP B 81 11.58 6.98 -8.43
C ASP B 81 11.82 6.55 -7.00
N ARG B 82 13.11 6.33 -6.68
CA ARG B 82 13.48 5.81 -5.35
C ARG B 82 13.15 6.87 -4.31
N VAL B 83 13.42 8.15 -4.64
CA VAL B 83 13.04 9.21 -3.69
C VAL B 83 11.54 9.30 -3.50
N LEU B 84 10.86 9.24 -4.65
CA LEU B 84 9.40 9.38 -4.55
C LEU B 84 8.69 8.21 -3.85
N ARG B 85 9.27 7.00 -3.98
CA ARG B 85 8.77 5.86 -3.26
C ARG B 85 8.86 6.02 -1.74
N LEU B 86 9.98 6.56 -1.25
CA LEU B 86 10.05 6.89 0.21
C LEU B 86 9.00 7.95 0.53
N LEU B 87 8.89 8.99 -0.27
CA LEU B 87 7.84 10.00 0.02
C LEU B 87 6.44 9.46 0.03
N ALA B 88 6.16 8.53 -0.90
CA ALA B 88 4.82 7.96 -0.99
C ALA B 88 4.51 7.07 0.21
N SER B 89 5.52 6.36 0.74
CA SER B 89 5.31 5.56 1.95
C SER B 89 4.83 6.38 3.17
N TYR B 90 5.27 7.65 3.20
CA TYR B 90 4.86 8.56 4.27
C TYR B 90 3.70 9.47 3.87
N SER B 91 3.02 9.20 2.71
CA SER B 91 1.83 10.00 2.32
C SER B 91 2.20 11.41 2.03
N VAL B 92 3.46 11.67 1.61
CA VAL B 92 3.80 12.99 1.15
C VAL B 92 3.41 13.16 -0.31
N VAL B 93 3.54 12.07 -1.05
CA VAL B 93 2.97 11.99 -2.42
C VAL B 93 2.11 10.72 -2.47
N THR B 94 1.30 10.61 -3.55
CA THR B 94 0.50 9.41 -3.80
C THR B 94 1.09 8.64 -4.95
N TYR B 95 0.62 7.41 -5.13
CA TYR B 95 1.12 6.63 -6.26
C TYR B 95 -0.03 5.83 -6.90
N THR B 96 0.27 5.38 -8.09
CA THR B 96 -0.54 4.32 -8.75
C THR B 96 0.40 3.39 -9.47
N LEU B 97 0.00 2.15 -9.63
CA LEU B 97 0.85 1.14 -10.25
C LEU B 97 0.33 0.77 -11.61
N ARG B 98 1.24 0.62 -12.52
CA ARG B 98 0.86 0.31 -13.92
C ARG B 98 1.74 -0.86 -14.36
N GLU B 99 1.16 -1.92 -14.94
CA GLU B 99 1.97 -3.12 -15.31
C GLU B 99 2.83 -2.82 -16.62
N LEU B 100 4.15 -3.05 -16.63
CA LEU B 100 4.95 -2.84 -17.89
C LEU B 100 4.84 -4.04 -18.92
N PRO B 101 5.01 -3.81 -20.28
CA PRO B 101 5.30 -4.90 -21.25
C PRO B 101 6.00 -6.17 -20.69
N SER B 102 7.19 -6.01 -20.10
CA SER B 102 7.94 -7.17 -19.52
C SER B 102 7.23 -7.85 -18.35
N GLY B 103 6.12 -7.27 -17.89
CA GLY B 103 5.46 -7.71 -16.65
C GLY B 103 6.00 -7.10 -15.34
N LYS B 104 7.07 -6.30 -15.41
CA LYS B 104 7.49 -5.49 -14.24
C LYS B 104 6.46 -4.35 -14.05
N VAL B 105 6.38 -3.81 -12.85
CA VAL B 105 5.27 -2.87 -12.52
C VAL B 105 5.93 -1.54 -12.29
N GLU B 106 5.39 -0.49 -12.92
CA GLU B 106 6.01 0.87 -12.72
C GLU B 106 5.13 1.71 -11.75
N ARG B 107 5.76 2.67 -11.08
CA ARG B 107 4.97 3.57 -10.26
C ARG B 107 4.83 4.90 -10.95
N LEU B 108 3.62 5.49 -10.86
CA LEU B 108 3.42 6.86 -11.29
C LEU B 108 3.01 7.60 -10.02
N TYR B 109 3.27 8.92 -9.99
CA TYR B 109 3.06 9.64 -8.73
C TYR B 109 2.20 10.84 -8.84
N GLY B 110 1.56 11.18 -7.73
CA GLY B 110 0.65 12.34 -7.72
C GLY B 110 0.91 13.12 -6.44
N LEU B 111 0.35 14.31 -6.34
CA LEU B 111 0.52 15.11 -5.13
C LEU B 111 -0.46 14.66 -4.07
N ALA B 112 0.02 14.54 -2.86
CA ALA B 112 -0.87 14.21 -1.72
C ALA B 112 -1.34 15.53 -1.08
N PRO B 113 -2.37 15.52 -0.26
CA PRO B 113 -2.92 16.76 0.32
C PRO B 113 -1.90 17.66 0.98
N VAL B 114 -0.88 17.10 1.66
CA VAL B 114 0.18 17.93 2.29
C VAL B 114 0.87 18.84 1.27
N CYS B 115 0.90 18.45 -0.03
CA CYS B 115 1.64 19.24 -1.03
C CYS B 115 1.02 20.63 -1.26
N LYS B 116 -0.26 20.87 -0.87
CA LYS B 116 -0.87 22.22 -0.93
C LYS B 116 0.05 23.20 -0.15
N PHE B 117 0.70 22.67 0.90
CA PHE B 117 1.55 23.59 1.70
C PHE B 117 2.99 23.40 1.48
N LEU B 118 3.38 22.62 0.48
CA LEU B 118 4.76 22.45 0.10
C LEU B 118 4.99 23.01 -1.35
N THR B 119 3.97 23.61 -1.97
CA THR B 119 4.10 24.27 -3.29
C THR B 119 3.41 25.65 -3.17
N LYS B 120 3.80 26.58 -4.03
CA LYS B 120 3.28 27.94 -3.93
C LYS B 120 1.79 27.99 -4.09
N ASN B 121 1.10 28.73 -3.20
CA ASN B 121 -0.32 28.94 -3.33
C ASN B 121 -0.59 30.18 -4.24
N GLU B 122 -1.82 30.74 -4.16
CA GLU B 122 -2.25 31.85 -4.99
C GLU B 122 -1.39 33.10 -4.71
N ASP B 123 -0.98 33.27 -3.45
CA ASP B 123 -0.12 34.38 -2.94
C ASP B 123 1.37 34.14 -3.14
N GLY B 124 1.68 33.12 -3.93
CA GLY B 124 3.03 32.65 -4.14
C GLY B 124 3.86 32.21 -2.93
N VAL B 125 3.26 31.74 -1.81
CA VAL B 125 4.05 31.21 -0.69
C VAL B 125 3.60 29.75 -0.33
N SER B 126 4.45 29.08 0.47
CA SER B 126 4.25 27.73 1.04
C SER B 126 5.17 27.58 2.23
N LEU B 127 5.15 26.41 2.83
CA LEU B 127 6.04 26.06 3.88
C LEU B 127 7.35 25.45 3.34
N ALA B 128 7.49 25.37 1.99
CA ALA B 128 8.74 24.80 1.44
C ALA B 128 10.02 25.55 1.96
N PRO B 129 10.00 26.90 2.03
CA PRO B 129 11.21 27.57 2.52
C PRO B 129 11.43 27.32 3.97
N PHE B 130 10.34 27.09 4.72
CA PHE B 130 10.53 26.61 6.07
C PHE B 130 11.24 25.24 6.21
N LEU B 131 10.86 24.24 5.37
CA LEU B 131 11.54 23.02 5.36
C LEU B 131 12.98 23.18 4.95
N LEU B 132 13.27 24.05 3.98
CA LEU B 132 14.70 24.28 3.61
C LEU B 132 15.50 24.91 4.72
N LEU B 133 14.86 25.80 5.47
CA LEU B 133 15.50 26.27 6.69
C LEU B 133 15.81 25.17 7.73
N ALA B 134 14.79 24.35 8.04
CA ALA B 134 14.87 23.36 9.09
C ALA B 134 15.93 22.29 8.80
N THR B 135 16.20 22.05 7.49
CA THR B 135 17.08 20.98 7.03
C THR B 135 18.37 21.50 6.53
N ASP B 136 18.62 22.83 6.74
CA ASP B 136 19.86 23.39 6.31
C ASP B 136 21.07 22.85 7.09
N LYS B 137 22.17 22.66 6.38
CA LYS B 137 23.40 22.15 7.07
C LYS B 137 23.70 22.95 8.35
N VAL B 138 23.49 24.28 8.24
CA VAL B 138 23.85 25.11 9.43
C VAL B 138 23.01 24.74 10.64
N LEU B 139 21.72 24.39 10.43
CA LEU B 139 20.85 24.11 11.52
C LEU B 139 20.80 22.63 11.91
N LEU B 140 21.51 21.79 11.17
CA LEU B 140 21.64 20.37 11.57
C LEU B 140 22.80 20.27 12.51
N GLU B 141 23.80 21.13 12.32
CA GLU B 141 25.04 21.03 13.13
C GLU B 141 24.85 21.08 14.65
N PRO B 142 23.90 21.89 15.17
CA PRO B 142 23.77 21.97 16.68
C PRO B 142 23.36 20.64 17.27
N TRP B 143 22.73 19.80 16.46
CA TRP B 143 22.24 18.54 17.04
C TRP B 143 23.37 17.65 17.52
N PHE B 144 24.60 17.84 16.96
CA PHE B 144 25.75 17.05 17.39
C PHE B 144 26.30 17.50 18.77
N TYR B 145 25.70 18.54 19.37
CA TYR B 145 26.11 19.15 20.60
C TYR B 145 25.01 19.16 21.64
N LEU B 146 23.98 18.40 21.37
CA LEU B 146 22.87 18.34 22.32
C LEU B 146 23.30 17.62 23.59
N LYS B 147 23.98 16.48 23.49
CA LYS B 147 24.43 15.80 24.70
C LYS B 147 25.35 16.76 25.52
N ASP B 148 26.21 17.48 24.81
CA ASP B 148 27.11 18.49 25.48
C ASP B 148 26.37 19.55 26.23
N ALA B 149 25.30 20.11 25.66
CA ALA B 149 24.51 21.11 26.38
C ALA B 149 23.88 20.54 27.63
N ILE B 150 23.36 19.29 27.57
CA ILE B 150 22.75 18.73 28.74
C ILE B 150 23.83 18.55 29.91
N LEU B 151 24.99 18.06 29.51
CA LEU B 151 26.02 17.73 30.53
C LEU B 151 26.71 19.01 30.98
N GLU B 152 26.97 19.93 30.07
CA GLU B 152 27.75 21.16 30.49
C GLU B 152 26.93 22.36 30.85
N GLY B 153 25.65 22.40 30.47
CA GLY B 153 24.88 23.59 30.45
C GLY B 153 25.13 24.29 29.11
N GLY B 154 24.39 25.33 28.86
CA GLY B 154 24.61 26.07 27.63
C GLY B 154 23.64 25.65 26.52
N ILE B 155 24.05 25.99 25.32
CA ILE B 155 23.12 25.95 24.16
C ILE B 155 23.85 25.19 23.07
N PRO B 156 23.21 24.14 22.46
CA PRO B 156 23.92 23.39 21.41
C PRO B 156 24.38 24.27 20.27
N PHE B 157 23.57 25.22 19.82
CA PHE B 157 23.98 26.07 18.71
C PHE B 157 25.30 26.87 19.05
N ASN B 158 25.33 27.41 20.25
CA ASN B 158 26.50 28.18 20.64
C ASN B 158 27.73 27.29 20.78
N LYS B 159 27.55 26.03 21.22
CA LYS B 159 28.69 25.15 21.23
C LYS B 159 29.25 24.86 19.83
N ALA B 160 28.37 24.70 18.82
CA ALA B 160 28.79 24.49 17.43
C ALA B 160 29.44 25.74 16.80
N TYR B 161 28.95 26.93 17.14
CA TYR B 161 29.32 28.12 16.36
C TYR B 161 30.10 29.18 17.10
N GLY B 162 30.22 28.98 18.38
CA GLY B 162 30.92 30.00 19.29
C GLY B 162 30.23 31.34 19.49
N MET B 163 28.92 31.44 19.18
CA MET B 163 28.13 32.63 19.42
C MET B 163 26.66 32.24 19.30
N ASN B 164 25.79 33.14 19.71
CA ASN B 164 24.35 32.81 19.65
C ASN B 164 23.87 32.88 18.17
N ILE B 165 22.73 32.25 17.97
CA ILE B 165 22.15 32.17 16.67
C ILE B 165 21.97 33.49 15.94
N TRP B 166 21.52 34.52 16.65
CA TRP B 166 21.27 35.77 15.95
C TRP B 166 22.62 36.41 15.52
N ASP B 167 23.58 36.38 16.40
CA ASP B 167 24.95 36.85 16.05
C ASP B 167 25.48 36.09 14.88
N TYR B 168 25.35 34.75 14.88
CA TYR B 168 25.83 33.97 13.76
C TYR B 168 25.12 34.38 12.44
N PHE B 169 23.78 34.64 12.49
CA PHE B 169 23.07 34.94 11.26
C PHE B 169 23.60 36.31 10.71
N GLY B 170 24.06 37.17 11.64
CA GLY B 170 24.63 38.44 11.21
C GLY B 170 25.98 38.26 10.53
N THR B 171 26.61 37.09 10.66
CA THR B 171 27.88 36.82 9.98
C THR B 171 27.76 35.98 8.72
N ASP B 172 26.58 35.33 8.53
CA ASP B 172 26.42 34.36 7.44
C ASP B 172 25.21 34.75 6.63
N HIS B 173 25.43 35.42 5.50
CA HIS B 173 24.39 36.12 4.72
C HIS B 173 23.49 35.15 4.07
N ARG B 174 24.03 33.97 3.73
CA ARG B 174 23.20 32.99 3.02
C ARG B 174 22.13 32.41 3.99
N ILE B 175 22.56 31.98 5.15
CA ILE B 175 21.60 31.44 6.14
C ILE B 175 20.65 32.50 6.71
N ASN B 176 21.13 33.73 6.84
CA ASN B 176 20.22 34.79 7.33
C ASN B 176 19.01 34.90 6.36
N LYS B 177 19.31 34.88 5.08
CA LYS B 177 18.30 34.98 4.02
C LYS B 177 17.39 33.79 4.06
N VAL B 178 17.98 32.60 4.20
CA VAL B 178 17.19 31.37 4.25
C VAL B 178 16.27 31.45 5.47
N PHE B 179 16.78 31.92 6.62
CA PHE B 179 15.95 31.98 7.83
C PHE B 179 14.85 33.02 7.72
N ASN B 180 15.20 34.17 7.23
CA ASN B 180 14.18 35.26 7.20
C ASN B 180 13.07 34.87 6.23
N LYS B 181 13.39 34.21 5.12
CA LYS B 181 12.37 33.77 4.14
C LYS B 181 11.55 32.57 4.66
N GLY B 182 12.18 31.69 5.40
CA GLY B 182 11.43 30.56 6.00
C GLY B 182 10.41 31.10 6.97
N MET B 183 10.82 32.06 7.81
CA MET B 183 9.90 32.63 8.74
C MET B 183 8.87 33.48 7.98
N SER B 184 9.25 34.27 6.94
CA SER B 184 8.22 35.17 6.41
C SER B 184 7.14 34.37 5.63
N SER B 185 7.56 33.29 4.96
CA SER B 185 6.60 32.47 4.26
C SER B 185 5.67 31.76 5.24
N ASN B 186 6.23 31.12 6.27
CA ASN B 186 5.38 30.52 7.27
C ASN B 186 4.39 31.53 7.93
N SER B 187 4.95 32.70 8.27
CA SER B 187 4.11 33.68 9.01
C SER B 187 3.08 34.29 8.11
N THR B 188 3.35 34.36 6.81
CA THR B 188 2.38 34.89 5.88
C THR B 188 1.16 34.00 5.88
N ILE B 189 1.38 32.69 5.77
CA ILE B 189 0.28 31.76 5.77
C ILE B 189 -0.55 31.80 7.08
N THR B 190 0.13 31.81 8.22
CA THR B 190 -0.58 31.80 9.48
C THR B 190 -1.30 33.16 9.71
N MET B 191 -0.60 34.24 9.46
CA MET B 191 -1.18 35.57 9.62
C MET B 191 -2.37 35.87 8.75
N LYS B 192 -2.38 35.36 7.51
CA LYS B 192 -3.53 35.53 6.65
C LYS B 192 -4.76 34.96 7.37
N LYS B 193 -4.58 33.76 7.95
CA LYS B 193 -5.73 33.15 8.62
C LYS B 193 -6.11 33.87 9.88
N ILE B 194 -5.13 34.33 10.64
CA ILE B 194 -5.41 35.01 11.90
C ILE B 194 -6.18 36.28 11.54
N LEU B 195 -5.75 36.99 10.50
CA LEU B 195 -6.44 38.31 10.14
C LEU B 195 -7.85 38.11 9.70
N GLU B 196 -8.24 36.90 9.28
CA GLU B 196 -9.64 36.69 8.94
C GLU B 196 -10.53 36.57 10.18
N MET B 197 -9.96 36.18 11.31
CA MET B 197 -10.73 35.76 12.46
C MET B 197 -10.55 36.64 13.67
N TYR B 198 -9.40 37.29 13.80
CA TYR B 198 -9.06 37.96 14.99
C TYR B 198 -9.26 39.46 14.78
N ASN B 199 -9.95 40.13 15.71
CA ASN B 199 -10.28 41.55 15.53
C ASN B 199 -9.47 42.49 16.37
N GLY B 200 -8.49 41.99 17.10
CA GLY B 200 -7.79 42.79 18.07
C GLY B 200 -6.97 43.95 17.54
N PHE B 201 -6.74 44.02 16.24
CA PHE B 201 -5.99 45.19 15.68
C PHE B 201 -6.88 46.40 15.38
N GLU B 202 -8.19 46.19 15.42
CA GLU B 202 -9.15 47.23 15.04
C GLU B 202 -9.09 48.34 16.02
N GLY B 203 -9.20 49.57 15.50
CA GLY B 203 -9.19 50.73 16.39
C GLY B 203 -7.85 51.14 16.97
N LEU B 204 -6.77 50.45 16.64
CA LEU B 204 -5.45 50.84 17.19
C LEU B 204 -4.94 52.03 16.34
N THR B 205 -4.19 52.94 16.98
CA THR B 205 -3.54 53.98 16.19
C THR B 205 -2.17 53.50 15.64
N THR B 206 -1.43 52.81 16.49
CA THR B 206 -0.03 52.38 16.18
C THR B 206 0.11 50.92 16.65
N ILE B 207 0.69 50.07 15.80
CA ILE B 207 1.05 48.70 16.22
C ILE B 207 2.58 48.57 15.98
N VAL B 208 3.24 47.92 16.94
CA VAL B 208 4.65 47.62 16.85
C VAL B 208 4.83 46.11 16.76
N ASP B 209 5.42 45.64 15.67
CA ASP B 209 5.76 44.18 15.60
C ASP B 209 7.21 44.02 16.12
N VAL B 210 7.35 43.53 17.33
CA VAL B 210 8.67 43.38 17.95
C VAL B 210 9.31 42.02 17.58
N GLY B 211 10.53 42.04 17.01
CA GLY B 211 11.08 40.82 16.37
C GLY B 211 10.28 40.48 15.10
N GLY B 212 9.85 41.52 14.37
CA GLY B 212 9.04 41.34 13.15
C GLY B 212 9.72 40.77 11.96
N GLY B 213 10.99 40.50 12.03
CA GLY B 213 11.65 39.91 10.87
C GLY B 213 11.73 40.91 9.75
N THR B 214 11.50 40.42 8.54
CA THR B 214 11.60 41.33 7.39
C THR B 214 10.30 42.14 7.24
N GLY B 215 9.37 41.95 8.16
CA GLY B 215 8.20 42.81 8.14
C GLY B 215 7.01 42.37 7.41
N ALA B 216 7.00 41.10 6.96
CA ALA B 216 5.82 40.58 6.29
C ALA B 216 4.56 40.77 7.13
N VAL B 217 4.58 40.50 8.43
CA VAL B 217 3.38 40.61 9.25
C VAL B 217 2.91 42.07 9.37
N ALA B 218 3.83 42.98 9.66
CA ALA B 218 3.43 44.41 9.75
C ALA B 218 2.79 44.86 8.45
N SER B 219 3.33 44.40 7.33
CA SER B 219 2.79 44.84 6.03
C SER B 219 1.42 44.28 5.80
N MET B 220 1.14 43.05 6.33
CA MET B 220 -0.21 42.50 6.25
C MET B 220 -1.20 43.28 7.10
N ILE B 221 -0.76 43.76 8.28
CA ILE B 221 -1.62 44.48 9.22
C ILE B 221 -1.99 45.81 8.57
N VAL B 222 -1.02 46.56 8.03
CA VAL B 222 -1.39 47.84 7.40
C VAL B 222 -2.21 47.70 6.12
N ALA B 223 -1.97 46.64 5.35
CA ALA B 223 -2.78 46.34 4.16
C ALA B 223 -4.23 46.25 4.60
N LYS B 224 -4.46 45.61 5.74
CA LYS B 224 -5.85 45.40 6.18
C LYS B 224 -6.44 46.68 6.84
N TYR B 225 -5.56 47.46 7.48
CA TYR B 225 -5.99 48.60 8.28
C TYR B 225 -5.13 49.81 7.89
N PRO B 226 -5.43 50.40 6.73
CA PRO B 226 -4.56 51.48 6.16
C PRO B 226 -4.52 52.75 7.00
N SER B 227 -5.36 52.85 8.05
CA SER B 227 -5.20 53.98 8.97
C SER B 227 -4.25 53.76 10.11
N ILE B 228 -3.62 52.57 10.18
CA ILE B 228 -2.75 52.29 11.32
C ILE B 228 -1.30 52.67 10.98
N ASN B 229 -0.59 53.22 11.95
CA ASN B 229 0.87 53.47 11.91
C ASN B 229 1.48 52.07 12.20
N ALA B 230 2.33 51.50 11.34
CA ALA B 230 2.94 50.18 11.70
C ALA B 230 4.44 50.27 11.79
N ILE B 231 5.01 49.82 12.91
CA ILE B 231 6.44 49.76 13.05
C ILE B 231 6.90 48.31 13.04
N ASN B 232 7.87 48.01 12.19
CA ASN B 232 8.54 46.69 12.23
C ASN B 232 9.85 46.84 12.95
N PHE B 233 10.04 46.15 14.09
CA PHE B 233 11.25 46.36 14.89
C PHE B 233 12.02 45.05 14.95
N ASP B 234 13.33 45.09 14.63
CA ASP B 234 14.12 43.86 14.73
C ASP B 234 15.56 44.26 14.81
N LEU B 235 16.47 43.28 14.78
CA LEU B 235 17.92 43.55 14.73
C LEU B 235 18.31 44.25 13.41
N PRO B 236 19.33 45.16 13.47
CA PRO B 236 19.82 45.83 12.22
C PRO B 236 20.14 44.84 11.05
N HIS B 237 20.72 43.67 11.30
CA HIS B 237 21.07 42.80 10.15
C HIS B 237 19.83 42.18 9.42
N VAL B 238 18.68 42.23 10.10
CA VAL B 238 17.42 41.72 9.55
C VAL B 238 16.72 42.82 8.82
N ILE B 239 16.77 44.01 9.40
CA ILE B 239 16.07 45.21 8.90
C ILE B 239 16.73 45.70 7.63
N GLN B 240 18.05 45.73 7.62
CA GLN B 240 18.83 46.11 6.42
C GLN B 240 18.32 45.55 5.07
N ASP B 241 17.98 44.26 5.04
CA ASP B 241 17.46 43.48 3.91
C ASP B 241 15.98 43.73 3.57
N ALA B 242 15.21 44.25 4.54
CA ALA B 242 13.76 44.13 4.53
C ALA B 242 13.10 44.98 3.45
N PRO B 243 12.15 44.40 2.68
CA PRO B 243 11.41 45.15 1.63
C PRO B 243 10.81 46.44 2.24
N ALA B 244 10.81 47.52 1.45
CA ALA B 244 10.28 48.81 1.89
C ALA B 244 8.75 48.77 1.68
N PHE B 245 8.09 48.01 2.53
CA PHE B 245 6.62 47.94 2.44
C PHE B 245 5.96 49.31 2.75
N SER B 246 4.93 49.58 1.94
CA SER B 246 4.16 50.77 2.10
C SER B 246 3.55 50.78 3.53
N GLY B 247 3.64 51.93 4.24
CA GLY B 247 3.03 52.03 5.58
C GLY B 247 3.70 51.35 6.77
N VAL B 248 4.88 50.81 6.51
CA VAL B 248 5.66 50.18 7.53
C VAL B 248 6.92 51.00 7.77
N GLU B 249 7.16 51.35 9.00
CA GLU B 249 8.42 51.98 9.37
C GLU B 249 9.29 50.90 10.01
N HIS B 250 10.44 50.63 9.38
CA HIS B 250 11.44 49.70 9.96
C HIS B 250 12.37 50.35 10.93
N LEU B 251 12.59 49.70 12.05
CA LEU B 251 13.47 50.25 13.05
C LEU B 251 14.31 49.09 13.60
N GLY B 252 15.66 49.28 13.58
CA GLY B 252 16.61 48.31 14.16
C GLY B 252 16.92 48.61 15.61
N GLY B 253 17.12 47.57 16.41
CA GLY B 253 17.40 47.72 17.78
C GLY B 253 17.56 46.36 18.42
N ASP B 254 17.56 46.40 19.72
CA ASP B 254 17.63 45.18 20.55
C ASP B 254 16.47 45.33 21.56
N MET B 255 15.47 44.42 21.51
CA MET B 255 14.32 44.52 22.37
C MET B 255 14.53 44.40 23.91
N PHE B 256 15.72 43.96 24.31
CA PHE B 256 15.93 43.78 25.70
C PHE B 256 16.37 45.12 26.27
N ASP B 257 16.77 46.02 25.40
CA ASP B 257 17.11 47.44 25.82
C ASP B 257 15.82 48.18 26.04
N GLY B 258 14.91 48.05 25.06
CA GLY B 258 13.60 48.65 25.07
C GLY B 258 13.02 48.45 23.66
N VAL B 259 11.75 48.80 23.52
CA VAL B 259 11.00 48.69 22.27
C VAL B 259 10.29 50.01 21.89
N PRO B 260 9.92 50.21 20.61
CA PRO B 260 9.14 51.39 20.24
C PRO B 260 7.77 51.46 20.88
N LYS B 261 7.32 52.69 21.09
CA LYS B 261 6.02 52.94 21.66
C LYS B 261 4.86 52.69 20.68
N GLY B 262 3.74 52.22 21.19
CA GLY B 262 2.61 51.93 20.31
C GLY B 262 1.39 51.63 21.18
N ASP B 263 0.20 51.53 20.57
CA ASP B 263 -1.03 51.21 21.27
C ASP B 263 -1.10 49.71 21.63
N ALA B 264 -0.38 48.92 20.82
CA ALA B 264 -0.27 47.50 21.03
C ALA B 264 1.08 47.04 20.47
N ILE B 265 1.61 45.95 21.02
CA ILE B 265 2.86 45.38 20.57
C ILE B 265 2.50 43.99 20.20
N PHE B 266 2.94 43.56 19.05
CA PHE B 266 2.69 42.16 18.62
C PHE B 266 4.01 41.42 18.68
N ILE B 267 3.97 40.23 19.23
CA ILE B 267 5.21 39.41 19.28
C ILE B 267 4.78 37.99 18.87
N LYS B 268 5.26 37.62 17.70
CA LYS B 268 4.96 36.25 17.18
C LYS B 268 6.26 35.46 17.20
N TRP B 269 6.20 34.31 17.89
CA TRP B 269 7.34 33.39 17.97
C TRP B 269 8.57 34.10 18.50
N ILE B 270 8.36 35.07 19.43
CA ILE B 270 9.44 35.67 20.19
C ILE B 270 9.64 35.03 21.55
N CYS B 271 8.59 34.95 22.35
CA CYS B 271 8.74 34.37 23.69
C CYS B 271 9.31 32.96 23.61
N HIS B 272 8.89 32.16 22.60
CA HIS B 272 9.46 30.84 22.64
C HIS B 272 10.97 30.76 22.33
N ASP B 273 11.59 31.88 21.93
CA ASP B 273 13.05 31.89 21.63
C ASP B 273 13.86 32.10 22.91
N TRP B 274 13.19 32.39 24.03
CA TRP B 274 13.96 32.97 25.18
C TRP B 274 13.53 32.38 26.51
N SER B 275 14.47 32.39 27.46
CA SER B 275 14.17 31.94 28.84
C SER B 275 13.07 32.77 29.51
N ASP B 276 12.55 32.25 30.62
CA ASP B 276 11.57 32.97 31.40
C ASP B 276 12.11 34.38 31.81
N GLU B 277 13.37 34.40 32.24
CA GLU B 277 13.98 35.65 32.70
C GLU B 277 14.05 36.61 31.56
N HIS B 278 14.42 36.13 30.38
CA HIS B 278 14.53 37.02 29.24
C HIS B 278 13.15 37.55 28.88
N CYS B 279 12.16 36.65 28.86
CA CYS B 279 10.77 37.03 28.55
C CYS B 279 10.24 38.12 29.51
N LEU B 280 10.57 37.98 30.81
CA LEU B 280 10.08 38.91 31.80
C LEU B 280 10.69 40.27 31.47
N LYS B 281 11.97 40.26 31.09
CA LYS B 281 12.62 41.53 30.76
C LYS B 281 11.97 42.17 29.53
N LEU B 282 11.74 41.37 28.46
CA LEU B 282 11.09 41.83 27.28
C LEU B 282 9.67 42.36 27.60
N LEU B 283 8.87 41.64 28.37
CA LEU B 283 7.45 41.97 28.59
C LEU B 283 7.37 43.20 29.52
N LYS B 284 8.31 43.35 30.44
CA LYS B 284 8.36 44.64 31.21
C LYS B 284 8.67 45.83 30.29
N ASN B 285 9.55 45.63 29.31
CA ASN B 285 9.84 46.67 28.30
C ASN B 285 8.62 47.01 27.50
N CYS B 286 7.82 45.99 27.12
CA CYS B 286 6.61 46.21 26.42
C CYS B 286 5.63 46.98 27.29
N TYR B 287 5.50 46.57 28.52
CA TYR B 287 4.57 47.25 29.46
C TYR B 287 4.87 48.75 29.49
N ALA B 288 6.16 49.07 29.60
CA ALA B 288 6.60 50.50 29.65
C ALA B 288 6.42 51.22 28.33
N ALA B 289 6.38 50.51 27.21
CA ALA B 289 6.15 51.15 25.92
C ALA B 289 4.65 51.40 25.51
N LEU B 290 3.70 50.95 26.37
CA LEU B 290 2.29 50.96 26.05
C LEU B 290 1.62 52.08 26.85
N PRO B 291 0.52 52.62 26.32
CA PRO B 291 -0.36 53.50 27.12
C PRO B 291 -1.11 52.67 28.19
N ASP B 292 -1.88 53.30 29.08
CA ASP B 292 -2.51 52.58 30.19
C ASP B 292 -3.49 51.52 29.75
N HIS B 293 -4.10 51.71 28.59
CA HIS B 293 -5.10 50.79 28.06
C HIS B 293 -4.50 49.89 26.95
N GLY B 294 -3.20 49.86 26.87
CA GLY B 294 -2.55 49.10 25.79
C GLY B 294 -2.45 47.61 26.10
N LYS B 295 -1.96 46.87 25.10
CA LYS B 295 -1.86 45.37 25.29
C LYS B 295 -0.66 44.86 24.47
N VAL B 296 -0.18 43.69 24.87
CA VAL B 296 0.77 42.90 24.04
C VAL B 296 -0.13 41.80 23.42
N ILE B 297 0.06 41.56 22.13
CA ILE B 297 -0.66 40.52 21.40
C ILE B 297 0.45 39.45 21.16
N VAL B 298 0.29 38.23 21.66
CA VAL B 298 1.42 37.26 21.70
C VAL B 298 0.89 36.09 20.83
N ALA B 299 1.62 35.71 19.76
CA ALA B 299 1.19 34.60 18.90
C ALA B 299 2.20 33.49 19.04
N GLU B 300 1.75 32.38 19.64
CA GLU B 300 2.68 31.29 19.98
C GLU B 300 1.93 30.00 19.94
N TYR B 301 2.65 28.88 19.78
CA TYR B 301 2.02 27.63 20.22
C TYR B 301 1.72 27.56 21.72
N ILE B 302 0.83 26.66 22.06
CA ILE B 302 0.59 26.37 23.52
C ILE B 302 0.83 24.89 23.74
N LEU B 303 1.66 24.52 24.72
CA LEU B 303 1.87 23.10 25.02
C LEU B 303 0.62 22.46 25.45
N PRO B 304 0.29 21.28 24.89
CA PRO B 304 -0.81 20.42 25.33
C PRO B 304 -0.52 19.81 26.70
N PRO B 305 -1.56 19.28 27.34
CA PRO B 305 -1.44 18.67 28.68
C PRO B 305 -0.54 17.46 28.79
N SER B 306 -0.30 16.75 27.68
CA SER B 306 0.44 15.51 27.80
C SER B 306 1.12 15.32 26.46
N PRO B 307 2.14 14.45 26.45
CA PRO B 307 2.79 14.13 25.17
C PRO B 307 2.06 13.09 24.34
N ASP B 308 0.90 13.49 23.87
CA ASP B 308 0.04 12.58 23.12
C ASP B 308 0.57 12.44 21.70
N PRO B 309 0.05 11.43 20.96
CA PRO B 309 0.63 11.14 19.62
C PRO B 309 0.12 11.96 18.44
N SER B 310 -0.74 12.96 18.64
CA SER B 310 -1.30 13.67 17.53
C SER B 310 -0.30 14.54 16.80
N ILE B 311 -0.58 14.77 15.51
CA ILE B 311 0.36 15.57 14.71
C ILE B 311 0.44 17.00 15.28
N ALA B 312 -0.73 17.55 15.69
CA ALA B 312 -0.70 18.94 16.20
C ALA B 312 0.20 19.02 17.43
N THR B 313 0.05 18.09 18.35
CA THR B 313 0.94 18.06 19.57
C THR B 313 2.37 17.86 19.19
N LYS B 314 2.60 16.90 18.32
CA LYS B 314 3.99 16.66 17.86
C LYS B 314 4.65 17.91 17.29
N VAL B 315 3.91 18.70 16.53
CA VAL B 315 4.45 19.92 16.02
C VAL B 315 4.93 20.81 17.17
N VAL B 316 4.08 20.93 18.20
CA VAL B 316 4.53 21.82 19.32
C VAL B 316 5.76 21.23 20.00
N ILE B 317 5.79 19.89 20.24
CA ILE B 317 6.93 19.31 20.92
C ILE B 317 8.15 19.28 20.00
N HIS B 318 8.01 19.10 18.66
CA HIS B 318 9.20 19.24 17.77
C HIS B 318 9.73 20.67 17.98
N THR B 319 8.83 21.68 18.07
CA THR B 319 9.31 23.06 18.10
C THR B 319 9.99 23.28 19.43
N ASP B 320 9.48 22.69 20.50
CA ASP B 320 10.15 22.77 21.85
C ASP B 320 11.57 22.20 21.75
N ALA B 321 11.76 21.09 20.99
CA ALA B 321 13.12 20.51 20.79
C ALA B 321 13.99 21.41 19.91
N LEU B 322 13.42 22.05 18.90
CA LEU B 322 14.17 23.05 18.09
C LEU B 322 14.63 24.21 18.98
N MET B 323 13.73 24.73 19.85
CA MET B 323 14.19 25.80 20.72
C MET B 323 15.31 25.37 21.67
N LEU B 324 15.28 24.13 22.16
CA LEU B 324 16.34 23.59 23.03
C LEU B 324 17.68 23.54 22.26
N ALA B 325 17.67 23.21 20.97
CA ALA B 325 18.87 23.14 20.19
C ALA B 325 19.43 24.54 19.83
N TYR B 326 18.55 25.51 19.68
CA TYR B 326 18.98 26.71 18.96
C TYR B 326 19.08 27.89 19.83
N ASN B 327 18.29 27.96 20.91
CA ASN B 327 17.96 29.30 21.43
C ASN B 327 18.35 29.40 22.90
N PRO B 328 18.63 30.64 23.39
CA PRO B 328 19.01 30.87 24.77
C PRO B 328 17.81 30.74 25.72
N GLY B 329 17.53 29.52 26.13
CA GLY B 329 16.49 29.17 27.08
C GLY B 329 15.10 29.09 26.50
N GLY B 330 15.03 29.25 25.18
CA GLY B 330 13.70 29.14 24.54
C GLY B 330 13.04 27.80 24.72
N LYS B 331 11.73 27.83 24.78
CA LYS B 331 10.96 26.62 25.06
C LYS B 331 9.52 26.95 24.81
N GLU B 332 8.71 25.91 24.63
CA GLU B 332 7.23 26.07 24.52
C GLU B 332 6.65 26.09 25.94
N ARG B 333 5.51 26.75 25.99
CA ARG B 333 4.84 27.01 27.26
C ARG B 333 3.37 26.68 27.28
N THR B 334 2.86 26.32 28.47
CA THR B 334 1.39 26.13 28.60
C THR B 334 0.67 27.48 28.80
N GLU B 335 -0.66 27.45 28.68
CA GLU B 335 -1.49 28.67 28.81
C GLU B 335 -1.24 29.24 30.22
N LYS B 336 -1.21 28.40 31.24
CA LYS B 336 -0.92 28.87 32.62
C LYS B 336 0.46 29.53 32.74
N GLU B 337 1.43 29.06 31.97
CA GLU B 337 2.73 29.69 32.01
C GLU B 337 2.73 31.07 31.31
N PHE B 338 2.01 31.19 30.18
CA PHE B 338 1.90 32.50 29.52
C PHE B 338 1.18 33.47 30.50
N GLN B 339 0.10 32.99 31.16
CA GLN B 339 -0.61 33.81 32.16
C GLN B 339 0.40 34.29 33.24
N ALA B 340 1.20 33.39 33.75
CA ALA B 340 2.17 33.75 34.80
C ALA B 340 3.19 34.80 34.32
N LEU B 341 3.60 34.71 33.04
CA LEU B 341 4.50 35.75 32.50
C LEU B 341 3.82 37.10 32.40
N ALA B 342 2.55 37.10 32.03
CA ALA B 342 1.74 38.34 31.84
C ALA B 342 1.61 39.00 33.24
N MET B 343 1.25 38.22 34.26
CA MET B 343 1.07 38.74 35.65
C MET B 343 2.38 39.22 36.19
N ALA B 344 3.44 38.43 36.03
CA ALA B 344 4.78 38.82 36.52
C ALA B 344 5.41 40.11 35.89
N SER B 345 4.97 40.48 34.69
CA SER B 345 5.42 41.72 34.06
C SER B 345 4.43 42.87 34.25
N GLY B 346 3.44 42.69 35.12
CA GLY B 346 2.53 43.78 35.46
C GLY B 346 1.18 43.81 34.78
N PHE B 347 0.96 42.97 33.76
CA PHE B 347 -0.35 43.00 33.07
C PHE B 347 -1.49 42.41 33.93
N ARG B 348 -2.63 43.04 33.88
CA ARG B 348 -3.72 42.72 34.79
C ARG B 348 -4.74 41.80 34.16
N GLY B 349 -4.75 41.73 32.82
CA GLY B 349 -5.74 40.98 32.02
C GLY B 349 -4.98 39.95 31.15
N PHE B 350 -5.62 38.81 30.87
CA PHE B 350 -4.99 37.76 30.03
C PHE B 350 -6.15 37.13 29.29
N LYS B 351 -6.07 37.00 27.96
CA LYS B 351 -7.08 36.20 27.27
C LYS B 351 -6.53 35.45 26.06
N VAL B 352 -7.10 34.26 25.79
CA VAL B 352 -6.76 33.55 24.55
C VAL B 352 -7.81 33.97 23.54
N ALA B 353 -7.43 34.70 22.49
CA ALA B 353 -8.37 35.29 21.57
C ALA B 353 -8.68 34.50 20.35
N SER B 354 -7.66 33.88 19.76
CA SER B 354 -7.91 33.24 18.42
C SER B 354 -6.83 32.11 18.29
N CYS B 355 -6.96 31.32 17.21
CA CYS B 355 -5.95 30.27 16.90
C CYS B 355 -6.00 30.00 15.41
N ALA B 356 -4.84 29.86 14.76
CA ALA B 356 -4.78 29.43 13.37
C ALA B 356 -3.57 28.52 13.23
N PHE B 357 -3.71 27.35 12.55
CA PHE B 357 -2.59 26.43 12.37
C PHE B 357 -1.76 26.18 13.64
N ASN B 358 -2.47 26.03 14.77
CA ASN B 358 -1.76 25.73 16.00
C ASN B 358 -1.20 26.94 16.73
N THR B 359 -1.19 28.11 16.05
CA THR B 359 -0.68 29.34 16.68
C THR B 359 -1.84 30.00 17.42
N TYR B 360 -1.74 30.13 18.75
CA TYR B 360 -2.81 30.85 19.47
C TYR B 360 -2.41 32.33 19.53
N VAL B 361 -3.44 33.15 19.64
CA VAL B 361 -3.18 34.58 19.78
C VAL B 361 -3.70 34.91 21.14
N MET B 362 -2.79 35.35 21.98
CA MET B 362 -3.14 35.74 23.37
C MET B 362 -3.03 37.27 23.52
N GLU B 363 -3.84 37.83 24.42
CA GLU B 363 -3.67 39.26 24.73
C GLU B 363 -3.29 39.42 26.21
N PHE B 364 -2.26 40.24 26.44
CA PHE B 364 -1.81 40.55 27.82
C PHE B 364 -2.29 41.99 27.96
N LEU B 365 -3.27 42.24 28.84
CA LEU B 365 -3.99 43.53 28.90
C LEU B 365 -3.44 44.36 30.10
N LYS B 366 -3.04 45.62 29.90
CA LYS B 366 -2.38 46.33 30.99
C LYS B 366 -3.32 46.57 32.14
N THR B 367 -4.53 46.88 31.74
CA THR B 367 -5.60 47.09 32.73
C THR B 367 -6.68 46.07 32.40
N ALA B 368 -7.20 45.39 33.43
CA ALA B 368 -8.19 44.31 33.22
C ALA B 368 -9.57 44.91 33.10
N HIS C 15 -2.76 7.40 -25.33
CA HIS C 15 -1.54 6.89 -26.03
C HIS C 15 -1.65 5.36 -26.12
N SER C 16 -0.52 4.65 -26.00
CA SER C 16 -0.65 3.25 -25.65
C SER C 16 -0.91 3.21 -24.13
N SER C 17 -0.70 4.34 -23.44
CA SER C 17 -1.29 4.47 -22.11
C SER C 17 -2.85 4.50 -22.19
N ASP C 18 -3.45 5.13 -23.22
CA ASP C 18 -4.89 4.95 -23.45
C ASP C 18 -5.22 3.50 -23.77
N GLU C 19 -4.42 2.86 -24.63
CA GLU C 19 -4.67 1.42 -24.91
C GLU C 19 -4.61 0.60 -23.63
N GLU C 20 -3.56 0.75 -22.79
CA GLU C 20 -3.52 -0.07 -21.57
C GLU C 20 -4.72 0.18 -20.62
N ALA C 21 -5.13 1.43 -20.44
CA ALA C 21 -6.28 1.69 -19.54
C ALA C 21 -7.61 1.05 -20.05
N ASN C 22 -7.82 1.16 -21.36
CA ASN C 22 -9.04 0.65 -21.99
C ASN C 22 -9.04 -0.89 -21.82
N LEU C 23 -7.89 -1.54 -22.15
CA LEU C 23 -7.80 -3.01 -22.02
C LEU C 23 -7.99 -3.49 -20.56
N PHE C 24 -7.44 -2.71 -19.59
CA PHE C 24 -7.66 -3.10 -18.24
C PHE C 24 -9.12 -2.97 -17.83
N ALA C 25 -9.75 -1.89 -18.25
CA ALA C 25 -11.18 -1.81 -18.00
C ALA C 25 -11.99 -3.06 -18.61
N MET C 26 -11.64 -3.42 -19.82
CA MET C 26 -12.23 -4.65 -20.44
C MET C 26 -11.94 -5.91 -19.66
N GLN C 27 -10.73 -6.05 -19.13
CA GLN C 27 -10.41 -7.18 -18.29
C GLN C 27 -11.25 -7.21 -17.04
N LEU C 28 -11.44 -6.04 -16.40
CA LEU C 28 -12.18 -5.96 -15.16
C LEU C 28 -13.69 -6.34 -15.45
N ALA C 29 -14.19 -5.92 -16.62
CA ALA C 29 -15.62 -6.05 -16.92
C ALA C 29 -15.97 -7.60 -16.91
N SER C 30 -15.05 -8.39 -17.52
CA SER C 30 -15.35 -9.80 -17.59
C SER C 30 -14.53 -10.63 -16.62
N ALA C 31 -13.97 -9.99 -15.56
CA ALA C 31 -13.20 -10.71 -14.60
C ALA C 31 -13.81 -11.99 -13.96
N ALA C 32 -15.12 -12.06 -13.81
CA ALA C 32 -15.71 -13.29 -13.20
C ALA C 32 -15.51 -14.51 -14.08
N VAL C 33 -15.19 -14.38 -15.38
CA VAL C 33 -14.90 -15.62 -16.18
C VAL C 33 -13.86 -16.49 -15.56
N LEU C 34 -12.87 -15.88 -14.87
CA LEU C 34 -11.83 -16.74 -14.32
C LEU C 34 -12.28 -17.67 -13.20
N PRO C 35 -12.92 -17.16 -12.14
CA PRO C 35 -13.34 -18.12 -11.06
C PRO C 35 -14.47 -19.06 -11.58
N MET C 36 -15.31 -18.58 -12.49
CA MET C 36 -16.46 -19.43 -12.93
C MET C 36 -15.90 -20.50 -13.83
N ALA C 37 -14.87 -20.20 -14.64
CA ALA C 37 -14.20 -21.27 -15.51
C ALA C 37 -13.45 -22.27 -14.64
N LEU C 38 -12.75 -21.72 -13.59
CA LEU C 38 -12.10 -22.66 -12.67
C LEU C 38 -13.06 -23.54 -11.91
N LYS C 39 -14.20 -22.98 -11.49
CA LYS C 39 -15.22 -23.78 -10.84
C LYS C 39 -15.64 -24.98 -11.73
N ALA C 40 -15.83 -24.69 -13.01
CA ALA C 40 -16.30 -25.76 -13.92
C ALA C 40 -15.20 -26.79 -14.01
N ALA C 41 -13.98 -26.35 -14.16
CA ALA C 41 -12.85 -27.27 -14.26
C ALA C 41 -12.80 -28.17 -13.05
N ILE C 42 -12.97 -27.64 -11.85
CA ILE C 42 -12.93 -28.41 -10.62
C ILE C 42 -14.15 -29.36 -10.56
N GLU C 43 -15.33 -28.88 -10.91
CA GLU C 43 -16.52 -29.79 -10.86
C GLU C 43 -16.40 -30.90 -11.89
N LEU C 44 -15.64 -30.69 -12.97
CA LEU C 44 -15.44 -31.75 -13.98
C LEU C 44 -14.32 -32.69 -13.53
N ASP C 45 -13.72 -32.44 -12.37
CA ASP C 45 -12.54 -33.22 -11.95
C ASP C 45 -11.25 -33.01 -12.78
N VAL C 46 -11.15 -31.94 -13.55
CA VAL C 46 -10.03 -31.80 -14.48
C VAL C 46 -8.70 -31.74 -13.76
N LEU C 47 -8.62 -30.95 -12.67
CA LEU C 47 -7.35 -30.82 -11.99
C LEU C 47 -6.91 -32.16 -11.35
N GLU C 48 -7.85 -32.88 -10.73
CA GLU C 48 -7.55 -34.27 -10.20
C GLU C 48 -7.12 -35.19 -11.38
N ILE C 49 -7.77 -35.13 -12.53
CA ILE C 49 -7.41 -36.00 -13.68
C ILE C 49 -6.01 -35.66 -14.10
N MET C 50 -5.72 -34.37 -14.18
CA MET C 50 -4.37 -33.94 -14.55
C MET C 50 -3.39 -34.46 -13.47
N ALA C 51 -3.72 -34.31 -12.18
CA ALA C 51 -2.70 -34.59 -11.15
C ALA C 51 -2.34 -36.10 -11.17
N LYS C 52 -3.32 -36.91 -11.51
CA LYS C 52 -3.14 -38.39 -11.52
C LYS C 52 -2.60 -38.90 -12.87
N SER C 53 -2.65 -38.10 -13.95
CA SER C 53 -2.37 -38.62 -15.30
C SER C 53 -1.21 -37.98 -15.99
N VAL C 54 -0.76 -36.79 -15.58
CA VAL C 54 0.35 -36.14 -16.33
C VAL C 54 1.53 -37.08 -16.40
N PRO C 55 2.04 -37.29 -17.64
CA PRO C 55 3.20 -38.14 -17.91
C PRO C 55 4.45 -37.59 -17.22
N PRO C 56 5.58 -38.29 -17.39
CA PRO C 56 6.86 -37.77 -16.87
C PRO C 56 7.25 -36.40 -17.50
N SER C 57 6.90 -36.19 -18.78
CA SER C 57 7.02 -34.91 -19.49
C SER C 57 6.35 -33.73 -18.71
N GLY C 58 5.22 -33.99 -18.05
CA GLY C 58 4.63 -32.98 -17.21
C GLY C 58 3.35 -32.38 -17.76
N TYR C 59 2.99 -32.65 -19.03
CA TYR C 59 1.84 -31.96 -19.71
C TYR C 59 0.92 -32.96 -20.32
N ILE C 60 -0.38 -32.67 -20.34
CA ILE C 60 -1.29 -33.64 -20.92
C ILE C 60 -2.24 -32.86 -21.89
N SER C 61 -2.68 -33.52 -22.97
CA SER C 61 -3.64 -32.84 -23.90
C SER C 61 -5.08 -32.78 -23.41
N PRO C 62 -5.84 -31.78 -23.93
CA PRO C 62 -7.22 -31.75 -23.57
C PRO C 62 -7.95 -32.99 -24.02
N ALA C 63 -7.52 -33.56 -25.15
CA ALA C 63 -8.24 -34.75 -25.58
C ALA C 63 -7.99 -35.91 -24.60
N GLU C 64 -6.76 -36.04 -24.07
CA GLU C 64 -6.48 -37.12 -23.10
C GLU C 64 -7.21 -36.84 -21.79
N ILE C 65 -7.34 -35.56 -21.42
CA ILE C 65 -8.14 -35.34 -20.21
C ILE C 65 -9.64 -35.72 -20.43
N ALA C 66 -10.20 -35.32 -21.58
CA ALA C 66 -11.59 -35.49 -21.88
C ALA C 66 -11.94 -36.98 -21.96
N ALA C 67 -10.97 -37.78 -22.30
CA ALA C 67 -11.20 -39.24 -22.33
C ALA C 67 -11.55 -39.81 -21.02
N GLN C 68 -11.17 -39.14 -19.94
CA GLN C 68 -11.50 -39.59 -18.59
C GLN C 68 -12.78 -38.98 -18.07
N LEU C 69 -13.42 -38.10 -18.83
CA LEU C 69 -14.66 -37.54 -18.34
C LEU C 69 -15.84 -38.48 -18.77
N PRO C 70 -16.95 -38.50 -18.00
CA PRO C 70 -18.20 -39.34 -18.29
C PRO C 70 -19.02 -38.72 -19.43
N THR C 71 -18.48 -38.76 -20.65
CA THR C 71 -19.13 -38.10 -21.80
C THR C 71 -18.75 -38.72 -23.12
N THR C 72 -19.70 -38.63 -24.03
CA THR C 72 -19.38 -38.89 -25.45
C THR C 72 -19.66 -37.65 -26.32
N ASN C 73 -19.63 -36.47 -25.69
CA ASN C 73 -19.78 -35.28 -26.48
C ASN C 73 -18.52 -35.08 -27.32
N PRO C 74 -18.65 -34.99 -28.64
CA PRO C 74 -17.38 -34.90 -29.43
C PRO C 74 -16.71 -33.48 -29.31
N GLU C 75 -17.48 -32.49 -28.83
CA GLU C 75 -16.89 -31.15 -28.62
C GLU C 75 -16.20 -31.07 -27.23
N ALA C 76 -16.28 -32.06 -26.35
CA ALA C 76 -15.74 -31.89 -24.98
C ALA C 76 -14.20 -31.52 -25.06
N PRO C 77 -13.33 -32.19 -25.86
CA PRO C 77 -11.93 -31.77 -25.85
C PRO C 77 -11.69 -30.32 -26.23
N VAL C 78 -12.31 -29.82 -27.30
CA VAL C 78 -12.07 -28.40 -27.64
C VAL C 78 -12.69 -27.46 -26.54
N MET C 79 -13.81 -27.80 -25.96
CA MET C 79 -14.36 -26.94 -24.93
C MET C 79 -13.39 -26.94 -23.74
N LEU C 80 -12.85 -28.11 -23.37
CA LEU C 80 -11.84 -28.16 -22.25
C LEU C 80 -10.60 -27.34 -22.59
N ASP C 81 -10.12 -27.41 -23.85
CA ASP C 81 -8.94 -26.67 -24.29
C ASP C 81 -9.18 -25.18 -24.08
N ARG C 82 -10.39 -24.72 -24.40
CA ARG C 82 -10.67 -23.26 -24.36
C ARG C 82 -10.72 -22.87 -22.87
N VAL C 83 -11.29 -23.70 -21.98
CA VAL C 83 -11.28 -23.42 -20.49
C VAL C 83 -9.83 -23.43 -19.94
N LEU C 84 -9.05 -24.47 -20.33
CA LEU C 84 -7.66 -24.55 -19.86
C LEU C 84 -6.82 -23.39 -20.35
N ARG C 85 -7.10 -22.85 -21.55
CA ARG C 85 -6.29 -21.78 -22.14
C ARG C 85 -6.49 -20.53 -21.27
N LEU C 86 -7.74 -20.29 -20.79
CA LEU C 86 -7.97 -19.15 -19.88
C LEU C 86 -7.26 -19.38 -18.53
N LEU C 87 -7.33 -20.60 -17.99
CA LEU C 87 -6.64 -20.90 -16.72
C LEU C 87 -5.12 -20.74 -16.92
N ALA C 88 -4.63 -21.08 -18.10
CA ALA C 88 -3.14 -20.97 -18.31
C ALA C 88 -2.70 -19.51 -18.41
N SER C 89 -3.53 -18.63 -18.98
CA SER C 89 -3.18 -17.26 -19.09
C SER C 89 -2.99 -16.63 -17.70
N TYR C 90 -3.67 -17.15 -16.71
CA TYR C 90 -3.49 -16.70 -15.34
C TYR C 90 -2.57 -17.58 -14.53
N SER C 91 -1.82 -18.50 -15.14
CA SER C 91 -0.90 -19.38 -14.40
C SER C 91 -1.56 -20.25 -13.34
N VAL C 92 -2.86 -20.57 -13.54
CA VAL C 92 -3.45 -21.60 -12.68
C VAL C 92 -3.05 -22.99 -13.10
N VAL C 93 -2.89 -23.16 -14.41
CA VAL C 93 -2.17 -24.36 -14.97
C VAL C 93 -1.00 -23.90 -15.78
N THR C 94 -0.04 -24.79 -15.97
CA THR C 94 1.03 -24.49 -16.91
C THR C 94 0.68 -24.98 -18.29
N TYR C 95 1.46 -24.58 -19.28
CA TYR C 95 1.21 -25.05 -20.63
C TYR C 95 2.50 -25.16 -21.41
N THR C 96 2.42 -25.99 -22.42
CA THR C 96 3.48 -26.00 -23.43
C THR C 96 2.80 -26.06 -24.82
N LEU C 97 3.52 -25.62 -25.84
CA LEU C 97 2.97 -25.50 -27.19
C LEU C 97 3.63 -26.62 -27.96
N ARG C 98 2.85 -27.35 -28.73
CA ARG C 98 3.45 -28.41 -29.57
C ARG C 98 2.99 -28.08 -30.98
N GLU C 99 3.97 -27.95 -31.88
CA GLU C 99 3.73 -27.50 -33.24
C GLU C 99 3.17 -28.65 -34.09
N LEU C 100 2.18 -28.36 -34.92
CA LEU C 100 1.47 -29.38 -35.73
C LEU C 100 2.12 -29.33 -37.07
N PRO C 101 1.92 -30.39 -37.87
CA PRO C 101 2.58 -30.30 -39.21
C PRO C 101 2.13 -29.15 -40.05
N SER C 102 0.90 -28.63 -39.84
CA SER C 102 0.34 -27.46 -40.58
C SER C 102 1.01 -26.15 -40.16
N GLY C 103 1.81 -26.19 -39.09
CA GLY C 103 2.41 -24.95 -38.57
C GLY C 103 1.55 -24.25 -37.50
N LYS C 104 0.23 -24.55 -37.45
CA LYS C 104 -0.62 -24.39 -36.22
C LYS C 104 0.08 -24.98 -34.97
N VAL C 105 -0.35 -24.55 -33.80
CA VAL C 105 0.31 -24.97 -32.57
C VAL C 105 -0.86 -25.53 -31.75
N GLU C 106 -0.66 -26.62 -31.00
CA GLU C 106 -1.64 -27.03 -30.01
C GLU C 106 -1.11 -26.85 -28.62
N ARG C 107 -2.02 -26.89 -27.64
CA ARG C 107 -1.60 -26.70 -26.28
C ARG C 107 -1.70 -28.00 -25.45
N LEU C 108 -0.67 -28.20 -24.61
CA LEU C 108 -0.70 -29.28 -23.60
C LEU C 108 -0.56 -28.63 -22.23
N TYR C 109 -1.20 -29.15 -21.20
CA TYR C 109 -1.32 -28.45 -19.91
C TYR C 109 -0.72 -29.26 -18.82
N GLY C 110 -0.21 -28.57 -17.79
CA GLY C 110 0.31 -29.23 -16.62
C GLY C 110 -0.10 -28.48 -15.35
N LEU C 111 0.52 -28.90 -14.25
CA LEU C 111 0.13 -28.41 -12.95
C LEU C 111 1.00 -27.27 -12.51
N ALA C 112 0.41 -26.15 -12.11
CA ALA C 112 1.17 -25.04 -11.53
C ALA C 112 1.16 -25.15 -10.03
N PRO C 113 1.95 -24.37 -9.30
CA PRO C 113 2.04 -24.62 -7.82
C PRO C 113 0.70 -24.49 -7.11
N VAL C 114 -0.16 -23.59 -7.61
CA VAL C 114 -1.48 -23.41 -6.97
C VAL C 114 -2.27 -24.68 -7.01
N CYS C 115 -1.92 -25.53 -7.98
CA CYS C 115 -2.73 -26.74 -8.06
C CYS C 115 -2.56 -27.68 -6.86
N LYS C 116 -1.47 -27.58 -6.11
CA LYS C 116 -1.29 -28.32 -4.87
C LYS C 116 -2.41 -28.03 -3.92
N PHE C 117 -2.92 -26.78 -3.93
CA PHE C 117 -3.97 -26.43 -3.04
C PHE C 117 -5.35 -26.57 -3.63
N LEU C 118 -5.42 -26.92 -4.92
CA LEU C 118 -6.70 -27.13 -5.65
C LEU C 118 -7.02 -28.62 -5.91
N THR C 119 -6.14 -29.49 -5.45
CA THR C 119 -6.33 -30.95 -5.58
C THR C 119 -6.00 -31.56 -4.23
N LYS C 120 -6.62 -32.71 -3.91
CA LYS C 120 -6.34 -33.39 -2.61
C LYS C 120 -4.91 -33.66 -2.29
N ASN C 121 -4.51 -33.36 -1.05
CA ASN C 121 -3.13 -33.59 -0.68
C ASN C 121 -3.10 -35.01 -0.12
N GLU C 122 -2.04 -35.34 0.60
CA GLU C 122 -1.88 -36.65 1.23
C GLU C 122 -2.95 -36.95 2.29
N ASP C 123 -3.39 -35.93 3.03
CA ASP C 123 -4.54 -36.07 3.94
C ASP C 123 -5.92 -35.97 3.24
N GLY C 124 -5.99 -35.99 1.90
CA GLY C 124 -7.31 -35.90 1.30
C GLY C 124 -8.09 -34.58 1.33
N VAL C 125 -7.39 -33.46 1.61
CA VAL C 125 -8.07 -32.15 1.56
C VAL C 125 -7.37 -31.16 0.59
N SER C 126 -8.14 -30.16 0.23
CA SER C 126 -7.63 -29.04 -0.57
C SER C 126 -8.56 -27.88 -0.40
N LEU C 127 -8.27 -26.79 -1.08
CA LEU C 127 -9.08 -25.64 -1.02
C LEU C 127 -10.19 -25.69 -2.11
N ALA C 128 -10.21 -26.75 -2.93
CA ALA C 128 -11.25 -26.82 -4.00
C ALA C 128 -12.67 -26.67 -3.39
N PRO C 129 -12.97 -27.35 -2.30
CA PRO C 129 -14.31 -27.15 -1.74
C PRO C 129 -14.62 -25.75 -1.31
N PHE C 130 -13.57 -25.00 -0.86
CA PHE C 130 -13.77 -23.62 -0.55
C PHE C 130 -14.05 -22.77 -1.80
N LEU C 131 -13.40 -23.08 -2.93
CA LEU C 131 -13.71 -22.39 -4.17
C LEU C 131 -15.17 -22.68 -4.61
N LEU C 132 -15.59 -23.92 -4.43
CA LEU C 132 -16.99 -24.23 -4.83
C LEU C 132 -17.97 -23.49 -3.96
N LEU C 133 -17.67 -23.29 -2.67
CA LEU C 133 -18.44 -22.41 -1.85
C LEU C 133 -18.50 -20.99 -2.32
N ALA C 134 -17.30 -20.40 -2.55
CA ALA C 134 -17.27 -19.03 -2.85
C ALA C 134 -17.89 -18.67 -4.18
N THR C 135 -17.93 -19.65 -5.12
CA THR C 135 -18.52 -19.42 -6.44
C THR C 135 -19.93 -19.98 -6.59
N ASP C 136 -20.53 -20.41 -5.47
CA ASP C 136 -21.88 -21.01 -5.55
C ASP C 136 -22.93 -19.96 -5.90
N LYS C 137 -23.96 -20.37 -6.65
CA LYS C 137 -25.02 -19.47 -7.08
C LYS C 137 -25.69 -18.75 -5.88
N VAL C 138 -25.81 -19.44 -4.75
CA VAL C 138 -26.49 -18.89 -3.57
C VAL C 138 -25.68 -17.74 -3.07
N LEU C 139 -24.36 -17.84 -3.13
CA LEU C 139 -23.52 -16.77 -2.58
C LEU C 139 -23.19 -15.67 -3.59
N LEU C 140 -23.46 -15.86 -4.88
CA LEU C 140 -23.31 -14.80 -5.85
C LEU C 140 -24.52 -13.87 -5.83
N GLU C 141 -25.75 -14.41 -5.60
CA GLU C 141 -26.97 -13.60 -5.67
C GLU C 141 -26.90 -12.29 -4.77
N PRO C 142 -26.36 -12.36 -3.52
CA PRO C 142 -26.34 -11.11 -2.66
C PRO C 142 -25.67 -9.93 -3.40
N TRP C 143 -24.73 -10.19 -4.32
CA TRP C 143 -24.04 -9.07 -4.91
C TRP C 143 -24.95 -8.20 -5.73
N PHE C 144 -26.11 -8.72 -6.18
CA PHE C 144 -26.97 -7.86 -6.98
C PHE C 144 -27.83 -6.97 -6.09
N TYR C 145 -27.63 -7.07 -4.78
CA TYR C 145 -28.37 -6.24 -3.85
C TYR C 145 -27.46 -5.33 -3.01
N LEU C 146 -26.20 -5.24 -3.43
CA LEU C 146 -25.21 -4.36 -2.66
C LEU C 146 -25.60 -2.90 -2.78
N LYS C 147 -25.84 -2.43 -3.99
CA LYS C 147 -26.26 -1.01 -4.14
C LYS C 147 -27.50 -0.75 -3.26
N ASP C 148 -28.51 -1.62 -3.24
CA ASP C 148 -29.66 -1.45 -2.34
C ASP C 148 -29.32 -1.38 -0.88
N ALA C 149 -28.41 -2.25 -0.40
CA ALA C 149 -28.05 -2.26 1.03
C ALA C 149 -27.31 -0.96 1.38
N ILE C 150 -26.50 -0.46 0.46
CA ILE C 150 -25.80 0.79 0.74
C ILE C 150 -26.78 1.95 0.86
N LEU C 151 -27.74 2.04 -0.08
CA LEU C 151 -28.69 3.17 -0.10
C LEU C 151 -29.70 3.00 1.02
N GLU C 152 -30.20 1.78 1.25
CA GLU C 152 -31.36 1.62 2.15
C GLU C 152 -31.00 1.12 3.52
N GLY C 153 -29.80 0.62 3.74
CA GLY C 153 -29.44 -0.05 4.97
C GLY C 153 -29.72 -1.54 4.82
N GLY C 154 -29.27 -2.29 5.80
CA GLY C 154 -29.46 -3.75 5.75
C GLY C 154 -28.29 -4.47 5.09
N ILE C 155 -28.57 -5.72 4.72
CA ILE C 155 -27.47 -6.67 4.44
C ILE C 155 -27.88 -7.26 3.09
N PRO C 156 -26.91 -7.24 2.12
CA PRO C 156 -27.28 -7.76 0.81
C PRO C 156 -27.88 -9.18 0.86
N PHE C 157 -27.27 -10.09 1.61
CA PHE C 157 -27.85 -11.43 1.66
C PHE C 157 -29.35 -11.44 2.04
N ASN C 158 -29.63 -10.72 3.11
CA ASN C 158 -31.01 -10.70 3.62
C ASN C 158 -31.95 -10.06 2.61
N LYS C 159 -31.46 -9.09 1.87
CA LYS C 159 -32.28 -8.49 0.77
C LYS C 159 -32.61 -9.54 -0.28
N ALA C 160 -31.68 -10.45 -0.53
CA ALA C 160 -31.90 -11.46 -1.58
C ALA C 160 -32.77 -12.62 -1.05
N TYR C 161 -32.63 -13.04 0.21
CA TYR C 161 -33.23 -14.29 0.68
C TYR C 161 -34.35 -14.09 1.72
N GLY C 162 -34.50 -12.87 2.24
CA GLY C 162 -35.54 -12.64 3.27
C GLY C 162 -35.23 -13.15 4.67
N MET C 163 -33.98 -13.56 4.94
CA MET C 163 -33.56 -14.02 6.23
C MET C 163 -32.00 -13.90 6.25
N ASN C 164 -31.42 -14.09 7.42
CA ASN C 164 -29.96 -14.08 7.49
C ASN C 164 -29.36 -15.36 6.99
N ILE C 165 -28.04 -15.24 6.72
CA ILE C 165 -27.34 -16.34 6.09
C ILE C 165 -27.46 -17.64 6.84
N TRP C 166 -27.38 -17.60 8.18
CA TRP C 166 -27.34 -18.83 8.91
C TRP C 166 -28.76 -19.49 8.89
N ASP C 167 -29.75 -18.65 9.06
CA ASP C 167 -31.14 -19.22 8.91
C ASP C 167 -31.37 -19.81 7.54
N TYR C 168 -30.84 -19.18 6.46
CA TYR C 168 -30.92 -19.72 5.12
C TYR C 168 -30.24 -21.08 5.02
N PHE C 169 -29.06 -21.16 5.60
CA PHE C 169 -28.34 -22.42 5.51
C PHE C 169 -29.10 -23.52 6.27
N GLY C 170 -29.89 -23.11 7.28
CA GLY C 170 -30.73 -24.08 8.03
C GLY C 170 -31.92 -24.56 7.18
N THR C 171 -32.19 -23.93 6.03
CA THR C 171 -33.30 -24.30 5.12
C THR C 171 -32.79 -24.96 3.82
N ASP C 172 -31.61 -24.57 3.38
CA ASP C 172 -31.09 -25.04 2.10
C ASP C 172 -29.93 -25.95 2.40
N HIS C 173 -30.22 -27.23 2.38
CA HIS C 173 -29.24 -28.17 2.86
C HIS C 173 -28.10 -28.38 1.91
N ARG C 174 -28.32 -28.15 0.62
CA ARG C 174 -27.26 -28.32 -0.37
C ARG C 174 -26.17 -27.26 0.00
N ILE C 175 -26.55 -26.02 0.14
CA ILE C 175 -25.49 -25.02 0.40
C ILE C 175 -25.01 -25.15 1.85
N ASN C 176 -25.81 -25.62 2.81
CA ASN C 176 -25.31 -25.86 4.15
C ASN C 176 -24.10 -26.81 4.05
N LYS C 177 -24.30 -27.92 3.32
CA LYS C 177 -23.19 -28.93 3.17
C LYS C 177 -21.97 -28.32 2.40
N VAL C 178 -22.24 -27.58 1.32
CA VAL C 178 -21.12 -26.97 0.56
C VAL C 178 -20.36 -25.99 1.47
N PHE C 179 -21.10 -25.21 2.21
CA PHE C 179 -20.41 -24.22 3.10
C PHE C 179 -19.66 -25.00 4.21
N ASN C 180 -20.30 -25.90 4.96
CA ASN C 180 -19.56 -26.69 5.97
C ASN C 180 -18.27 -27.39 5.47
N LYS C 181 -18.33 -28.02 4.30
CA LYS C 181 -17.18 -28.69 3.67
C LYS C 181 -16.09 -27.67 3.28
N GLY C 182 -16.52 -26.54 2.72
CA GLY C 182 -15.58 -25.46 2.30
C GLY C 182 -14.76 -24.95 3.52
N MET C 183 -15.49 -24.70 4.61
CA MET C 183 -14.83 -24.28 5.83
C MET C 183 -13.95 -25.39 6.39
N SER C 184 -14.46 -26.62 6.45
CA SER C 184 -13.75 -27.74 7.08
C SER C 184 -12.45 -27.96 6.36
N SER C 185 -12.49 -27.89 5.02
CA SER C 185 -11.27 -28.18 4.20
C SER C 185 -10.22 -27.09 4.36
N ASN C 186 -10.65 -25.87 4.23
CA ASN C 186 -9.80 -24.72 4.36
C ASN C 186 -9.20 -24.70 5.78
N SER C 187 -10.02 -24.93 6.83
CA SER C 187 -9.52 -24.89 8.21
C SER C 187 -8.57 -26.00 8.52
N THR C 188 -8.78 -27.17 7.88
CA THR C 188 -7.86 -28.31 8.04
C THR C 188 -6.45 -27.95 7.58
N ILE C 189 -6.36 -27.32 6.43
CA ILE C 189 -5.02 -26.97 5.95
C ILE C 189 -4.35 -25.92 6.84
N THR C 190 -5.14 -24.90 7.20
CA THR C 190 -4.58 -23.85 8.05
C THR C 190 -4.27 -24.36 9.44
N MET C 191 -5.15 -25.19 10.02
CA MET C 191 -4.89 -25.59 11.41
C MET C 191 -3.78 -26.64 11.48
N LYS C 192 -3.50 -27.36 10.39
CA LYS C 192 -2.37 -28.34 10.43
C LYS C 192 -1.07 -27.52 10.58
N LYS C 193 -0.98 -26.44 9.80
CA LYS C 193 0.23 -25.61 9.88
C LYS C 193 0.33 -24.88 11.26
N ILE C 194 -0.78 -24.38 11.76
CA ILE C 194 -0.74 -23.69 13.03
C ILE C 194 -0.37 -24.65 14.13
N LEU C 195 -0.90 -25.88 14.09
CA LEU C 195 -0.59 -26.86 15.17
C LEU C 195 0.87 -27.22 15.17
N GLU C 196 1.58 -27.08 14.07
CA GLU C 196 3.00 -27.37 14.07
C GLU C 196 3.80 -26.34 14.86
N MET C 197 3.24 -25.16 15.09
CA MET C 197 4.02 -24.03 15.66
C MET C 197 3.49 -23.48 16.97
N TYR C 198 2.17 -23.58 17.13
CA TYR C 198 1.48 -22.97 18.28
C TYR C 198 1.36 -23.93 19.40
N ASN C 199 1.78 -23.56 20.59
CA ASN C 199 1.74 -24.40 21.84
C ASN C 199 0.66 -24.11 22.82
N GLY C 200 -0.21 -23.17 22.50
CA GLY C 200 -1.16 -22.70 23.46
C GLY C 200 -2.26 -23.66 23.83
N PHE C 201 -2.43 -24.79 23.13
CA PHE C 201 -3.36 -25.84 23.62
C PHE C 201 -2.80 -26.78 24.66
N GLU C 202 -1.47 -26.89 24.74
CA GLU C 202 -0.88 -27.88 25.64
C GLU C 202 -1.28 -27.55 27.10
N GLY C 203 -1.53 -28.56 27.90
CA GLY C 203 -1.87 -28.28 29.31
C GLY C 203 -3.36 -28.11 29.63
N LEU C 204 -4.16 -27.78 28.62
CA LEU C 204 -5.57 -27.57 28.84
C LEU C 204 -6.26 -28.93 29.10
N THR C 205 -7.29 -28.93 29.94
CA THR C 205 -8.11 -30.10 30.19
C THR C 205 -9.26 -30.18 29.17
N THR C 206 -9.94 -29.07 28.93
CA THR C 206 -11.06 -29.07 28.05
C THR C 206 -10.88 -27.84 27.13
N ILE C 207 -11.43 -27.91 25.92
CA ILE C 207 -11.47 -26.73 25.09
C ILE C 207 -12.82 -26.75 24.38
N VAL C 208 -13.35 -25.55 24.15
CA VAL C 208 -14.58 -25.39 23.42
C VAL C 208 -14.28 -24.67 22.10
N ASP C 209 -14.68 -25.29 20.95
CA ASP C 209 -14.57 -24.59 19.66
C ASP C 209 -15.93 -23.97 19.39
N VAL C 210 -16.06 -22.66 19.64
CA VAL C 210 -17.33 -21.97 19.45
C VAL C 210 -17.47 -21.62 17.96
N GLY C 211 -18.61 -22.02 17.35
CA GLY C 211 -18.73 -21.91 15.87
C GLY C 211 -17.78 -22.82 15.15
N GLY C 212 -17.59 -24.04 15.69
CA GLY C 212 -16.55 -25.01 15.23
C GLY C 212 -16.92 -25.75 13.99
N GLY C 213 -18.13 -25.45 13.49
CA GLY C 213 -18.55 -26.05 12.23
C GLY C 213 -18.78 -27.55 12.34
N THR C 214 -18.35 -28.31 11.34
CA THR C 214 -18.49 -29.78 11.45
C THR C 214 -17.43 -30.47 12.28
N GLY C 215 -16.55 -29.70 12.93
CA GLY C 215 -15.66 -30.26 14.00
C GLY C 215 -14.25 -30.61 13.55
N ALA C 216 -13.89 -30.30 12.30
CA ALA C 216 -12.56 -30.56 11.82
C ALA C 216 -11.51 -30.04 12.80
N VAL C 217 -11.63 -28.78 13.18
CA VAL C 217 -10.57 -28.25 14.07
C VAL C 217 -10.50 -28.93 15.44
N ALA C 218 -11.65 -29.10 16.06
CA ALA C 218 -11.70 -29.76 17.39
C ALA C 218 -11.07 -31.15 17.25
N SER C 219 -11.33 -31.87 16.15
CA SER C 219 -10.77 -33.21 15.97
C SER C 219 -9.25 -33.21 15.83
N MET C 220 -8.68 -32.15 15.24
CA MET C 220 -7.22 -32.08 15.01
C MET C 220 -6.56 -31.75 16.35
N ILE C 221 -7.27 -30.93 17.17
CA ILE C 221 -6.73 -30.58 18.51
C ILE C 221 -6.64 -31.85 19.40
N VAL C 222 -7.72 -32.63 19.43
CA VAL C 222 -7.69 -33.82 20.29
C VAL C 222 -6.80 -34.91 19.69
N ALA C 223 -6.62 -34.96 18.37
CA ALA C 223 -5.66 -35.91 17.72
C ALA C 223 -4.30 -35.59 18.27
N LYS C 224 -3.97 -34.28 18.35
CA LYS C 224 -2.61 -33.90 18.78
C LYS C 224 -2.42 -34.00 20.27
N TYR C 225 -3.49 -33.74 21.02
CA TYR C 225 -3.48 -33.72 22.46
C TYR C 225 -4.58 -34.58 23.00
N PRO C 226 -4.35 -35.91 23.01
CA PRO C 226 -5.42 -36.82 23.40
C PRO C 226 -5.94 -36.63 24.79
N SER C 227 -5.19 -35.98 25.67
CA SER C 227 -5.73 -35.69 27.02
C SER C 227 -6.76 -34.56 27.08
N ILE C 228 -6.89 -33.79 26.00
CA ILE C 228 -7.96 -32.75 25.96
C ILE C 228 -9.30 -33.33 25.57
N ASN C 229 -10.37 -32.96 26.31
CA ASN C 229 -11.66 -33.15 25.64
C ASN C 229 -12.27 -31.90 25.08
N ALA C 230 -12.71 -32.03 23.84
CA ALA C 230 -13.13 -30.87 23.07
C ALA C 230 -14.63 -30.92 22.93
N ILE C 231 -15.25 -29.76 23.12
CA ILE C 231 -16.61 -29.54 22.72
C ILE C 231 -16.61 -28.74 21.43
N ASN C 232 -17.30 -29.27 20.42
CA ASN C 232 -17.48 -28.56 19.16
C ASN C 232 -18.89 -28.00 19.14
N PHE C 233 -18.99 -26.68 19.20
CA PHE C 233 -20.28 -25.96 19.51
C PHE C 233 -20.68 -25.15 18.29
N ASP C 234 -21.87 -25.42 17.72
CA ASP C 234 -22.30 -24.66 16.58
C ASP C 234 -23.84 -24.72 16.56
N LEU C 235 -24.40 -24.19 15.52
CA LEU C 235 -25.90 -24.21 15.32
C LEU C 235 -26.34 -25.64 15.17
N PRO C 236 -27.55 -25.97 15.68
CA PRO C 236 -28.07 -27.31 15.39
C PRO C 236 -28.05 -27.83 13.93
N HIS C 237 -28.38 -27.06 12.93
CA HIS C 237 -28.32 -27.53 11.59
C HIS C 237 -26.90 -27.89 11.09
N VAL C 238 -25.86 -27.41 11.82
CA VAL C 238 -24.49 -27.71 11.38
C VAL C 238 -24.03 -28.96 12.11
N ILE C 239 -24.35 -29.02 13.38
CA ILE C 239 -23.99 -30.12 14.26
C ILE C 239 -24.67 -31.41 13.75
N GLN C 240 -25.88 -31.26 13.20
CA GLN C 240 -26.58 -32.47 12.64
C GLN C 240 -25.71 -33.18 11.63
N ASP C 241 -24.91 -32.39 10.91
CA ASP C 241 -24.03 -32.90 9.83
C ASP C 241 -22.58 -33.23 10.20
N ALA C 242 -22.26 -33.11 11.49
CA ALA C 242 -20.88 -33.29 11.99
C ALA C 242 -20.61 -34.77 12.16
N PRO C 243 -19.52 -35.27 11.59
CA PRO C 243 -19.17 -36.69 11.89
C PRO C 243 -18.68 -36.89 13.31
N ALA C 244 -18.88 -38.09 13.86
CA ALA C 244 -18.44 -38.38 15.22
C ALA C 244 -16.92 -38.50 15.17
N PHE C 245 -16.26 -38.06 16.22
CA PHE C 245 -14.83 -38.21 16.28
C PHE C 245 -14.50 -38.45 17.72
N SER C 246 -13.66 -39.43 18.08
CA SER C 246 -13.58 -39.70 19.52
C SER C 246 -12.76 -38.58 20.26
N GLY C 247 -13.24 -38.13 21.42
CA GLY C 247 -12.62 -37.01 22.16
C GLY C 247 -13.36 -35.69 21.87
N VAL C 248 -14.25 -35.70 20.86
CA VAL C 248 -15.04 -34.51 20.48
C VAL C 248 -16.53 -34.76 20.79
N GLU C 249 -17.08 -33.88 21.57
CA GLU C 249 -18.52 -33.80 21.80
C GLU C 249 -19.11 -32.66 21.02
N HIS C 250 -20.00 -33.01 20.09
CA HIS C 250 -20.82 -32.07 19.35
C HIS C 250 -22.01 -31.59 20.15
N LEU C 251 -22.12 -30.28 20.25
CA LEU C 251 -23.21 -29.67 20.96
C LEU C 251 -23.81 -28.53 20.17
N GLY C 252 -25.14 -28.57 19.99
CA GLY C 252 -25.79 -27.50 19.26
C GLY C 252 -26.33 -26.41 20.14
N GLY C 253 -26.37 -25.17 19.68
CA GLY C 253 -26.68 -24.07 20.56
C GLY C 253 -26.63 -22.74 19.81
N ASP C 254 -26.74 -21.68 20.56
CA ASP C 254 -26.63 -20.33 19.99
C ASP C 254 -25.64 -19.59 20.88
N MET C 255 -24.45 -19.27 20.31
CA MET C 255 -23.46 -18.58 21.15
C MET C 255 -23.84 -17.27 21.76
N PHE C 256 -24.84 -16.55 21.22
CA PHE C 256 -25.21 -15.30 21.82
C PHE C 256 -26.07 -15.51 23.06
N ASP C 257 -26.61 -16.72 23.24
CA ASP C 257 -27.31 -17.00 24.54
C ASP C 257 -26.33 -17.46 25.61
N GLY C 258 -25.15 -17.93 25.22
CA GLY C 258 -24.27 -18.58 26.18
C GLY C 258 -23.34 -19.51 25.40
N VAL C 259 -22.15 -19.76 25.98
CA VAL C 259 -21.30 -20.82 25.43
C VAL C 259 -20.93 -21.88 26.45
N PRO C 260 -20.58 -23.11 26.00
CA PRO C 260 -20.19 -24.17 26.95
C PRO C 260 -18.98 -23.75 27.77
N LYS C 261 -18.90 -24.24 29.00
CA LYS C 261 -17.72 -24.01 29.84
C LYS C 261 -16.54 -24.80 29.33
N GLY C 262 -15.35 -24.20 29.42
CA GLY C 262 -14.14 -24.97 29.18
C GLY C 262 -12.96 -24.21 29.71
N ASP C 263 -11.76 -24.78 29.62
CA ASP C 263 -10.57 -24.03 30.12
C ASP C 263 -10.12 -22.97 29.16
N ALA C 264 -10.43 -23.16 27.86
CA ALA C 264 -10.14 -22.12 26.84
C ALA C 264 -11.23 -22.25 25.79
N ILE C 265 -11.48 -21.15 25.07
CA ILE C 265 -12.45 -21.18 23.99
C ILE C 265 -11.68 -20.77 22.77
N PHE C 266 -11.90 -21.53 21.71
CA PHE C 266 -11.29 -21.27 20.41
C PHE C 266 -12.35 -20.71 19.45
N ILE C 267 -12.10 -19.59 18.77
CA ILE C 267 -13.05 -19.00 17.80
C ILE C 267 -12.26 -18.69 16.54
N LYS C 268 -12.52 -19.43 15.48
CA LYS C 268 -11.77 -19.20 14.24
C LYS C 268 -12.84 -18.68 13.27
N TRP C 269 -12.57 -17.56 12.63
CA TRP C 269 -13.45 -16.94 11.59
C TRP C 269 -14.85 -16.69 12.17
N ILE C 270 -14.95 -16.41 13.48
CA ILE C 270 -16.26 -16.10 14.06
C ILE C 270 -16.38 -14.59 14.17
N CYS C 271 -15.39 -13.94 14.80
CA CYS C 271 -15.51 -12.45 14.97
C CYS C 271 -15.70 -11.74 13.63
N HIS C 272 -15.05 -12.20 12.53
CA HIS C 272 -15.23 -11.44 11.32
C HIS C 272 -16.63 -11.56 10.66
N ASP C 273 -17.50 -12.37 11.23
CA ASP C 273 -18.87 -12.54 10.73
C ASP C 273 -19.78 -11.51 11.37
N TRP C 274 -19.32 -10.83 12.42
CA TRP C 274 -20.27 -10.06 13.25
C TRP C 274 -19.85 -8.63 13.51
N SER C 275 -20.81 -7.77 13.85
CA SER C 275 -20.45 -6.41 14.13
C SER C 275 -19.72 -6.31 15.47
N ASP C 276 -19.20 -5.13 15.76
CA ASP C 276 -18.50 -4.95 17.03
C ASP C 276 -19.41 -5.24 18.22
N GLU C 277 -20.64 -4.73 18.14
CA GLU C 277 -21.63 -5.01 19.22
C GLU C 277 -21.86 -6.52 19.44
N HIS C 278 -22.01 -7.28 18.34
CA HIS C 278 -22.23 -8.70 18.48
C HIS C 278 -21.01 -9.31 19.00
N CYS C 279 -19.85 -8.85 18.51
CA CYS C 279 -18.63 -9.47 19.01
C CYS C 279 -18.49 -9.26 20.53
N LEU C 280 -18.82 -8.04 21.01
CA LEU C 280 -18.70 -7.82 22.48
C LEU C 280 -19.62 -8.78 23.23
N LYS C 281 -20.84 -8.96 22.75
CA LYS C 281 -21.74 -9.85 23.40
C LYS C 281 -21.22 -11.30 23.46
N LEU C 282 -20.67 -11.82 22.32
CA LEU C 282 -20.05 -13.14 22.30
C LEU C 282 -18.82 -13.25 23.26
N LEU C 283 -17.92 -12.26 23.19
CA LEU C 283 -16.71 -12.31 24.00
C LEU C 283 -17.02 -12.22 25.48
N LYS C 284 -18.02 -11.44 25.85
CA LYS C 284 -18.49 -11.44 27.30
C LYS C 284 -19.10 -12.77 27.67
N ASN C 285 -19.78 -13.47 26.73
CA ASN C 285 -20.24 -14.83 27.06
C ASN C 285 -19.07 -15.77 27.25
N CYS C 286 -18.01 -15.57 26.44
CA CYS C 286 -16.85 -16.43 26.51
C CYS C 286 -16.10 -16.17 27.84
N TYR C 287 -15.90 -14.90 28.17
CA TYR C 287 -15.31 -14.54 29.48
C TYR C 287 -16.07 -15.18 30.65
N ALA C 288 -17.40 -15.16 30.57
CA ALA C 288 -18.24 -15.81 31.65
C ALA C 288 -18.08 -17.32 31.75
N ALA C 289 -17.75 -17.99 30.65
CA ALA C 289 -17.67 -19.45 30.53
C ALA C 289 -16.30 -20.02 30.88
N LEU C 290 -15.34 -19.09 31.11
CA LEU C 290 -13.94 -19.45 31.39
C LEU C 290 -13.63 -19.41 32.87
N PRO C 291 -12.70 -20.26 33.28
CA PRO C 291 -12.20 -20.06 34.67
C PRO C 291 -11.46 -18.75 34.83
N ASP C 292 -11.01 -18.46 36.05
CA ASP C 292 -10.39 -17.16 36.34
C ASP C 292 -9.24 -16.74 35.45
N HIS C 293 -8.40 -17.71 35.11
CA HIS C 293 -7.16 -17.53 34.32
C HIS C 293 -7.31 -18.22 32.91
N GLY C 294 -8.52 -18.33 32.42
CA GLY C 294 -8.66 -18.95 31.10
C GLY C 294 -8.37 -17.92 29.99
N LYS C 295 -8.58 -18.36 28.74
CA LYS C 295 -8.35 -17.49 27.59
C LYS C 295 -9.26 -17.83 26.44
N VAL C 296 -9.39 -16.88 25.55
CA VAL C 296 -10.05 -17.07 24.24
C VAL C 296 -8.91 -17.05 23.25
N ILE C 297 -8.88 -18.07 22.37
CA ILE C 297 -7.88 -18.19 21.30
C ILE C 297 -8.61 -17.77 20.04
N VAL C 298 -8.16 -16.67 19.40
CA VAL C 298 -8.92 -16.08 18.30
C VAL C 298 -8.09 -16.28 17.03
N ALA C 299 -8.68 -16.91 16.03
CA ALA C 299 -7.93 -17.15 14.79
C ALA C 299 -8.62 -16.41 13.65
N GLU C 300 -7.97 -15.36 13.16
CA GLU C 300 -8.56 -14.46 12.17
C GLU C 300 -7.48 -13.82 11.31
N TYR C 301 -7.93 -13.32 10.18
CA TYR C 301 -7.05 -12.39 9.43
C TYR C 301 -6.85 -11.07 10.18
N ILE C 302 -5.75 -10.38 9.83
CA ILE C 302 -5.50 -9.04 10.26
C ILE C 302 -5.46 -8.13 9.12
N LEU C 303 -6.30 -7.11 9.13
CA LEU C 303 -6.33 -6.13 8.08
C LEU C 303 -4.99 -5.38 7.97
N PRO C 304 -4.36 -5.38 6.80
CA PRO C 304 -3.13 -4.62 6.59
C PRO C 304 -3.45 -3.14 6.62
N PRO C 305 -2.42 -2.30 6.76
CA PRO C 305 -2.65 -0.86 6.93
C PRO C 305 -2.93 -0.04 5.68
N SER C 306 -2.83 -0.62 4.45
CA SER C 306 -3.16 0.11 3.27
C SER C 306 -3.73 -0.90 2.25
N PRO C 307 -4.36 -0.41 1.21
CA PRO C 307 -4.84 -1.28 0.09
C PRO C 307 -3.64 -1.66 -0.85
N ASP C 308 -2.68 -2.43 -0.35
CA ASP C 308 -1.48 -2.77 -1.14
C ASP C 308 -1.91 -3.91 -2.11
N PRO C 309 -1.12 -4.11 -3.16
CA PRO C 309 -1.47 -5.07 -4.26
C PRO C 309 -1.09 -6.51 -3.97
N SER C 310 -0.49 -6.79 -2.85
CA SER C 310 -0.04 -8.17 -2.57
C SER C 310 -1.20 -9.17 -2.56
N ILE C 311 -0.90 -10.44 -2.93
CA ILE C 311 -1.99 -11.45 -2.90
C ILE C 311 -2.48 -11.64 -1.47
N ALA C 312 -1.57 -11.58 -0.48
CA ALA C 312 -1.97 -11.79 0.88
C ALA C 312 -2.94 -10.67 1.34
N THR C 313 -2.66 -9.43 0.99
CA THR C 313 -3.55 -8.33 1.33
C THR C 313 -4.88 -8.48 0.59
N LYS C 314 -4.79 -8.80 -0.69
CA LYS C 314 -6.07 -8.99 -1.46
C LYS C 314 -6.93 -10.09 -0.89
N VAL C 315 -6.36 -11.17 -0.36
CA VAL C 315 -7.21 -12.21 0.27
C VAL C 315 -7.97 -11.62 1.48
N VAL C 316 -7.26 -10.84 2.29
CA VAL C 316 -7.98 -10.25 3.41
C VAL C 316 -9.06 -9.26 2.96
N ILE C 317 -8.73 -8.40 2.01
CA ILE C 317 -9.69 -7.37 1.54
C ILE C 317 -10.87 -8.07 0.77
N HIS C 318 -10.59 -9.11 -0.02
CA HIS C 318 -11.67 -9.89 -0.63
C HIS C 318 -12.61 -10.38 0.49
N THR C 319 -12.04 -10.93 1.59
CA THR C 319 -12.83 -11.50 2.65
C THR C 319 -13.62 -10.39 3.32
N ASP C 320 -13.01 -9.24 3.54
CA ASP C 320 -13.80 -8.10 4.08
C ASP C 320 -14.99 -7.75 3.21
N ALA C 321 -14.81 -7.93 1.90
CA ALA C 321 -15.97 -7.65 0.94
C ALA C 321 -16.98 -8.76 0.98
N LEU C 322 -16.55 -9.98 1.18
CA LEU C 322 -17.50 -11.13 1.34
C LEU C 322 -18.31 -10.87 2.61
N MET C 323 -17.66 -10.36 3.66
CA MET C 323 -18.39 -10.18 4.93
C MET C 323 -19.45 -9.11 4.70
N LEU C 324 -19.13 -8.08 3.90
CA LEU C 324 -20.00 -7.00 3.58
C LEU C 324 -21.23 -7.50 2.85
N ALA C 325 -21.04 -8.47 1.95
CA ALA C 325 -22.22 -8.93 1.20
C ALA C 325 -23.04 -9.93 2.09
N TYR C 326 -22.42 -10.70 3.03
CA TYR C 326 -23.17 -11.84 3.61
C TYR C 326 -23.69 -11.61 4.98
N ASN C 327 -22.93 -10.90 5.81
CA ASN C 327 -23.06 -11.11 7.25
C ASN C 327 -23.58 -9.87 7.96
N PRO C 328 -24.12 -10.05 9.22
CA PRO C 328 -24.67 -8.90 9.93
C PRO C 328 -23.52 -8.13 10.59
N GLY C 329 -22.94 -7.12 9.89
CA GLY C 329 -21.89 -6.26 10.44
C GLY C 329 -20.47 -6.80 10.39
N GLY C 330 -20.33 -8.02 9.87
CA GLY C 330 -19.02 -8.72 9.85
C GLY C 330 -18.07 -7.84 8.97
N LYS C 331 -16.78 -7.90 9.36
CA LYS C 331 -15.73 -7.11 8.70
C LYS C 331 -14.40 -7.68 9.21
N GLU C 332 -13.33 -7.36 8.46
CA GLU C 332 -12.02 -7.66 8.95
C GLU C 332 -11.51 -6.48 9.79
N ARG C 333 -10.58 -6.80 10.65
CA ARG C 333 -10.09 -5.91 11.73
C ARG C 333 -8.57 -5.89 11.78
N THR C 334 -8.08 -4.79 12.23
CA THR C 334 -6.63 -4.65 12.54
C THR C 334 -6.30 -5.23 13.90
N GLU C 335 -5.02 -5.44 14.18
CA GLU C 335 -4.63 -5.95 15.53
C GLU C 335 -5.11 -4.99 16.64
N LYS C 336 -4.97 -3.66 16.42
CA LYS C 336 -5.44 -2.74 17.50
C LYS C 336 -6.95 -2.83 17.66
N GLU C 337 -7.66 -3.09 16.55
CA GLU C 337 -9.12 -3.34 16.71
C GLU C 337 -9.43 -4.61 17.53
N PHE C 338 -8.66 -5.69 17.37
CA PHE C 338 -8.90 -6.81 18.17
C PHE C 338 -8.52 -6.55 19.62
N GLN C 339 -7.44 -5.81 19.84
CA GLN C 339 -7.11 -5.39 21.24
C GLN C 339 -8.29 -4.68 21.88
N ALA C 340 -8.96 -3.82 21.13
CA ALA C 340 -10.11 -3.03 21.65
C ALA C 340 -11.27 -3.92 21.99
N LEU C 341 -11.55 -4.92 21.15
CA LEU C 341 -12.61 -5.93 21.49
C LEU C 341 -12.27 -6.71 22.77
N ALA C 342 -11.01 -7.14 22.91
CA ALA C 342 -10.59 -7.91 24.09
C ALA C 342 -10.77 -7.00 25.31
N MET C 343 -10.32 -5.77 25.22
CA MET C 343 -10.35 -4.86 26.44
C MET C 343 -11.79 -4.56 26.81
N ALA C 344 -12.64 -4.34 25.79
CA ALA C 344 -14.08 -3.98 26.03
C ALA C 344 -14.89 -5.17 26.54
N SER C 345 -14.37 -6.40 26.46
CA SER C 345 -15.14 -7.57 26.95
C SER C 345 -14.57 -8.08 28.26
N GLY C 346 -13.59 -7.33 28.79
CA GLY C 346 -13.00 -7.52 30.10
C GLY C 346 -11.68 -8.31 30.17
N PHE C 347 -11.11 -8.73 29.03
CA PHE C 347 -9.80 -9.37 29.07
C PHE C 347 -8.68 -8.35 29.38
N ARG C 348 -7.66 -8.84 30.09
CA ARG C 348 -6.61 -7.99 30.64
C ARG C 348 -5.33 -8.18 29.89
N GLY C 349 -5.20 -9.26 29.09
CA GLY C 349 -3.93 -9.48 28.36
C GLY C 349 -4.21 -9.91 26.92
N PHE C 350 -3.28 -9.57 26.02
CA PHE C 350 -3.48 -9.84 24.59
C PHE C 350 -2.13 -10.35 24.04
N LYS C 351 -2.11 -11.43 23.27
CA LYS C 351 -0.84 -12.06 22.75
C LYS C 351 -1.09 -12.36 21.26
N VAL C 352 -0.16 -11.98 20.36
CA VAL C 352 -0.26 -12.52 18.97
C VAL C 352 0.69 -13.68 18.97
N ALA C 353 0.16 -14.89 18.85
CA ALA C 353 0.93 -16.09 19.16
C ALA C 353 1.47 -16.83 17.97
N SER C 354 0.80 -16.72 16.83
CA SER C 354 1.20 -17.54 15.69
C SER C 354 0.46 -17.09 14.39
N CYS C 355 0.95 -17.46 13.22
CA CYS C 355 0.29 -17.05 11.90
C CYS C 355 0.51 -18.22 10.89
N ALA C 356 -0.54 -18.62 10.20
CA ALA C 356 -0.45 -19.49 8.97
C ALA C 356 -1.42 -19.06 7.92
N PHE C 357 -0.98 -18.93 6.66
CA PHE C 357 -1.90 -18.64 5.54
C PHE C 357 -2.84 -17.49 5.78
N ASN C 358 -2.25 -16.39 6.29
CA ASN C 358 -2.97 -15.18 6.68
C ASN C 358 -3.67 -15.22 8.02
N THR C 359 -3.93 -16.41 8.58
CA THR C 359 -4.70 -16.51 9.81
C THR C 359 -3.73 -16.27 10.94
N TYR C 360 -3.94 -15.20 11.68
CA TYR C 360 -3.20 -15.04 12.93
C TYR C 360 -3.89 -15.70 14.14
N VAL C 361 -3.10 -16.19 15.10
CA VAL C 361 -3.69 -16.71 16.33
C VAL C 361 -3.40 -15.73 17.43
N MET C 362 -4.47 -15.13 17.96
CA MET C 362 -4.35 -14.21 19.08
C MET C 362 -4.93 -14.88 20.31
N GLU C 363 -4.35 -14.58 21.47
CA GLU C 363 -4.99 -15.00 22.72
C GLU C 363 -5.51 -13.78 23.45
N PHE C 364 -6.76 -13.86 23.96
CA PHE C 364 -7.32 -12.82 24.87
C PHE C 364 -7.29 -13.47 26.25
N LEU C 365 -6.47 -12.91 27.14
CA LEU C 365 -6.24 -13.58 28.47
C LEU C 365 -7.03 -12.89 29.55
N LYS C 366 -7.66 -13.68 30.42
CA LYS C 366 -8.50 -13.07 31.42
C LYS C 366 -7.65 -12.36 32.46
N THR C 367 -6.45 -12.90 32.70
CA THR C 367 -5.49 -12.29 33.64
C THR C 367 -4.17 -12.14 32.88
N ALA C 368 -3.49 -10.99 32.86
CA ALA C 368 -3.23 -10.01 33.92
C ALA C 368 -4.18 -9.79 35.14
N GLU D 8 13.69 -20.50 -16.08
CA GLU D 8 14.87 -21.43 -16.01
C GLU D 8 15.31 -21.79 -14.57
N ILE D 9 15.54 -20.84 -13.68
CA ILE D 9 15.93 -21.22 -12.31
C ILE D 9 14.78 -21.94 -11.63
N GLN D 10 15.09 -23.05 -10.98
CA GLN D 10 14.14 -23.86 -10.29
C GLN D 10 13.89 -23.33 -8.89
N ILE D 11 12.62 -23.22 -8.54
CA ILE D 11 12.21 -22.73 -7.22
C ILE D 11 11.99 -23.89 -6.32
N ILE D 12 12.75 -23.99 -5.24
CA ILE D 12 12.66 -25.09 -4.28
C ILE D 12 11.43 -24.84 -3.38
N PRO D 13 10.48 -25.78 -3.32
CA PRO D 13 9.29 -25.51 -2.48
C PRO D 13 9.67 -25.35 -1.03
N THR D 14 9.06 -24.38 -0.38
CA THR D 14 9.38 -24.01 0.98
C THR D 14 8.10 -23.58 1.67
N HIS D 15 8.17 -23.21 2.97
CA HIS D 15 6.96 -22.61 3.65
C HIS D 15 6.56 -21.35 2.87
N SER D 16 7.57 -20.55 2.46
CA SER D 16 7.32 -19.32 1.77
C SER D 16 6.52 -19.54 0.42
N SER D 17 6.99 -20.48 -0.37
CA SER D 17 6.34 -20.74 -1.67
C SER D 17 4.97 -21.41 -1.45
N ASP D 18 4.87 -22.22 -0.40
CA ASP D 18 3.55 -22.85 -0.04
C ASP D 18 2.59 -21.74 0.36
N GLU D 19 3.05 -20.72 1.12
CA GLU D 19 2.08 -19.73 1.51
C GLU D 19 1.61 -18.96 0.30
N GLU D 20 2.47 -18.67 -0.69
CA GLU D 20 2.09 -17.93 -1.85
C GLU D 20 1.03 -18.72 -2.64
N ALA D 21 1.26 -20.02 -2.76
CA ALA D 21 0.35 -20.85 -3.63
C ALA D 21 -1.04 -20.95 -2.92
N ASN D 22 -1.04 -21.15 -1.60
CA ASN D 22 -2.29 -21.26 -0.83
C ASN D 22 -3.07 -19.95 -0.96
N LEU D 23 -2.34 -18.83 -0.81
CA LEU D 23 -3.06 -17.57 -0.91
C LEU D 23 -3.56 -17.24 -2.34
N PHE D 24 -2.79 -17.65 -3.34
CA PHE D 24 -3.31 -17.51 -4.69
C PHE D 24 -4.57 -18.34 -4.90
N ALA D 25 -4.61 -19.57 -4.40
CA ALA D 25 -5.92 -20.31 -4.48
C ALA D 25 -7.06 -19.60 -3.75
N MET D 26 -6.78 -18.98 -2.59
CA MET D 26 -7.87 -18.25 -1.92
C MET D 26 -8.28 -17.04 -2.68
N GLN D 27 -7.36 -16.32 -3.32
CA GLN D 27 -7.73 -15.17 -4.12
C GLN D 27 -8.61 -15.56 -5.33
N LEU D 28 -8.22 -16.66 -5.95
CA LEU D 28 -8.99 -17.15 -7.10
C LEU D 28 -10.41 -17.53 -6.65
N ALA D 29 -10.51 -18.21 -5.51
CA ALA D 29 -11.86 -18.63 -5.00
C ALA D 29 -12.80 -17.48 -4.93
N SER D 30 -12.30 -16.33 -4.41
CA SER D 30 -13.24 -15.20 -4.21
C SER D 30 -13.04 -14.09 -5.20
N ALA D 31 -12.46 -14.41 -6.36
CA ALA D 31 -12.15 -13.42 -7.41
C ALA D 31 -13.34 -12.63 -7.97
N ALA D 32 -14.54 -13.26 -7.91
CA ALA D 32 -15.71 -12.51 -8.41
C ALA D 32 -15.99 -11.24 -7.56
N VAL D 33 -15.46 -11.15 -6.30
CA VAL D 33 -15.79 -9.95 -5.51
C VAL D 33 -15.32 -8.69 -6.24
N LEU D 34 -14.22 -8.75 -7.02
CA LEU D 34 -13.77 -7.50 -7.70
C LEU D 34 -14.78 -6.92 -8.77
N PRO D 35 -15.18 -7.75 -9.77
CA PRO D 35 -16.11 -7.18 -10.70
C PRO D 35 -17.48 -6.89 -10.02
N MET D 36 -17.89 -7.69 -9.04
CA MET D 36 -19.27 -7.41 -8.41
C MET D 36 -19.17 -6.12 -7.62
N ALA D 37 -18.03 -5.86 -6.94
CA ALA D 37 -17.95 -4.58 -6.11
C ALA D 37 -17.84 -3.40 -7.05
N LEU D 38 -17.08 -3.57 -8.18
CA LEU D 38 -16.99 -2.54 -9.19
C LEU D 38 -18.37 -2.23 -9.80
N LYS D 39 -19.15 -3.26 -10.07
CA LYS D 39 -20.53 -3.04 -10.57
C LYS D 39 -21.35 -2.15 -9.63
N ALA D 40 -21.27 -2.45 -8.34
CA ALA D 40 -22.11 -1.75 -7.34
C ALA D 40 -21.63 -0.29 -7.30
N ALA D 41 -20.30 -0.08 -7.34
CA ALA D 41 -19.73 1.31 -7.35
C ALA D 41 -20.30 2.07 -8.57
N ILE D 42 -20.35 1.45 -9.75
CA ILE D 42 -20.81 2.11 -10.96
C ILE D 42 -22.32 2.33 -10.88
N GLU D 43 -23.08 1.34 -10.41
CA GLU D 43 -24.57 1.55 -10.17
C GLU D 43 -24.90 2.66 -9.19
N LEU D 44 -24.00 2.90 -8.27
CA LEU D 44 -24.24 3.99 -7.28
C LEU D 44 -23.76 5.31 -7.78
N ASP D 45 -23.15 5.35 -8.97
CA ASP D 45 -22.54 6.54 -9.60
C ASP D 45 -21.35 7.06 -8.78
N VAL D 46 -20.68 6.13 -8.08
CA VAL D 46 -19.57 6.53 -7.20
C VAL D 46 -18.41 7.07 -8.04
N LEU D 47 -18.09 6.54 -9.22
CA LEU D 47 -16.91 7.01 -9.89
C LEU D 47 -17.19 8.40 -10.53
N GLU D 48 -18.46 8.60 -11.00
CA GLU D 48 -18.82 9.91 -11.53
C GLU D 48 -18.82 10.96 -10.43
N ILE D 49 -19.35 10.59 -9.27
CA ILE D 49 -19.27 11.45 -8.09
C ILE D 49 -17.86 11.83 -7.82
N MET D 50 -16.94 10.87 -7.80
CA MET D 50 -15.49 11.17 -7.56
C MET D 50 -14.98 12.08 -8.65
N ALA D 51 -15.36 11.82 -9.87
CA ALA D 51 -14.77 12.58 -10.95
C ALA D 51 -15.18 14.08 -10.84
N LYS D 52 -16.40 14.36 -10.44
CA LYS D 52 -16.83 15.75 -10.48
C LYS D 52 -16.47 16.39 -9.15
N SER D 53 -16.29 15.63 -8.07
CA SER D 53 -16.26 16.20 -6.67
C SER D 53 -14.86 16.37 -6.16
N VAL D 54 -13.86 15.82 -6.86
CA VAL D 54 -12.52 15.82 -6.31
C VAL D 54 -12.11 17.28 -6.26
N PRO D 55 -11.94 17.81 -5.01
CA PRO D 55 -11.61 19.22 -4.72
C PRO D 55 -10.18 19.50 -5.19
N PRO D 56 -9.67 20.73 -4.96
CA PRO D 56 -8.27 20.97 -5.36
C PRO D 56 -7.39 19.70 -5.17
N SER D 57 -7.54 19.03 -4.01
CA SER D 57 -6.83 17.76 -3.58
C SER D 57 -6.60 16.68 -4.62
N GLY D 58 -7.70 16.22 -5.21
CA GLY D 58 -7.65 15.02 -6.02
C GLY D 58 -8.21 13.85 -5.25
N TYR D 59 -8.43 14.01 -3.92
CA TYR D 59 -8.95 12.89 -3.07
C TYR D 59 -10.16 13.20 -2.24
N ILE D 60 -11.08 12.26 -2.07
CA ILE D 60 -12.32 12.49 -1.38
C ILE D 60 -12.62 11.36 -0.40
N SER D 61 -13.27 11.66 0.72
CA SER D 61 -13.54 10.67 1.75
C SER D 61 -14.80 9.87 1.38
N PRO D 62 -14.92 8.66 1.88
CA PRO D 62 -16.19 7.91 1.66
C PRO D 62 -17.41 8.68 2.24
N ALA D 63 -17.24 9.38 3.39
CA ALA D 63 -18.35 10.17 3.92
C ALA D 63 -18.78 11.28 2.93
N GLU D 64 -17.83 12.02 2.35
CA GLU D 64 -18.13 13.04 1.31
C GLU D 64 -18.78 12.45 0.05
N ILE D 65 -18.46 11.18 -0.27
CA ILE D 65 -19.15 10.52 -1.42
C ILE D 65 -20.58 10.16 -1.00
N ALA D 66 -20.78 9.58 0.19
CA ALA D 66 -22.07 9.18 0.70
C ALA D 66 -23.01 10.37 0.76
N ALA D 67 -22.45 11.51 1.15
CA ALA D 67 -23.28 12.73 1.26
C ALA D 67 -23.90 13.14 -0.09
N GLN D 68 -23.43 12.62 -1.21
CA GLN D 68 -23.94 12.88 -2.53
C GLN D 68 -24.87 11.77 -3.04
N LEU D 69 -25.12 10.76 -2.21
CA LEU D 69 -26.02 9.65 -2.55
C LEU D 69 -27.36 9.91 -1.85
N PRO D 70 -28.45 9.36 -2.42
CA PRO D 70 -29.76 9.50 -1.79
C PRO D 70 -29.91 8.46 -0.72
N THR D 71 -29.39 8.70 0.48
CA THR D 71 -29.40 7.76 1.57
C THR D 71 -29.41 8.49 2.90
N THR D 72 -30.03 7.88 3.91
CA THR D 72 -29.74 8.27 5.29
C THR D 72 -29.22 7.10 6.05
N ASN D 73 -28.65 6.09 5.33
CA ASN D 73 -28.11 4.92 6.00
C ASN D 73 -26.84 5.34 6.73
N PRO D 74 -26.80 5.28 8.08
CA PRO D 74 -25.57 5.67 8.76
C PRO D 74 -24.33 4.84 8.42
N GLU D 75 -24.53 3.62 7.93
CA GLU D 75 -23.37 2.78 7.54
C GLU D 75 -22.96 3.06 6.12
N ALA D 76 -23.64 3.89 5.36
CA ALA D 76 -23.23 4.08 3.92
C ALA D 76 -21.72 4.45 3.78
N PRO D 77 -21.24 5.43 4.56
CA PRO D 77 -19.81 5.76 4.44
C PRO D 77 -18.85 4.58 4.59
N VAL D 78 -19.05 3.80 5.64
CA VAL D 78 -18.11 2.67 5.93
C VAL D 78 -18.31 1.62 4.82
N MET D 79 -19.53 1.41 4.34
CA MET D 79 -19.71 0.37 3.31
C MET D 79 -18.98 0.84 2.03
N LEU D 80 -19.06 2.16 1.70
CA LEU D 80 -18.37 2.65 0.53
C LEU D 80 -16.83 2.53 0.75
N ASP D 81 -16.34 2.86 1.97
CA ASP D 81 -14.91 2.68 2.23
C ASP D 81 -14.42 1.30 1.97
N ARG D 82 -15.23 0.30 2.36
CA ARG D 82 -14.84 -1.10 2.20
C ARG D 82 -14.83 -1.49 0.69
N VAL D 83 -15.81 -1.03 -0.07
CA VAL D 83 -15.76 -1.29 -1.51
C VAL D 83 -14.58 -0.57 -2.16
N LEU D 84 -14.36 0.74 -1.81
CA LEU D 84 -13.25 1.49 -2.41
C LEU D 84 -11.89 0.95 -2.04
N ARG D 85 -11.76 0.37 -0.84
CA ARG D 85 -10.47 -0.28 -0.46
C ARG D 85 -10.14 -1.50 -1.31
N LEU D 86 -11.17 -2.27 -1.63
CA LEU D 86 -10.94 -3.39 -2.61
C LEU D 86 -10.56 -2.86 -3.95
N LEU D 87 -11.26 -1.86 -4.43
CA LEU D 87 -10.89 -1.30 -5.74
C LEU D 87 -9.48 -0.72 -5.73
N ALA D 88 -9.12 -0.06 -4.64
CA ALA D 88 -7.73 0.52 -4.59
C ALA D 88 -6.61 -0.54 -4.66
N SER D 89 -6.89 -1.69 -4.00
CA SER D 89 -5.85 -2.77 -3.95
C SER D 89 -5.57 -3.27 -5.39
N TYR D 90 -6.54 -3.15 -6.26
CA TYR D 90 -6.40 -3.54 -7.68
C TYR D 90 -6.13 -2.37 -8.63
N SER D 91 -5.77 -1.19 -8.08
CA SER D 91 -5.45 -0.05 -8.92
C SER D 91 -6.61 0.46 -9.80
N VAL D 92 -7.87 0.27 -9.31
CA VAL D 92 -8.99 0.81 -10.02
C VAL D 92 -9.23 2.21 -9.50
N VAL D 93 -8.97 2.42 -8.20
CA VAL D 93 -8.92 3.83 -7.67
C VAL D 93 -7.56 3.94 -7.01
N THR D 94 -7.24 5.20 -6.65
CA THR D 94 -6.04 5.44 -5.85
C THR D 94 -6.47 5.86 -4.46
N TYR D 95 -5.53 5.93 -3.52
CA TYR D 95 -5.90 6.32 -2.15
C TYR D 95 -4.75 7.22 -1.58
N THR D 96 -5.13 7.85 -0.48
CA THR D 96 -4.13 8.53 0.37
C THR D 96 -4.63 8.37 1.79
N LEU D 97 -3.73 8.31 2.77
CA LEU D 97 -4.10 8.05 4.12
C LEU D 97 -3.98 9.36 4.93
N ARG D 98 -4.96 9.62 5.78
CA ARG D 98 -5.00 10.86 6.63
C ARG D 98 -5.21 10.42 8.07
N GLU D 99 -4.46 11.00 9.01
CA GLU D 99 -4.69 10.62 10.42
C GLU D 99 -5.94 11.33 11.05
N LEU D 100 -6.81 10.57 11.70
CA LEU D 100 -7.98 11.10 12.46
C LEU D 100 -7.61 11.58 13.89
N PRO D 101 -8.39 12.56 14.47
CA PRO D 101 -8.01 12.99 15.83
C PRO D 101 -8.00 11.82 16.81
N SER D 102 -8.87 10.83 16.60
CA SER D 102 -8.88 9.63 17.43
C SER D 102 -7.55 8.85 17.39
N GLY D 103 -6.61 9.27 16.55
CA GLY D 103 -5.41 8.47 16.27
C GLY D 103 -5.52 7.57 15.04
N LYS D 104 -6.71 6.99 14.81
CA LYS D 104 -7.02 6.09 13.68
C LYS D 104 -6.74 6.77 12.32
N VAL D 105 -6.60 5.96 11.28
CA VAL D 105 -6.16 6.47 9.96
C VAL D 105 -7.38 6.25 9.06
N GLU D 106 -7.71 7.23 8.23
CA GLU D 106 -8.83 7.07 7.30
C GLU D 106 -8.23 7.13 5.89
N ARG D 107 -8.95 6.52 4.95
CA ARG D 107 -8.54 6.58 3.60
C ARG D 107 -9.36 7.65 2.82
N LEU D 108 -8.70 8.43 1.97
CA LEU D 108 -9.40 9.24 0.97
C LEU D 108 -9.11 8.60 -0.37
N TYR D 109 -9.98 8.74 -1.37
CA TYR D 109 -9.80 8.03 -2.62
C TYR D 109 -9.80 8.93 -3.86
N GLY D 110 -9.06 8.59 -4.91
CA GLY D 110 -9.08 9.37 -6.12
C GLY D 110 -9.22 8.42 -7.32
N LEU D 111 -9.28 8.97 -8.48
CA LEU D 111 -9.48 8.12 -9.64
C LEU D 111 -8.15 7.66 -10.18
N ALA D 112 -7.96 6.39 -10.49
CA ALA D 112 -6.77 5.87 -11.11
C ALA D 112 -6.93 6.00 -12.65
N PRO D 113 -5.87 5.80 -13.38
CA PRO D 113 -5.95 6.02 -14.82
C PRO D 113 -7.03 5.18 -15.54
N VAL D 114 -7.30 3.94 -15.08
CA VAL D 114 -8.39 3.14 -15.75
C VAL D 114 -9.72 3.86 -15.66
N CYS D 115 -9.89 4.74 -14.68
CA CYS D 115 -11.17 5.41 -14.60
C CYS D 115 -11.52 6.34 -15.76
N LYS D 116 -10.55 6.69 -16.58
CA LYS D 116 -10.75 7.43 -17.83
C LYS D 116 -11.80 6.69 -18.68
N PHE D 117 -11.75 5.35 -18.57
CA PHE D 117 -12.70 4.51 -19.43
C PHE D 117 -13.90 3.98 -18.64
N LEU D 118 -14.01 4.27 -17.36
CA LEU D 118 -15.12 3.90 -16.53
C LEU D 118 -15.99 5.14 -16.08
N THR D 119 -15.63 6.31 -16.61
CA THR D 119 -16.40 7.52 -16.47
C THR D 119 -16.56 8.22 -17.79
N LYS D 120 -17.64 8.95 -17.92
CA LYS D 120 -17.98 9.57 -19.22
C LYS D 120 -16.89 10.49 -19.71
N ASN D 121 -16.59 10.45 -20.99
CA ASN D 121 -15.56 11.33 -21.54
C ASN D 121 -16.27 12.60 -22.12
N GLU D 122 -15.55 13.48 -22.78
CA GLU D 122 -16.08 14.68 -23.45
C GLU D 122 -17.34 14.33 -24.29
N ASP D 123 -17.31 13.18 -24.95
CA ASP D 123 -18.46 12.74 -25.75
C ASP D 123 -19.61 12.14 -24.93
N GLY D 124 -19.45 11.97 -23.62
CA GLY D 124 -20.51 11.37 -22.85
C GLY D 124 -20.47 9.85 -22.84
N VAL D 125 -19.38 9.22 -23.27
CA VAL D 125 -19.32 7.72 -23.34
C VAL D 125 -18.18 7.11 -22.49
N SER D 126 -18.42 5.88 -22.02
CA SER D 126 -17.40 5.12 -21.32
C SER D 126 -17.66 3.65 -21.46
N LEU D 127 -16.79 2.84 -20.89
CA LEU D 127 -17.02 1.44 -20.85
C LEU D 127 -17.84 1.01 -19.66
N ALA D 128 -18.30 1.93 -18.79
CA ALA D 128 -19.10 1.55 -17.62
C ALA D 128 -20.38 0.76 -18.04
N PRO D 129 -21.13 1.17 -19.11
CA PRO D 129 -22.32 0.36 -19.45
C PRO D 129 -21.92 -1.05 -19.97
N PHE D 130 -20.72 -1.14 -20.57
CA PHE D 130 -20.18 -2.46 -20.93
C PHE D 130 -19.89 -3.31 -19.69
N LEU D 131 -19.25 -2.71 -18.68
CA LEU D 131 -19.13 -3.48 -17.44
C LEU D 131 -20.48 -3.90 -16.82
N LEU D 132 -21.53 -3.02 -16.82
CA LEU D 132 -22.83 -3.43 -16.28
C LEU D 132 -23.41 -4.63 -17.13
N LEU D 133 -23.19 -4.61 -18.43
CA LEU D 133 -23.55 -5.79 -19.27
C LEU D 133 -22.82 -7.03 -18.82
N ALA D 134 -21.50 -6.96 -18.78
CA ALA D 134 -20.69 -8.14 -18.47
C ALA D 134 -21.00 -8.73 -17.12
N THR D 135 -21.34 -7.93 -16.10
CA THR D 135 -21.58 -8.42 -14.78
C THR D 135 -23.08 -8.60 -14.46
N ASP D 136 -23.96 -8.58 -15.49
CA ASP D 136 -25.31 -8.72 -15.25
C ASP D 136 -25.70 -10.16 -14.78
N LYS D 137 -26.66 -10.26 -13.86
CA LYS D 137 -27.22 -11.53 -13.43
C LYS D 137 -27.60 -12.50 -14.57
N VAL D 138 -28.09 -11.96 -15.66
CA VAL D 138 -28.51 -12.82 -16.78
C VAL D 138 -27.30 -13.46 -17.39
N LEU D 139 -26.18 -12.75 -17.42
CA LEU D 139 -24.98 -13.24 -18.12
C LEU D 139 -24.10 -14.04 -17.19
N LEU D 140 -24.31 -13.91 -15.89
CA LEU D 140 -23.62 -14.81 -14.99
C LEU D 140 -24.23 -16.29 -14.93
N GLU D 141 -25.56 -16.38 -14.98
CA GLU D 141 -26.26 -17.67 -14.80
C GLU D 141 -25.75 -18.78 -15.74
N PRO D 142 -25.40 -18.46 -17.00
CA PRO D 142 -24.96 -19.62 -17.87
C PRO D 142 -23.75 -20.35 -17.34
N TRP D 143 -22.93 -19.65 -16.54
CA TRP D 143 -21.76 -20.31 -16.01
C TRP D 143 -22.06 -21.49 -15.11
N PHE D 144 -23.24 -21.58 -14.49
CA PHE D 144 -23.55 -22.68 -13.61
C PHE D 144 -23.96 -23.90 -14.45
N TYR D 145 -23.90 -23.74 -15.79
CA TYR D 145 -24.31 -24.86 -16.69
C TYR D 145 -23.18 -25.21 -17.64
N LEU D 146 -21.95 -24.74 -17.38
CA LEU D 146 -20.82 -25.04 -18.26
C LEU D 146 -20.46 -26.56 -18.16
N LYS D 147 -20.36 -27.08 -16.96
CA LYS D 147 -20.02 -28.48 -16.74
C LYS D 147 -21.10 -29.30 -17.50
N ASP D 148 -22.39 -28.96 -17.39
CA ASP D 148 -23.45 -29.77 -18.07
C ASP D 148 -23.25 -29.70 -19.59
N ALA D 149 -22.95 -28.55 -20.17
CA ALA D 149 -22.75 -28.48 -21.59
C ALA D 149 -21.54 -29.32 -22.04
N ILE D 150 -20.43 -29.24 -21.29
CA ILE D 150 -19.27 -30.02 -21.70
C ILE D 150 -19.68 -31.53 -21.65
N LEU D 151 -20.27 -32.00 -20.56
CA LEU D 151 -20.59 -33.45 -20.48
C LEU D 151 -21.73 -33.85 -21.38
N GLU D 152 -22.74 -33.03 -21.47
CA GLU D 152 -23.97 -33.56 -22.14
C GLU D 152 -24.16 -32.95 -23.50
N GLY D 153 -23.36 -31.98 -23.91
CA GLY D 153 -23.42 -31.29 -25.15
C GLY D 153 -24.23 -30.01 -25.03
N GLY D 154 -24.16 -29.17 -26.06
CA GLY D 154 -25.01 -27.98 -26.08
C GLY D 154 -24.29 -26.77 -25.51
N ILE D 155 -25.16 -25.83 -25.11
CA ILE D 155 -24.62 -24.46 -24.94
C ILE D 155 -25.11 -24.03 -23.56
N PRO D 156 -24.19 -23.47 -22.69
CA PRO D 156 -24.61 -23.25 -21.33
C PRO D 156 -25.78 -22.22 -21.20
N PHE D 157 -25.68 -21.16 -22.03
CA PHE D 157 -26.78 -20.18 -22.03
C PHE D 157 -28.16 -20.89 -22.30
N ASN D 158 -28.16 -21.77 -23.29
CA ASN D 158 -29.48 -22.39 -23.68
C ASN D 158 -29.98 -23.27 -22.55
N LYS D 159 -29.06 -23.95 -21.85
CA LYS D 159 -29.47 -24.66 -20.67
C LYS D 159 -30.11 -23.82 -19.60
N ALA D 160 -29.58 -22.62 -19.37
CA ALA D 160 -30.12 -21.79 -18.35
C ALA D 160 -31.45 -21.18 -18.70
N TYR D 161 -31.63 -20.90 -19.98
CA TYR D 161 -32.83 -20.09 -20.33
C TYR D 161 -33.74 -20.78 -21.31
N GLY D 162 -33.35 -21.96 -21.75
CA GLY D 162 -34.26 -22.73 -22.67
C GLY D 162 -34.31 -22.12 -24.05
N MET D 163 -33.46 -21.16 -24.48
CA MET D 163 -33.42 -20.61 -25.81
C MET D 163 -32.06 -19.92 -26.00
N ASN D 164 -31.76 -19.56 -27.24
CA ASN D 164 -30.53 -18.88 -27.52
C ASN D 164 -30.55 -17.43 -26.99
N ILE D 165 -29.31 -16.91 -26.81
CA ILE D 165 -29.20 -15.58 -26.22
C ILE D 165 -29.98 -14.48 -26.94
N TRP D 166 -30.03 -14.50 -28.28
CA TRP D 166 -30.77 -13.43 -29.01
C TRP D 166 -32.23 -13.58 -28.87
N ASP D 167 -32.69 -14.84 -28.90
CA ASP D 167 -34.11 -15.01 -28.52
C ASP D 167 -34.44 -14.57 -27.13
N TYR D 168 -33.54 -14.80 -26.15
CA TYR D 168 -33.81 -14.43 -24.80
C TYR D 168 -33.90 -12.92 -24.67
N PHE D 169 -33.00 -12.26 -25.36
CA PHE D 169 -32.96 -10.75 -25.35
C PHE D 169 -34.32 -10.23 -25.89
N GLY D 170 -34.86 -10.93 -26.89
CA GLY D 170 -36.25 -10.57 -27.36
C GLY D 170 -37.38 -10.77 -26.39
N THR D 171 -37.19 -11.52 -25.29
CA THR D 171 -38.18 -11.75 -24.22
C THR D 171 -37.95 -10.97 -22.93
N ASP D 172 -36.69 -10.52 -22.71
CA ASP D 172 -36.27 -9.87 -21.47
C ASP D 172 -35.82 -8.41 -21.84
N HIS D 173 -36.73 -7.43 -21.69
CA HIS D 173 -36.47 -6.09 -22.23
C HIS D 173 -35.41 -5.40 -21.39
N ARG D 174 -35.34 -5.77 -20.11
CA ARG D 174 -34.29 -5.11 -19.25
C ARG D 174 -32.90 -5.42 -19.78
N ILE D 175 -32.64 -6.71 -20.00
CA ILE D 175 -31.27 -7.06 -20.44
C ILE D 175 -31.05 -6.69 -21.88
N ASN D 176 -32.08 -6.72 -22.72
CA ASN D 176 -31.94 -6.22 -24.07
C ASN D 176 -31.37 -4.80 -24.09
N LYS D 177 -31.93 -3.90 -23.25
CA LYS D 177 -31.48 -2.50 -23.20
C LYS D 177 -30.05 -2.41 -22.66
N VAL D 178 -29.79 -3.17 -21.59
CA VAL D 178 -28.43 -3.17 -20.97
C VAL D 178 -27.42 -3.67 -22.01
N PHE D 179 -27.75 -4.75 -22.76
CA PHE D 179 -26.82 -5.30 -23.69
C PHE D 179 -26.56 -4.29 -24.82
N ASN D 180 -27.66 -3.72 -25.37
CA ASN D 180 -27.50 -2.89 -26.52
C ASN D 180 -26.70 -1.63 -26.17
N LYS D 181 -26.97 -1.10 -24.99
CA LYS D 181 -26.19 0.10 -24.48
C LYS D 181 -24.73 -0.27 -24.20
N GLY D 182 -24.47 -1.42 -23.64
CA GLY D 182 -23.08 -1.82 -23.34
C GLY D 182 -22.30 -1.95 -24.64
N MET D 183 -22.93 -2.60 -25.67
CA MET D 183 -22.25 -2.70 -26.96
C MET D 183 -22.06 -1.34 -27.65
N SER D 184 -23.11 -0.54 -27.66
CA SER D 184 -23.08 0.85 -28.18
C SER D 184 -21.90 1.67 -27.62
N SER D 185 -21.80 1.61 -26.31
CA SER D 185 -20.74 2.45 -25.62
C SER D 185 -19.35 1.95 -25.98
N ASN D 186 -19.16 0.64 -25.84
CA ASN D 186 -17.86 0.04 -26.21
C ASN D 186 -17.48 0.32 -27.67
N SER D 187 -18.44 0.12 -28.58
CA SER D 187 -18.14 0.32 -29.99
C SER D 187 -17.90 1.76 -30.38
N THR D 188 -18.54 2.68 -29.64
CA THR D 188 -18.32 4.08 -29.87
C THR D 188 -16.83 4.43 -29.58
N ILE D 189 -16.34 3.90 -28.47
CA ILE D 189 -14.95 4.19 -28.12
C ILE D 189 -14.01 3.60 -29.09
N THR D 190 -14.27 2.34 -29.48
CA THR D 190 -13.35 1.73 -30.38
C THR D 190 -13.40 2.35 -31.80
N MET D 191 -14.63 2.68 -32.23
CA MET D 191 -14.77 3.08 -33.64
C MET D 191 -14.26 4.52 -33.82
N LYS D 192 -14.31 5.29 -32.71
CA LYS D 192 -13.81 6.65 -32.80
C LYS D 192 -12.30 6.57 -33.15
N LYS D 193 -11.58 5.66 -32.50
CA LYS D 193 -10.16 5.53 -32.77
C LYS D 193 -9.87 4.90 -34.13
N ILE D 194 -10.68 3.89 -34.48
CA ILE D 194 -10.51 3.28 -35.80
C ILE D 194 -10.65 4.34 -36.89
N LEU D 195 -11.67 5.18 -36.77
CA LEU D 195 -11.96 6.16 -37.82
C LEU D 195 -10.83 7.18 -37.97
N GLU D 196 -10.02 7.36 -36.93
CA GLU D 196 -8.94 8.31 -37.02
C GLU D 196 -7.82 7.79 -37.90
N MET D 197 -7.78 6.48 -38.13
CA MET D 197 -6.64 5.76 -38.66
C MET D 197 -6.99 5.07 -39.98
N TYR D 198 -8.24 4.64 -40.09
CA TYR D 198 -8.61 3.69 -41.15
C TYR D 198 -9.37 4.43 -42.25
N ASN D 199 -8.91 4.30 -43.49
CA ASN D 199 -9.49 5.09 -44.56
C ASN D 199 -10.39 4.27 -45.49
N GLY D 200 -10.69 3.03 -45.10
CA GLY D 200 -11.46 2.12 -45.92
C GLY D 200 -12.93 2.49 -46.14
N PHE D 201 -13.49 3.44 -45.40
CA PHE D 201 -14.89 3.86 -45.69
C PHE D 201 -14.98 4.99 -46.74
N GLU D 202 -13.87 5.66 -47.00
CA GLU D 202 -13.83 6.77 -47.99
C GLU D 202 -14.26 6.24 -49.37
N GLY D 203 -15.01 7.00 -50.14
CA GLY D 203 -15.37 6.58 -51.49
C GLY D 203 -16.65 5.77 -51.65
N LEU D 204 -17.17 5.23 -50.56
CA LEU D 204 -18.41 4.44 -50.57
C LEU D 204 -19.66 5.35 -50.66
N THR D 205 -20.71 4.90 -51.34
CA THR D 205 -21.95 5.67 -51.26
C THR D 205 -22.87 5.04 -50.23
N THR D 206 -22.78 3.72 -50.08
CA THR D 206 -23.69 2.97 -49.20
C THR D 206 -22.90 1.96 -48.34
N ILE D 207 -23.29 1.83 -47.08
CA ILE D 207 -22.67 0.83 -46.17
C ILE D 207 -23.77 0.19 -45.40
N VAL D 208 -23.62 -1.12 -45.17
CA VAL D 208 -24.57 -1.82 -44.36
C VAL D 208 -23.78 -2.30 -43.15
N ASP D 209 -24.34 -2.00 -41.99
CA ASP D 209 -23.76 -2.52 -40.77
C ASP D 209 -24.64 -3.66 -40.35
N VAL D 210 -24.12 -4.86 -40.63
CA VAL D 210 -24.88 -6.06 -40.29
C VAL D 210 -24.65 -6.50 -38.82
N GLY D 211 -25.75 -6.64 -38.08
CA GLY D 211 -25.76 -6.84 -36.62
C GLY D 211 -25.26 -5.52 -35.98
N GLY D 212 -25.65 -4.39 -36.53
CA GLY D 212 -25.12 -3.07 -36.06
C GLY D 212 -25.73 -2.61 -34.75
N GLY D 213 -26.54 -3.42 -34.10
CA GLY D 213 -27.18 -3.10 -32.85
C GLY D 213 -28.10 -1.88 -32.93
N THR D 214 -27.96 -1.01 -31.94
CA THR D 214 -28.79 0.24 -31.95
C THR D 214 -28.24 1.34 -32.89
N GLY D 215 -27.16 1.10 -33.61
CA GLY D 215 -26.76 1.97 -34.73
C GLY D 215 -25.66 2.95 -34.42
N ALA D 216 -25.03 2.82 -33.25
CA ALA D 216 -23.93 3.74 -32.96
C ALA D 216 -22.90 3.84 -34.06
N VAL D 217 -22.43 2.71 -34.59
CA VAL D 217 -21.35 2.73 -35.56
C VAL D 217 -21.76 3.31 -36.91
N ALA D 218 -22.96 2.91 -37.31
CA ALA D 218 -23.51 3.46 -38.58
C ALA D 218 -23.58 4.99 -38.44
N SER D 219 -24.06 5.48 -37.29
CA SER D 219 -24.14 6.95 -37.13
C SER D 219 -22.79 7.62 -37.10
N MET D 220 -21.77 7.00 -36.49
CA MET D 220 -20.44 7.55 -36.53
C MET D 220 -19.87 7.59 -37.94
N ILE D 221 -20.19 6.57 -38.77
CA ILE D 221 -19.62 6.55 -40.11
C ILE D 221 -20.25 7.71 -40.98
N VAL D 222 -21.58 7.83 -40.95
CA VAL D 222 -22.27 8.94 -41.70
C VAL D 222 -21.88 10.33 -41.17
N ALA D 223 -21.72 10.47 -39.85
CA ALA D 223 -21.17 11.70 -39.28
C ALA D 223 -19.82 12.08 -39.91
N LYS D 224 -18.88 11.13 -40.03
CA LYS D 224 -17.60 11.46 -40.63
C LYS D 224 -17.66 11.61 -42.15
N TYR D 225 -18.51 10.84 -42.82
CA TYR D 225 -18.51 10.84 -44.28
C TYR D 225 -19.88 11.22 -44.66
N PRO D 226 -20.15 12.52 -44.83
CA PRO D 226 -21.57 12.82 -44.97
C PRO D 226 -22.19 12.41 -46.31
N SER D 227 -21.37 12.10 -47.32
CA SER D 227 -21.84 11.55 -48.62
C SER D 227 -22.26 10.03 -48.59
N ILE D 228 -21.98 9.33 -47.47
CA ILE D 228 -22.49 7.95 -47.26
C ILE D 228 -23.97 7.82 -46.77
N ASN D 229 -24.72 6.89 -47.35
CA ASN D 229 -25.99 6.46 -46.77
C ASN D 229 -25.68 5.09 -46.06
N ALA D 230 -26.16 4.92 -44.82
CA ALA D 230 -25.97 3.65 -44.02
C ALA D 230 -27.28 2.93 -43.77
N ILE D 231 -27.25 1.60 -43.83
CA ILE D 231 -28.33 0.82 -43.35
C ILE D 231 -27.76 0.12 -42.11
N ASN D 232 -28.49 0.22 -41.03
CA ASN D 232 -28.11 -0.43 -39.78
C ASN D 232 -29.08 -1.60 -39.70
N PHE D 233 -28.53 -2.82 -39.80
CA PHE D 233 -29.37 -4.01 -39.92
C PHE D 233 -29.20 -4.87 -38.67
N ASP D 234 -30.28 -5.28 -38.03
CA ASP D 234 -30.23 -6.16 -36.85
C ASP D 234 -31.58 -6.87 -36.61
N LEU D 235 -31.73 -7.56 -35.51
CA LEU D 235 -33.00 -8.22 -35.23
C LEU D 235 -34.06 -7.17 -34.93
N PRO D 236 -35.33 -7.50 -35.18
CA PRO D 236 -36.39 -6.53 -34.87
C PRO D 236 -36.44 -5.97 -33.43
N HIS D 237 -36.21 -6.82 -32.42
CA HIS D 237 -36.27 -6.39 -31.03
C HIS D 237 -35.14 -5.41 -30.65
N VAL D 238 -34.11 -5.36 -31.49
CA VAL D 238 -33.00 -4.40 -31.34
C VAL D 238 -33.32 -3.14 -32.16
N ILE D 239 -33.74 -3.32 -33.42
CA ILE D 239 -34.03 -2.20 -34.30
C ILE D 239 -35.20 -1.33 -33.79
N GLN D 240 -36.15 -1.92 -33.08
CA GLN D 240 -37.26 -1.11 -32.50
C GLN D 240 -36.76 0.01 -31.59
N ASP D 241 -35.65 -0.24 -30.89
CA ASP D 241 -35.09 0.70 -29.95
C ASP D 241 -34.01 1.60 -30.58
N ALA D 242 -33.71 1.47 -31.88
CA ALA D 242 -32.61 2.27 -32.46
C ALA D 242 -33.00 3.76 -32.58
N PRO D 243 -32.24 4.68 -31.95
CA PRO D 243 -32.66 6.11 -32.13
C PRO D 243 -32.50 6.51 -33.59
N ALA D 244 -33.36 7.40 -34.06
CA ALA D 244 -33.25 7.82 -35.45
C ALA D 244 -31.97 8.70 -35.62
N PHE D 245 -31.32 8.63 -36.78
CA PHE D 245 -30.11 9.41 -37.01
C PHE D 245 -30.07 9.70 -38.48
N SER D 246 -29.77 10.95 -38.83
CA SER D 246 -29.87 11.40 -40.20
C SER D 246 -28.84 10.69 -41.08
N GLY D 247 -29.33 10.03 -42.12
CA GLY D 247 -28.47 9.28 -43.02
C GLY D 247 -28.34 7.77 -42.70
N VAL D 248 -29.01 7.33 -41.65
CA VAL D 248 -29.05 5.91 -41.30
C VAL D 248 -30.49 5.43 -41.43
N GLU D 249 -30.65 4.37 -42.20
CA GLU D 249 -31.86 3.55 -42.23
C GLU D 249 -31.76 2.32 -41.34
N HIS D 250 -32.66 2.22 -40.37
CA HIS D 250 -32.72 1.03 -39.47
C HIS D 250 -33.68 -0.02 -40.05
N LEU D 251 -33.20 -1.24 -40.26
CA LEU D 251 -33.96 -2.33 -40.90
C LEU D 251 -33.84 -3.58 -39.99
N GLY D 252 -34.96 -4.20 -39.67
CA GLY D 252 -34.96 -5.44 -38.87
C GLY D 252 -35.05 -6.62 -39.79
N GLY D 253 -34.28 -7.67 -39.49
CA GLY D 253 -34.29 -8.91 -40.25
C GLY D 253 -33.41 -9.97 -39.62
N ASP D 254 -33.09 -10.97 -40.42
CA ASP D 254 -32.25 -12.07 -39.98
C ASP D 254 -31.14 -12.22 -41.01
N MET D 255 -29.87 -11.96 -40.61
CA MET D 255 -28.78 -11.92 -41.54
C MET D 255 -28.50 -13.29 -42.26
N PHE D 256 -29.00 -14.37 -41.66
CA PHE D 256 -28.76 -15.77 -42.12
C PHE D 256 -29.67 -16.03 -43.31
N ASP D 257 -30.72 -15.23 -43.40
CA ASP D 257 -31.64 -15.21 -44.63
C ASP D 257 -31.16 -14.34 -45.75
N GLY D 258 -30.55 -13.25 -45.40
CA GLY D 258 -29.81 -12.47 -46.35
C GLY D 258 -29.52 -11.15 -45.64
N VAL D 259 -28.75 -10.33 -46.31
CA VAL D 259 -28.44 -9.00 -45.82
C VAL D 259 -28.72 -7.94 -46.88
N PRO D 260 -29.09 -6.71 -46.42
CA PRO D 260 -29.37 -5.64 -47.35
C PRO D 260 -28.17 -5.39 -48.30
N LYS D 261 -28.46 -4.89 -49.48
CA LYS D 261 -27.42 -4.54 -50.43
C LYS D 261 -26.79 -3.20 -50.10
N GLY D 262 -25.49 -3.12 -50.30
CA GLY D 262 -24.76 -1.88 -50.14
C GLY D 262 -23.40 -2.04 -50.81
N ASP D 263 -22.59 -0.99 -50.79
CA ASP D 263 -21.25 -1.00 -51.43
C ASP D 263 -20.21 -1.75 -50.60
N ALA D 264 -20.38 -1.73 -49.29
CA ALA D 264 -19.52 -2.56 -48.42
C ALA D 264 -20.39 -2.88 -47.26
N ILE D 265 -20.00 -3.97 -46.59
CA ILE D 265 -20.75 -4.42 -45.43
C ILE D 265 -19.72 -4.37 -44.29
N PHE D 266 -20.18 -3.87 -43.16
CA PHE D 266 -19.35 -3.88 -41.92
C PHE D 266 -19.93 -4.85 -40.95
N ILE D 267 -19.10 -5.74 -40.36
CA ILE D 267 -19.58 -6.62 -39.27
C ILE D 267 -18.53 -6.53 -38.15
N LYS D 268 -19.01 -5.98 -37.06
CA LYS D 268 -18.16 -5.91 -35.82
C LYS D 268 -18.66 -6.84 -34.78
N TRP D 269 -17.75 -7.67 -34.25
CA TRP D 269 -18.13 -8.59 -33.23
C TRP D 269 -19.35 -9.47 -33.59
N ILE D 270 -19.41 -9.83 -34.90
CA ILE D 270 -20.50 -10.72 -35.37
C ILE D 270 -19.95 -12.16 -35.52
N CYS D 271 -18.89 -12.27 -36.30
CA CYS D 271 -18.22 -13.59 -36.54
C CYS D 271 -17.90 -14.29 -35.27
N HIS D 272 -17.36 -13.60 -34.24
CA HIS D 272 -16.99 -14.38 -33.05
C HIS D 272 -18.20 -14.98 -32.32
N ASP D 273 -19.47 -14.64 -32.68
CA ASP D 273 -20.69 -15.14 -32.03
C ASP D 273 -21.14 -16.50 -32.61
N TRP D 274 -20.51 -16.89 -33.68
CA TRP D 274 -20.98 -18.02 -34.51
C TRP D 274 -19.90 -19.01 -34.93
N SER D 275 -20.32 -20.27 -35.20
CA SER D 275 -19.36 -21.22 -35.75
C SER D 275 -18.83 -20.88 -37.12
N ASP D 276 -17.80 -21.64 -37.55
CA ASP D 276 -17.22 -21.49 -38.91
C ASP D 276 -18.33 -21.72 -39.97
N GLU D 277 -19.20 -22.70 -39.74
CA GLU D 277 -20.22 -23.00 -40.79
C GLU D 277 -21.24 -21.83 -40.91
N HIS D 278 -21.68 -21.24 -39.77
CA HIS D 278 -22.62 -20.10 -39.69
C HIS D 278 -21.88 -18.87 -40.35
N CYS D 279 -20.60 -18.70 -40.03
CA CYS D 279 -19.79 -17.58 -40.59
C CYS D 279 -19.79 -17.68 -42.09
N LEU D 280 -19.54 -18.88 -42.65
CA LEU D 280 -19.53 -19.07 -44.13
C LEU D 280 -20.88 -18.69 -44.74
N LYS D 281 -21.95 -19.12 -44.14
CA LYS D 281 -23.31 -18.71 -44.55
C LYS D 281 -23.57 -17.22 -44.53
N LEU D 282 -23.15 -16.56 -43.43
CA LEU D 282 -23.26 -15.10 -43.46
C LEU D 282 -22.34 -14.45 -44.49
N LEU D 283 -21.11 -14.88 -44.62
CA LEU D 283 -20.18 -14.28 -45.50
C LEU D 283 -20.69 -14.49 -46.97
N LYS D 284 -21.22 -15.70 -47.24
CA LYS D 284 -21.82 -15.90 -48.58
C LYS D 284 -22.95 -14.96 -48.84
N ASN D 285 -23.78 -14.73 -47.84
CA ASN D 285 -24.89 -13.77 -47.93
C ASN D 285 -24.37 -12.36 -48.18
N CYS D 286 -23.28 -12.02 -47.49
CA CYS D 286 -22.60 -10.77 -47.73
C CYS D 286 -22.05 -10.65 -49.14
N TYR D 287 -21.36 -11.67 -49.61
CA TYR D 287 -20.79 -11.71 -50.98
C TYR D 287 -21.91 -11.40 -52.02
N ALA D 288 -23.08 -12.00 -51.84
CA ALA D 288 -24.22 -11.87 -52.77
C ALA D 288 -24.86 -10.49 -52.68
N ALA D 289 -24.72 -9.81 -51.55
CA ALA D 289 -25.32 -8.49 -51.43
C ALA D 289 -24.44 -7.29 -51.84
N LEU D 290 -23.21 -7.60 -52.28
CA LEU D 290 -22.17 -6.63 -52.66
C LEU D 290 -22.02 -6.54 -54.21
N PRO D 291 -21.61 -5.37 -54.72
CA PRO D 291 -21.29 -5.27 -56.14
C PRO D 291 -19.99 -6.02 -56.37
N ASP D 292 -19.58 -6.09 -57.63
CA ASP D 292 -18.42 -6.85 -58.07
C ASP D 292 -17.07 -6.60 -57.37
N HIS D 293 -16.79 -5.35 -57.01
CA HIS D 293 -15.56 -5.05 -56.27
C HIS D 293 -15.79 -4.54 -54.82
N GLY D 294 -16.92 -4.88 -54.23
CA GLY D 294 -17.20 -4.52 -52.83
C GLY D 294 -16.35 -5.31 -51.84
N LYS D 295 -16.58 -5.07 -50.55
CA LYS D 295 -15.77 -5.74 -49.57
C LYS D 295 -16.58 -5.87 -48.29
N VAL D 296 -16.16 -6.80 -47.44
CA VAL D 296 -16.70 -6.87 -46.09
C VAL D 296 -15.56 -6.34 -45.22
N ILE D 297 -15.92 -5.43 -44.31
CA ILE D 297 -14.97 -4.93 -43.34
C ILE D 297 -15.35 -5.66 -42.03
N VAL D 298 -14.36 -6.39 -41.48
CA VAL D 298 -14.60 -7.25 -40.35
C VAL D 298 -13.78 -6.68 -39.18
N ALA D 299 -14.45 -6.41 -38.07
CA ALA D 299 -13.74 -5.84 -36.87
C ALA D 299 -13.89 -6.87 -35.74
N GLU D 300 -12.76 -7.51 -35.41
CA GLU D 300 -12.81 -8.55 -34.39
C GLU D 300 -11.47 -8.56 -33.71
N TYR D 301 -11.48 -9.17 -32.52
CA TYR D 301 -10.14 -9.55 -31.95
C TYR D 301 -9.44 -10.63 -32.80
N ILE D 302 -8.13 -10.75 -32.61
CA ILE D 302 -7.27 -11.82 -33.25
C ILE D 302 -6.62 -12.61 -32.13
N LEU D 303 -6.90 -13.92 -32.05
CA LEU D 303 -6.24 -14.76 -31.03
C LEU D 303 -4.73 -14.62 -31.07
N PRO D 304 -4.09 -14.29 -29.88
CA PRO D 304 -2.68 -14.29 -29.87
C PRO D 304 -2.11 -15.76 -30.02
N PRO D 305 -0.79 -15.85 -30.29
CA PRO D 305 -0.10 -17.15 -30.49
C PRO D 305 -0.03 -18.12 -29.27
N SER D 306 -0.03 -17.63 -28.04
CA SER D 306 0.02 -18.49 -26.85
C SER D 306 -0.82 -17.81 -25.76
N PRO D 307 -1.18 -18.57 -24.70
CA PRO D 307 -1.91 -17.86 -23.63
C PRO D 307 -0.91 -17.17 -22.67
N ASP D 308 -0.27 -16.15 -23.16
CA ASP D 308 0.69 -15.36 -22.39
C ASP D 308 -0.15 -14.50 -21.37
N PRO D 309 0.52 -13.95 -20.33
CA PRO D 309 -0.16 -13.33 -19.18
C PRO D 309 -0.47 -11.82 -19.44
N SER D 310 -0.19 -11.32 -20.64
CA SER D 310 -0.52 -9.90 -20.86
C SER D 310 -2.01 -9.58 -20.77
N ILE D 311 -2.33 -8.35 -20.36
CA ILE D 311 -3.75 -7.94 -20.21
C ILE D 311 -4.40 -8.03 -21.59
N ALA D 312 -3.70 -7.61 -22.67
CA ALA D 312 -4.29 -7.65 -24.03
C ALA D 312 -4.68 -9.08 -24.40
N THR D 313 -3.78 -10.04 -24.16
CA THR D 313 -4.15 -11.43 -24.45
C THR D 313 -5.25 -11.88 -23.58
N LYS D 314 -5.19 -11.57 -22.28
CA LYS D 314 -6.26 -11.99 -21.40
C LYS D 314 -7.63 -11.49 -21.84
N VAL D 315 -7.70 -10.28 -22.36
CA VAL D 315 -8.98 -9.80 -22.82
C VAL D 315 -9.55 -10.69 -23.95
N VAL D 316 -8.65 -11.04 -24.90
CA VAL D 316 -9.15 -11.87 -26.03
C VAL D 316 -9.55 -13.25 -25.50
N ILE D 317 -8.78 -13.79 -24.56
CA ILE D 317 -9.09 -15.14 -24.10
C ILE D 317 -10.32 -15.16 -23.16
N HIS D 318 -10.50 -14.09 -22.33
CA HIS D 318 -11.78 -13.93 -21.57
C HIS D 318 -12.98 -13.99 -22.58
N THR D 319 -12.81 -13.30 -23.70
CA THR D 319 -13.92 -13.12 -24.66
C THR D 319 -14.11 -14.49 -25.32
N ASP D 320 -13.05 -15.20 -25.61
CA ASP D 320 -13.25 -16.59 -26.13
C ASP D 320 -14.06 -17.46 -25.16
N ALA D 321 -13.79 -17.30 -23.86
CA ALA D 321 -14.55 -18.08 -22.86
C ALA D 321 -16.03 -17.62 -22.75
N LEU D 322 -16.30 -16.32 -22.86
CA LEU D 322 -17.66 -15.74 -22.94
C LEU D 322 -18.39 -16.39 -24.12
N MET D 323 -17.69 -16.50 -25.25
CA MET D 323 -18.34 -17.07 -26.46
C MET D 323 -18.73 -18.50 -26.16
N LEU D 324 -17.90 -19.20 -25.41
CA LEU D 324 -18.18 -20.60 -25.07
C LEU D 324 -19.47 -20.74 -24.19
N ALA D 325 -19.66 -19.84 -23.23
CA ALA D 325 -20.79 -19.83 -22.39
C ALA D 325 -22.05 -19.41 -23.13
N TYR D 326 -21.93 -18.50 -24.12
CA TYR D 326 -23.16 -17.83 -24.63
C TYR D 326 -23.62 -18.33 -26.00
N ASN D 327 -22.72 -18.79 -26.84
CA ASN D 327 -22.99 -18.76 -28.29
C ASN D 327 -22.83 -20.10 -28.96
N PRO D 328 -23.55 -20.35 -30.10
CA PRO D 328 -23.47 -21.70 -30.69
C PRO D 328 -22.25 -21.72 -31.56
N GLY D 329 -21.15 -22.28 -31.05
CA GLY D 329 -19.83 -22.39 -31.74
C GLY D 329 -19.03 -21.08 -31.91
N GLY D 330 -19.56 -20.04 -31.28
CA GLY D 330 -18.79 -18.74 -31.29
C GLY D 330 -17.41 -18.96 -30.59
N LYS D 331 -16.38 -18.25 -31.06
CA LYS D 331 -15.00 -18.38 -30.57
C LYS D 331 -14.18 -17.28 -31.15
N GLU D 332 -13.01 -17.04 -30.56
CA GLU D 332 -12.07 -16.15 -31.13
C GLU D 332 -11.19 -16.90 -32.13
N ARG D 333 -10.70 -16.18 -33.13
CA ARG D 333 -9.92 -16.78 -34.28
C ARG D 333 -8.60 -16.13 -34.57
N THR D 334 -7.66 -16.88 -35.18
CA THR D 334 -6.37 -16.33 -35.60
C THR D 334 -6.53 -15.66 -36.97
N GLU D 335 -5.53 -14.90 -37.37
CA GLU D 335 -5.52 -14.17 -38.65
C GLU D 335 -5.69 -15.16 -39.81
N LYS D 336 -4.93 -16.25 -39.76
CA LYS D 336 -5.08 -17.31 -40.82
C LYS D 336 -6.45 -17.94 -40.84
N GLU D 337 -7.09 -18.10 -39.69
CA GLU D 337 -8.46 -18.63 -39.68
C GLU D 337 -9.45 -17.64 -40.32
N PHE D 338 -9.26 -16.32 -40.14
CA PHE D 338 -10.16 -15.37 -40.78
C PHE D 338 -9.94 -15.35 -42.29
N GLN D 339 -8.68 -15.41 -42.67
CA GLN D 339 -8.29 -15.39 -44.12
C GLN D 339 -8.87 -16.66 -44.73
N ALA D 340 -8.70 -17.81 -44.08
CA ALA D 340 -9.36 -19.01 -44.64
C ALA D 340 -10.90 -18.89 -44.82
N LEU D 341 -11.57 -18.22 -43.89
CA LEU D 341 -13.02 -17.95 -43.94
C LEU D 341 -13.34 -17.03 -45.14
N ALA D 342 -12.48 -16.03 -45.37
CA ALA D 342 -12.71 -15.06 -46.48
C ALA D 342 -12.52 -15.78 -47.81
N MET D 343 -11.47 -16.59 -47.93
CA MET D 343 -11.15 -17.35 -49.20
C MET D 343 -12.28 -18.30 -49.48
N ALA D 344 -12.68 -19.01 -48.44
CA ALA D 344 -13.71 -20.02 -48.54
C ALA D 344 -15.07 -19.51 -48.94
N SER D 345 -15.34 -18.20 -48.75
CA SER D 345 -16.63 -17.58 -49.08
C SER D 345 -16.49 -16.77 -50.41
N GLY D 346 -15.41 -16.98 -51.14
CA GLY D 346 -15.23 -16.36 -52.46
C GLY D 346 -14.53 -15.04 -52.55
N PHE D 347 -14.16 -14.47 -51.40
CA PHE D 347 -13.39 -13.25 -51.44
C PHE D 347 -11.98 -13.60 -51.81
N ARG D 348 -11.36 -12.91 -52.76
CA ARG D 348 -9.98 -13.23 -53.12
C ARG D 348 -8.87 -12.40 -52.48
N GLY D 349 -9.19 -11.24 -51.92
CA GLY D 349 -8.15 -10.50 -51.28
C GLY D 349 -8.46 -10.50 -49.78
N PHE D 350 -7.44 -10.22 -49.01
CA PHE D 350 -7.56 -10.15 -47.54
C PHE D 350 -6.46 -9.30 -47.04
N LYS D 351 -6.76 -8.41 -46.09
CA LYS D 351 -5.86 -7.34 -45.68
C LYS D 351 -6.14 -7.19 -44.20
N VAL D 352 -5.10 -7.11 -43.38
CA VAL D 352 -5.37 -6.52 -41.99
C VAL D 352 -5.10 -5.02 -42.08
N ALA D 353 -6.10 -4.15 -41.87
CA ALA D 353 -5.96 -2.76 -42.27
C ALA D 353 -5.54 -1.91 -41.06
N SER D 354 -6.08 -2.24 -39.89
CA SER D 354 -6.03 -1.27 -38.80
C SER D 354 -6.27 -1.98 -37.46
N CYS D 355 -6.02 -1.29 -36.34
CA CYS D 355 -6.25 -1.92 -35.03
C CYS D 355 -6.42 -0.82 -33.98
N ALA D 356 -7.38 -1.01 -33.08
CA ALA D 356 -7.52 -0.17 -31.93
C ALA D 356 -8.10 -0.96 -30.79
N PHE D 357 -7.53 -0.80 -29.58
CA PHE D 357 -8.09 -1.43 -28.40
C PHE D 357 -8.31 -2.92 -28.63
N ASN D 358 -7.28 -3.55 -29.20
CA ASN D 358 -7.34 -5.03 -29.51
C ASN D 358 -8.23 -5.38 -30.67
N THR D 359 -9.03 -4.43 -31.18
CA THR D 359 -9.97 -4.77 -32.29
C THR D 359 -9.22 -4.52 -33.63
N TYR D 360 -9.04 -5.58 -34.42
CA TYR D 360 -8.40 -5.52 -35.75
C TYR D 360 -9.49 -5.29 -36.77
N VAL D 361 -9.21 -4.41 -37.71
CA VAL D 361 -10.06 -4.22 -38.91
C VAL D 361 -9.44 -4.98 -40.09
N MET D 362 -10.17 -5.97 -40.55
CA MET D 362 -9.77 -6.78 -41.68
C MET D 362 -10.72 -6.43 -42.85
N GLU D 363 -10.16 -6.46 -44.06
CA GLU D 363 -11.02 -6.32 -45.29
C GLU D 363 -11.00 -7.66 -46.03
N PHE D 364 -12.19 -8.15 -46.30
CA PHE D 364 -12.35 -9.33 -47.21
C PHE D 364 -12.78 -8.68 -48.57
N LEU D 365 -11.87 -8.74 -49.54
CA LEU D 365 -12.01 -8.10 -50.88
C LEU D 365 -12.53 -9.09 -51.91
N LYS D 366 -13.63 -8.73 -52.59
CA LYS D 366 -14.29 -9.70 -53.50
C LYS D 366 -13.35 -10.06 -54.61
N THR D 367 -12.78 -9.04 -55.25
CA THR D 367 -11.73 -9.23 -56.25
C THR D 367 -10.35 -9.06 -55.64
N ALA D 368 -9.43 -9.94 -56.06
CA ALA D 368 -8.14 -10.14 -55.37
C ALA D 368 -7.47 -8.83 -55.02
CAA 55B E . 27.29 1.37 2.86
OAJ 55B E . 27.04 0.06 3.42
CAN 55B E . 25.90 0.10 4.16
CAG 55B E . 25.62 1.37 4.69
CAM 55B E . 25.08 -1.06 4.36
OAD 55B E . 25.41 -2.43 3.82
CAO 55B E . 23.92 -0.77 5.18
OAK 55B E . 22.99 -1.74 5.44
CAB 55B E . 21.74 -1.03 5.61
CAH 55B E . 23.63 0.53 5.72
CAL 55B E . 24.48 1.59 5.45
CAF 55B E . 24.24 2.86 5.94
CAE 55B E . 23.83 2.91 7.38
CAI 55B E . 23.50 4.32 7.83
OAC 55B E . 22.12 4.30 8.19
N SAH F . 27.95 -8.79 6.40
CA SAH F . 28.11 -7.78 7.51
CB SAH F . 28.61 -6.38 7.01
CG SAH F . 27.74 -5.85 5.87
SD SAH F . 28.32 -4.15 5.41
C SAH F . 26.80 -7.63 8.22
O SAH F . 25.68 -7.92 7.67
OXT SAH F . 26.94 -7.23 9.38
C5' SAH F . 29.25 -4.53 3.89
C4' SAH F . 30.61 -5.16 4.16
O4' SAH F . 31.16 -5.32 2.81
C3' SAH F . 31.55 -4.19 4.90
O3' SAH F . 32.09 -4.92 5.98
C2' SAH F . 32.60 -3.90 3.79
O2' SAH F . 33.93 -3.55 4.33
C1' SAH F . 32.61 -5.17 2.96
N9 SAH F . 33.11 -4.85 1.62
C8 SAH F . 32.93 -3.81 0.79
N7 SAH F . 33.60 -3.93 -0.39
C5 SAH F . 34.27 -5.11 -0.23
C6 SAH F . 35.18 -5.86 -1.15
N6 SAH F . 35.45 -5.28 -2.35
N1 SAH F . 35.70 -7.06 -0.66
C2 SAH F . 35.38 -7.55 0.54
N3 SAH F . 34.48 -6.90 1.38
C4 SAH F . 34.00 -5.70 1.03
N NO3 G . 5.75 23.14 43.17
O1 NO3 G . 4.56 23.45 43.09
O2 NO3 G . 6.52 22.73 42.08
O3 NO3 G . 6.42 23.13 44.39
N NO3 H . 16.37 -24.39 6.14
O1 NO3 H . 15.69 -24.30 5.10
O2 NO3 H . 17.65 -24.89 6.20
O3 NO3 H . 15.86 -24.02 7.38
N NO3 I . 26.21 -3.27 21.60
O1 NO3 I . 25.54 -3.86 20.78
O2 NO3 I . 27.60 -3.31 21.39
O3 NO3 I . 25.60 -2.66 22.71
CAA 55B J . 15.94 30.73 16.23
OAJ 55B J . 14.44 30.92 16.40
CAN 55B J . 13.62 30.02 15.81
CAG 55B J . 14.20 28.91 15.18
CAM 55B J . 12.18 30.23 15.84
OAD 55B J . 11.56 31.41 16.48
CAO 55B J . 11.41 29.21 15.15
OAK 55B J . 10.05 29.27 15.15
CAB 55B J . 9.68 27.85 15.02
CAH 55B J . 12.03 28.09 14.53
CAL 55B J . 13.44 27.95 14.54
CAF 55B J . 14.10 26.89 13.95
CAE 55B J . 13.53 26.46 12.61
CAI 55B J . 14.28 25.30 11.99
OAC 55B J . 13.48 24.12 12.15
N SAH K . 8.01 37.43 14.30
CA SAH K . 8.65 36.80 13.08
CB SAH K . 10.02 36.19 13.39
CG SAH K . 10.12 35.13 14.50
SD SAH K . 11.87 34.65 14.57
C SAH K . 7.79 35.67 12.60
O SAH K . 7.88 35.38 11.37
OXT SAH K . 7.07 35.02 13.38
C5' SAH K . 12.64 35.71 15.80
C4' SAH K . 12.92 37.14 15.39
O4' SAH K . 13.48 37.76 16.58
C3' SAH K . 14.00 37.18 14.35
O3' SAH K . 13.55 38.01 13.24
C2' SAH K . 15.18 37.77 15.12
O2' SAH K . 16.12 38.54 14.39
C1' SAH K . 14.52 38.63 16.19
N9 SAH K . 15.33 38.96 17.36
C8 SAH K . 16.24 38.19 18.05
N7 SAH K . 16.82 38.94 19.04
C5 SAH K . 16.23 40.17 19.01
C6 SAH K . 16.42 41.37 19.83
N6 SAH K . 17.31 41.30 20.87
N1 SAH K . 15.74 42.48 19.45
C2 SAH K . 14.94 42.43 18.39
N3 SAH K . 14.66 41.33 17.64
C4 SAH K . 15.35 40.18 17.89
N NO3 L . 7.39 30.56 -0.53
O1 NO3 L . 7.30 31.63 -0.02
O2 NO3 L . 7.87 30.41 -1.83
O3 NO3 L . 6.98 29.42 0.15
CAA 55B M . -14.25 -16.47 4.67
OAJ 55B M . -14.96 -16.98 5.88
CAN 55B M . -16.31 -16.89 5.65
CAG 55B M . -16.69 -16.85 4.28
CAM 55B M . -17.27 -16.83 6.72
OAD 55B M . -16.90 -16.90 8.18
CAO 55B M . -18.62 -16.72 6.22
OAK 55B M . -19.68 -16.63 7.09
CAB 55B M . -20.86 -16.20 6.32
CAH 55B M . -18.96 -16.65 4.86
CAL 55B M . -17.98 -16.72 3.87
CAF 55B M . -18.24 -16.67 2.50
CAE 55B M . -17.28 -17.64 1.78
CAI 55B M . -17.43 -17.67 0.28
OAC 55B M . -16.99 -16.42 -0.25
N SAH N . -14.75 -22.14 12.88
CA SAH N . -14.99 -22.81 11.56
CB SAH N . -16.24 -22.19 10.91
CG SAH N . -16.26 -20.69 10.66
SD SAH N . -17.77 -20.17 9.75
C SAH N . -13.83 -22.68 10.59
O SAH N . -13.76 -23.56 9.69
OXT SAH N . -13.03 -21.70 10.68
C5' SAH N . -18.85 -19.47 11.00
C4' SAH N . -19.46 -20.56 11.84
O4' SAH N . -20.24 -19.87 12.84
C3' SAH N . -20.49 -21.42 11.04
O3' SAH N . -20.18 -22.80 11.32
C2' SAH N . -21.82 -20.99 11.68
O2' SAH N . -22.80 -22.05 11.64
C1' SAH N . -21.42 -20.66 13.08
N9 SAH N . -22.43 -19.80 13.75
C8 SAH N . -23.14 -18.75 13.16
N7 SAH N . -23.97 -18.23 14.16
C5 SAH N . -23.80 -18.96 15.28
C6 SAH N . -24.34 -18.89 16.62
N6 SAH N . -25.26 -17.96 16.89
N1 SAH N . -23.95 -19.83 17.55
C2 SAH N . -23.02 -20.76 17.31
N3 SAH N . -22.46 -20.85 16.03
C4 SAH N . -22.80 -19.98 15.02
N NO3 O . -11.73 -32.02 0.09
O1 NO3 O . -11.48 -32.45 -1.03
O2 NO3 O . -10.93 -31.05 0.68
O3 NO3 O . -12.83 -32.48 0.81
N NO3 P . 2.39 -20.22 21.44
O1 NO3 P . 2.45 -18.99 21.67
O2 NO3 P . 3.08 -20.81 20.37
O3 NO3 P . 1.66 -21.02 22.28
N NO3 Q . -19.44 -1.34 20.33
O1 NO3 Q . -20.18 -0.99 21.23
O2 NO3 Q . -18.70 -0.40 19.62
O3 NO3 Q . -19.34 -2.71 20.12
CAA 55B R . -17.70 -9.54 -26.64
OAJ 55B R . -18.74 -9.24 -27.66
CAN 55B R . -19.82 -9.92 -27.18
CAG 55B R . -19.89 -10.03 -25.81
CAM 55B R . -20.79 -10.51 -28.05
OAD 55B R . -20.74 -10.36 -29.51
CAO 55B R . -21.83 -11.24 -27.33
OAK 55B R . -22.81 -11.89 -28.04
CAB 55B R . -23.39 -12.96 -27.26
CAH 55B R . -21.89 -11.35 -25.92
CAL 55B R . -20.91 -10.74 -25.16
CAF 55B R . -20.82 -10.74 -23.78
CAE 55B R . -19.96 -9.53 -23.39
CAI 55B R . -19.67 -9.32 -21.92
OAC 55B R . -20.30 -10.37 -21.21
N SAH S . -21.91 -4.65 -34.07
CA SAH S . -22.39 -4.24 -32.71
CB SAH S . -23.13 -5.38 -31.95
CG SAH S . -22.28 -6.68 -31.76
SD SAH S . -23.28 -7.82 -30.80
C SAH S . -21.20 -3.82 -31.90
O SAH S . -20.06 -4.24 -32.22
OXT SAH S . -21.42 -3.01 -31.00
C5' SAH S . -24.10 -8.92 -32.03
C4' SAH S . -25.29 -8.22 -32.63
O4' SAH S . -25.65 -9.27 -33.59
C3' SAH S . -26.46 -8.09 -31.68
O3' SAH S . -26.90 -6.69 -31.80
C2' SAH S . -27.48 -9.10 -32.22
O2' SAH S . -28.80 -8.63 -32.10
C1' SAH S . -27.07 -9.17 -33.63
N9 SAH S . -27.64 -10.39 -34.27
C8 SAH S . -27.61 -11.64 -33.72
N7 SAH S . -28.22 -12.58 -34.54
C5 SAH S . -28.57 -11.88 -35.62
C6 SAH S . -29.24 -12.25 -36.88
N6 SAH S . -29.59 -13.54 -37.05
N1 SAH S . -29.43 -11.27 -37.75
C2 SAH S . -29.14 -9.96 -37.58
N3 SAH S . -28.50 -9.55 -36.41
C4 SAH S . -28.21 -10.46 -35.47
N NO3 T . -30.96 -27.51 -23.83
O1 NO3 T . -30.57 -26.52 -24.45
O2 NO3 T . -30.17 -28.56 -23.47
O3 NO3 T . -32.31 -27.65 -23.56
N NO3 U . -21.90 5.64 -21.53
O1 NO3 U . -21.23 5.36 -22.50
O2 NO3 U . -21.37 6.01 -20.25
O3 NO3 U . -23.27 5.61 -21.78
#